data_8C4I
#
_entry.id   8C4I
#
_cell.length_a   73.891
_cell.length_b   120.839
_cell.length_c   152.643
_cell.angle_alpha   90.000
_cell.angle_beta   93.401
_cell.angle_gamma   90.000
#
_symmetry.space_group_name_H-M   'P 1 21 1'
#
loop_
_entity.id
_entity.type
_entity.pdbx_description
1 polymer BmSF-TAL
2 water water
#
_entity_poly.entity_id   1
_entity_poly.type   'polypeptide(L)'
_entity_poly.pdbx_seq_one_letter_code
;MKYFLDSAILEEIRYAYENWAIDGVTTNPRHIMNSGKPFLTVLDEFASEFKGVENFPISVEINPHLDNAKDMVEEGTKIA
KLSSNFVIKIPCTEPGLIAAKEFEKQGISTNVTLVFSPSQALQPARIGAKFVSPFVGWKENSGDDTTQYIQDIVNIYKNY
NYNTEIIVAALRNGKQIVDAAKAGAHIVTCGFDVYKESFQHAFTDYGLNKFRNAWDNTVTEAPVLK
;
_entity_poly.pdbx_strand_id   A,B,C,D,E,F,G,H,J,K
#
# COMPACT_ATOMS: atom_id res chain seq x y z
N MET A 1 15.25 14.48 18.20
CA MET A 1 16.09 15.72 18.29
C MET A 1 16.52 16.00 19.73
N LYS A 2 15.61 15.86 20.70
CA LYS A 2 15.93 16.05 22.10
C LYS A 2 15.92 14.73 22.88
N TYR A 3 17.02 14.47 23.60
CA TYR A 3 17.18 13.30 24.44
C TYR A 3 17.11 13.72 25.91
N PHE A 4 16.13 13.20 26.64
CA PHE A 4 16.03 13.42 28.08
C PHE A 4 16.40 12.13 28.81
N LEU A 5 17.00 12.25 30.01
CA LEU A 5 17.36 11.10 30.80
C LEU A 5 16.24 10.79 31.80
N ASP A 6 15.71 9.55 31.74
CA ASP A 6 14.70 9.10 32.67
C ASP A 6 15.41 8.42 33.83
N SER A 7 15.96 9.22 34.74
CA SER A 7 16.69 8.74 35.91
C SER A 7 16.66 9.79 37.01
N ALA A 8 16.92 9.37 38.26
CA ALA A 8 17.06 10.28 39.38
C ALA A 8 18.46 10.18 40.00
N ILE A 9 19.37 9.46 39.33
CA ILE A 9 20.71 9.23 39.83
C ILE A 9 21.62 10.33 39.28
N LEU A 10 22.07 11.21 40.19
CA LEU A 10 22.77 12.44 39.83
C LEU A 10 24.02 12.13 38.98
N GLU A 11 24.74 11.04 39.33
CA GLU A 11 25.97 10.69 38.63
C GLU A 11 25.68 10.33 37.18
N GLU A 12 24.55 9.65 36.94
CA GLU A 12 24.08 9.32 35.60
C GLU A 12 23.79 10.62 34.84
N ILE A 13 23.13 11.57 35.51
CA ILE A 13 22.74 12.83 34.92
C ILE A 13 23.98 13.65 34.59
N ARG A 14 24.97 13.66 35.48
CA ARG A 14 26.20 14.40 35.25
C ARG A 14 26.91 13.90 33.98
N TYR A 15 27.15 12.58 33.91
CA TYR A 15 27.86 11.99 32.78
C TYR A 15 27.12 12.29 31.48
N ALA A 16 25.80 12.10 31.50
CA ALA A 16 24.96 12.29 30.33
C ALA A 16 25.10 13.71 29.77
N TYR A 17 25.02 14.69 30.67
CA TYR A 17 25.07 16.10 30.28
C TYR A 17 26.43 16.40 29.65
N GLU A 18 27.50 15.91 30.30
CA GLU A 18 28.85 16.28 29.90
C GLU A 18 29.24 15.60 28.59
N ASN A 19 28.76 14.37 28.35
CA ASN A 19 29.26 13.58 27.24
C ASN A 19 28.21 13.34 26.16
N TRP A 20 26.92 13.31 26.52
CA TRP A 20 25.87 12.96 25.58
C TRP A 20 25.06 14.19 25.17
N ALA A 21 25.28 15.32 25.85
CA ALA A 21 24.55 16.54 25.57
C ALA A 21 23.04 16.33 25.73
N ILE A 22 22.66 15.56 26.77
CA ILE A 22 21.25 15.42 27.08
C ILE A 22 20.64 16.82 27.21
N ASP A 23 19.36 16.93 26.84
CA ASP A 23 18.69 18.22 26.72
C ASP A 23 17.73 18.44 27.90
N GLY A 24 17.80 17.56 28.91
CA GLY A 24 16.89 17.62 30.05
C GLY A 24 16.74 16.28 30.77
N VAL A 25 15.84 16.25 31.77
CA VAL A 25 15.70 15.14 32.69
C VAL A 25 14.23 14.89 33.05
N THR A 26 13.85 13.61 33.15
CA THR A 26 12.55 13.18 33.67
C THR A 26 12.74 12.28 34.90
N THR A 27 11.83 12.44 35.88
CA THR A 27 11.79 11.61 37.07
C THR A 27 10.35 11.22 37.35
N ASN A 28 10.16 10.28 38.29
CA ASN A 28 8.87 9.90 38.82
C ASN A 28 9.08 9.23 40.17
N PRO A 29 8.02 9.02 40.99
CA PRO A 29 8.21 8.49 42.34
C PRO A 29 9.03 7.20 42.42
N ARG A 30 8.94 6.36 41.37
CA ARG A 30 9.68 5.12 41.33
C ARG A 30 11.17 5.41 41.17
N HIS A 31 11.54 6.32 40.26
CA HIS A 31 12.94 6.65 40.09
C HIS A 31 13.49 7.35 41.32
N ILE A 32 12.68 8.20 41.96
CA ILE A 32 13.09 8.89 43.17
C ILE A 32 13.43 7.84 44.22
N MET A 33 12.52 6.86 44.40
CA MET A 33 12.71 5.81 45.38
C MET A 33 14.05 5.11 45.12
N ASN A 34 14.27 4.69 43.87
CA ASN A 34 15.42 3.85 43.55
C ASN A 34 16.71 4.66 43.50
N SER A 35 16.63 5.97 43.80
CA SER A 35 17.82 6.77 43.93
C SER A 35 18.54 6.42 45.24
N GLY A 36 17.75 5.99 46.24
CA GLY A 36 18.26 5.75 47.57
C GLY A 36 18.22 6.99 48.47
N LYS A 37 18.22 8.18 47.85
CA LYS A 37 18.23 9.44 48.57
C LYS A 37 16.79 9.85 48.85
N PRO A 38 16.53 10.75 49.83
CA PRO A 38 15.20 11.30 50.04
C PRO A 38 14.84 12.39 49.03
N PHE A 39 13.54 12.58 48.82
CA PHE A 39 12.99 13.34 47.71
C PHE A 39 13.58 14.75 47.70
N LEU A 40 13.42 15.49 48.82
CA LEU A 40 13.79 16.89 48.85
C LEU A 40 15.30 17.07 48.76
N THR A 41 16.06 16.00 49.07
CA THR A 41 17.51 16.01 48.91
C THR A 41 17.87 15.90 47.43
N VAL A 42 17.24 14.95 46.73
CA VAL A 42 17.40 14.78 45.30
C VAL A 42 17.13 16.13 44.64
N LEU A 43 15.97 16.74 44.96
CA LEU A 43 15.58 18.01 44.36
C LEU A 43 16.63 19.08 44.62
N ASP A 44 17.12 19.12 45.86
CA ASP A 44 18.07 20.14 46.23
C ASP A 44 19.36 19.97 45.42
N GLU A 45 19.88 18.75 45.37
CA GLU A 45 21.07 18.44 44.60
C GLU A 45 20.90 18.89 43.14
N PHE A 46 19.70 18.69 42.57
CA PHE A 46 19.41 19.09 41.20
C PHE A 46 19.46 20.61 41.07
N ALA A 47 18.71 21.28 41.95
CA ALA A 47 18.65 22.74 41.97
C ALA A 47 20.05 23.33 41.86
N SER A 48 20.94 22.88 42.76
CA SER A 48 22.32 23.36 42.82
C SER A 48 23.08 22.95 41.56
N GLU A 49 22.94 21.69 41.14
CA GLU A 49 23.70 21.17 40.01
C GLU A 49 23.46 22.04 38.77
N PHE A 50 22.23 22.54 38.58
CA PHE A 50 21.90 23.24 37.35
C PHE A 50 21.45 24.68 37.62
N LYS A 51 21.87 25.27 38.75
CA LYS A 51 21.56 26.67 39.04
C LYS A 51 21.78 27.51 37.79
N GLY A 52 22.95 27.38 37.17
CA GLY A 52 23.29 28.15 35.98
C GLY A 52 22.35 27.92 34.80
N VAL A 53 22.18 26.64 34.41
CA VAL A 53 21.77 26.22 33.07
C VAL A 53 20.34 26.68 32.79
N GLU A 54 20.12 27.24 31.60
CA GLU A 54 18.94 28.07 31.34
C GLU A 54 17.84 27.28 30.66
N ASN A 55 18.18 26.44 29.67
CA ASN A 55 17.19 25.75 28.85
C ASN A 55 17.29 24.24 29.09
N PHE A 56 16.99 23.79 30.34
CA PHE A 56 17.23 22.41 30.72
C PHE A 56 16.15 21.93 31.67
N PRO A 57 15.01 21.41 31.16
CA PRO A 57 13.89 21.01 32.02
C PRO A 57 14.15 19.73 32.83
N ILE A 58 13.68 19.74 34.08
CA ILE A 58 13.78 18.62 35.00
C ILE A 58 12.38 18.29 35.51
N SER A 59 11.81 17.17 35.07
CA SER A 59 10.42 16.87 35.37
C SER A 59 10.33 16.08 36.67
N VAL A 60 9.50 16.60 37.58
CA VAL A 60 9.47 16.17 38.97
C VAL A 60 8.01 15.93 39.34
N GLU A 61 7.67 14.72 39.79
CA GLU A 61 6.26 14.36 39.91
C GLU A 61 5.76 14.56 41.33
N ILE A 62 4.64 15.29 41.42
CA ILE A 62 3.97 15.56 42.70
C ILE A 62 3.38 14.26 43.24
N ASN A 63 3.07 14.32 44.54
CA ASN A 63 2.49 13.20 45.27
C ASN A 63 1.32 12.62 44.49
N PRO A 64 1.36 11.31 44.14
CA PRO A 64 0.30 10.66 43.39
C PRO A 64 -1.00 10.38 44.15
N HIS A 65 -0.98 10.50 45.48
CA HIS A 65 -2.18 10.30 46.27
C HIS A 65 -3.19 11.42 46.05
N LEU A 66 -2.69 12.65 45.80
CA LEU A 66 -3.55 13.83 45.69
C LEU A 66 -4.70 13.54 44.73
N ASP A 67 -5.92 13.99 45.07
CA ASP A 67 -7.12 13.63 44.33
C ASP A 67 -8.00 14.85 44.04
N ASN A 68 -7.40 16.04 44.03
CA ASN A 68 -8.13 17.28 43.83
C ASN A 68 -7.13 18.31 43.30
N ALA A 69 -7.60 19.15 42.37
CA ALA A 69 -6.74 20.13 41.72
C ALA A 69 -6.15 21.12 42.73
N LYS A 70 -6.95 21.58 43.70
CA LYS A 70 -6.53 22.61 44.62
C LYS A 70 -5.22 22.21 45.30
N ASP A 71 -5.18 20.98 45.81
CA ASP A 71 -4.04 20.47 46.57
C ASP A 71 -2.86 20.27 45.62
N MET A 72 -3.16 19.69 44.45
CA MET A 72 -2.17 19.46 43.42
C MET A 72 -1.39 20.75 43.13
N VAL A 73 -2.13 21.85 42.92
CA VAL A 73 -1.53 23.12 42.54
C VAL A 73 -0.68 23.66 43.69
N GLU A 74 -1.15 23.47 44.93
CA GLU A 74 -0.44 23.92 46.10
C GLU A 74 0.93 23.25 46.15
N GLU A 75 0.93 21.91 46.14
CA GLU A 75 2.14 21.12 46.34
C GLU A 75 3.14 21.35 45.22
N GLY A 76 2.62 21.52 43.99
CA GLY A 76 3.47 21.72 42.82
C GLY A 76 4.15 23.07 42.82
N THR A 77 3.41 24.11 43.24
CA THR A 77 3.94 25.46 43.34
C THR A 77 5.15 25.48 44.28
N LYS A 78 5.03 24.72 45.39
CA LYS A 78 6.10 24.60 46.36
C LYS A 78 7.37 24.10 45.66
N ILE A 79 7.21 23.05 44.84
CA ILE A 79 8.31 22.41 44.13
C ILE A 79 8.88 23.37 43.10
N ALA A 80 8.00 24.12 42.42
CA ALA A 80 8.42 25.06 41.38
C ALA A 80 9.34 26.13 41.95
N LYS A 81 9.01 26.62 43.15
CA LYS A 81 9.80 27.63 43.83
C LYS A 81 11.25 27.14 43.94
N LEU A 82 11.45 25.84 44.18
CA LEU A 82 12.75 25.28 44.50
C LEU A 82 13.76 25.46 43.35
N SER A 83 13.29 25.52 42.10
CA SER A 83 14.16 25.75 40.95
C SER A 83 13.33 26.03 39.70
N SER A 84 13.85 26.95 38.86
CA SER A 84 13.18 27.35 37.64
C SER A 84 13.43 26.35 36.52
N ASN A 85 14.24 25.32 36.78
CA ASN A 85 14.44 24.25 35.82
C ASN A 85 13.32 23.23 35.95
N PHE A 86 12.69 23.18 37.12
CA PHE A 86 11.74 22.12 37.43
C PHE A 86 10.46 22.30 36.60
N VAL A 87 9.95 21.17 36.10
CA VAL A 87 8.64 21.08 35.49
C VAL A 87 7.81 20.11 36.33
N ILE A 88 6.51 20.39 36.44
CA ILE A 88 5.64 19.65 37.34
C ILE A 88 4.99 18.49 36.59
N LYS A 89 5.45 17.26 36.88
CA LYS A 89 4.86 16.06 36.29
C LYS A 89 3.54 15.79 37.00
N ILE A 90 2.50 15.49 36.22
CA ILE A 90 1.13 15.42 36.71
C ILE A 90 0.39 14.31 35.96
N PRO A 91 -0.31 13.38 36.65
CA PRO A 91 -1.06 12.32 35.96
C PRO A 91 -2.21 12.83 35.11
N CYS A 92 -2.53 12.09 34.06
CA CYS A 92 -3.61 12.43 33.15
C CYS A 92 -4.93 11.96 33.74
N THR A 93 -5.39 12.66 34.78
CA THR A 93 -6.67 12.41 35.42
C THR A 93 -7.52 13.67 35.32
N GLU A 94 -8.79 13.57 35.71
CA GLU A 94 -9.71 14.69 35.64
C GLU A 94 -9.15 15.86 36.48
N PRO A 95 -8.81 15.66 37.79
CA PRO A 95 -8.11 16.68 38.56
C PRO A 95 -6.75 17.06 38.01
N GLY A 96 -5.97 16.06 37.60
CA GLY A 96 -4.66 16.28 37.01
C GLY A 96 -4.69 17.36 35.93
N LEU A 97 -5.61 17.20 34.98
CA LEU A 97 -5.73 18.11 33.86
C LEU A 97 -6.15 19.49 34.37
N ILE A 98 -7.18 19.54 35.22
CA ILE A 98 -7.66 20.82 35.73
C ILE A 98 -6.50 21.58 36.38
N ALA A 99 -5.67 20.86 37.13
CA ALA A 99 -4.51 21.44 37.81
C ALA A 99 -3.51 21.98 36.79
N ALA A 100 -3.20 21.17 35.77
CA ALA A 100 -2.27 21.60 34.76
C ALA A 100 -2.78 22.88 34.09
N LYS A 101 -4.07 22.91 33.76
CA LYS A 101 -4.70 24.07 33.14
C LYS A 101 -4.36 25.33 33.92
N GLU A 102 -4.50 25.23 35.26
CA GLU A 102 -4.25 26.33 36.17
C GLU A 102 -2.75 26.63 36.23
N PHE A 103 -1.94 25.60 36.47
CA PHE A 103 -0.49 25.78 36.53
C PHE A 103 0.00 26.59 35.33
N GLU A 104 -0.48 26.25 34.13
CA GLU A 104 0.05 26.86 32.92
C GLU A 104 -0.47 28.28 32.78
N LYS A 105 -1.74 28.51 33.15
CA LYS A 105 -2.31 29.85 33.21
C LYS A 105 -1.42 30.74 34.09
N GLN A 106 -0.93 30.18 35.19
CA GLN A 106 -0.06 30.89 36.13
C GLN A 106 1.40 30.88 35.69
N GLY A 107 1.66 30.39 34.46
CA GLY A 107 3.00 30.39 33.90
C GLY A 107 3.95 29.37 34.52
N ILE A 108 3.41 28.31 35.14
CA ILE A 108 4.22 27.23 35.67
C ILE A 108 4.13 26.05 34.70
N SER A 109 5.28 25.62 34.18
CA SER A 109 5.35 24.56 33.18
C SER A 109 5.00 23.21 33.80
N THR A 110 4.22 22.42 33.05
CA THR A 110 3.76 21.11 33.49
C THR A 110 4.15 20.04 32.46
N ASN A 111 4.15 18.79 32.95
CA ASN A 111 4.41 17.62 32.12
C ASN A 111 3.31 16.61 32.44
N VAL A 112 2.32 16.47 31.54
CA VAL A 112 1.25 15.53 31.83
C VAL A 112 1.73 14.14 31.44
N THR A 113 1.71 13.22 32.42
CA THR A 113 2.26 11.89 32.28
C THR A 113 1.14 10.87 32.42
N LEU A 114 1.47 9.58 32.25
CA LEU A 114 0.50 8.49 32.29
C LEU A 114 -0.58 8.73 31.24
N VAL A 115 -0.10 9.09 30.03
CA VAL A 115 -0.90 9.20 28.83
C VAL A 115 -0.70 7.93 28.00
N PHE A 116 -1.80 7.32 27.55
CA PHE A 116 -1.75 6.01 26.91
C PHE A 116 -2.53 5.95 25.60
N SER A 117 -3.16 7.06 25.20
CA SER A 117 -3.93 7.12 23.97
C SER A 117 -3.85 8.53 23.41
N PRO A 118 -4.19 8.74 22.12
CA PRO A 118 -4.21 10.09 21.55
C PRO A 118 -5.28 11.02 22.13
N SER A 119 -6.42 10.45 22.57
CA SER A 119 -7.48 11.25 23.15
C SER A 119 -7.03 11.82 24.50
N GLN A 120 -6.25 11.02 25.23
CA GLN A 120 -5.62 11.44 26.47
C GLN A 120 -4.58 12.53 26.20
N ALA A 121 -3.88 12.43 25.06
CA ALA A 121 -2.84 13.38 24.71
C ALA A 121 -3.43 14.71 24.29
N LEU A 122 -4.67 14.69 23.77
CA LEU A 122 -5.23 15.88 23.17
C LEU A 122 -5.46 16.95 24.23
N GLN A 123 -6.03 16.56 25.37
CA GLN A 123 -6.50 17.56 26.32
C GLN A 123 -5.33 18.34 26.88
N PRO A 124 -4.20 17.72 27.28
CA PRO A 124 -3.01 18.46 27.72
C PRO A 124 -2.61 19.55 26.73
N ALA A 125 -2.59 19.21 25.44
CA ALA A 125 -2.29 20.17 24.38
C ALA A 125 -3.34 21.28 24.35
N ARG A 126 -4.61 20.93 24.58
CA ARG A 126 -5.71 21.88 24.52
C ARG A 126 -5.65 22.87 25.68
N ILE A 127 -4.97 22.48 26.77
CA ILE A 127 -4.81 23.34 27.94
C ILE A 127 -3.43 23.98 27.97
N GLY A 128 -2.65 23.79 26.91
CA GLY A 128 -1.35 24.43 26.76
C GLY A 128 -0.31 23.91 27.75
N ALA A 129 -0.25 22.58 27.91
CA ALA A 129 0.82 21.96 28.67
C ALA A 129 2.14 22.10 27.92
N LYS A 130 3.24 22.22 28.67
CA LYS A 130 4.54 22.40 28.04
C LYS A 130 5.02 21.04 27.55
N PHE A 131 4.66 19.98 28.27
CA PHE A 131 5.05 18.61 27.91
C PHE A 131 3.90 17.63 28.14
N VAL A 132 3.78 16.69 27.19
CA VAL A 132 2.97 15.49 27.37
C VAL A 132 3.89 14.28 27.21
N SER A 133 3.67 13.25 28.05
CA SER A 133 4.51 12.06 28.05
C SER A 133 3.68 10.81 27.78
N PRO A 134 3.50 10.40 26.51
CA PRO A 134 2.86 9.13 26.19
C PRO A 134 3.80 7.93 26.40
N PHE A 135 3.22 6.82 26.88
CA PHE A 135 3.98 5.66 27.31
C PHE A 135 3.95 4.54 26.27
N VAL A 136 5.09 3.87 26.11
CA VAL A 136 5.22 2.73 25.20
C VAL A 136 5.28 1.42 26.00
N GLY A 137 6.29 1.31 26.87
CA GLY A 137 6.72 0.05 27.48
C GLY A 137 5.61 -0.75 28.16
N TRP A 138 4.83 -0.09 29.03
CA TRP A 138 3.84 -0.77 29.85
C TRP A 138 2.76 -1.39 28.97
N LYS A 139 2.37 -0.66 27.93
CA LYS A 139 1.42 -1.18 26.96
C LYS A 139 1.97 -2.45 26.30
N GLU A 140 3.22 -2.39 25.81
CA GLU A 140 3.82 -3.52 25.11
C GLU A 140 3.91 -4.72 26.04
N ASN A 141 4.19 -4.50 27.32
CA ASN A 141 4.29 -5.59 28.28
C ASN A 141 3.02 -6.43 28.31
N SER A 142 1.87 -5.80 28.05
CA SER A 142 0.56 -6.45 28.10
C SER A 142 0.09 -6.90 26.71
N GLY A 143 0.92 -6.65 25.67
CA GLY A 143 0.66 -7.15 24.34
C GLY A 143 0.01 -6.11 23.40
N ASP A 144 -0.14 -4.87 23.86
CA ASP A 144 -0.67 -3.79 23.03
C ASP A 144 0.44 -3.26 22.13
N ASP A 145 0.07 -2.89 20.89
CA ASP A 145 0.99 -2.25 19.96
C ASP A 145 0.84 -0.74 20.10
N THR A 146 1.97 -0.03 19.97
CA THR A 146 2.01 1.37 20.35
C THR A 146 2.33 2.28 19.18
N THR A 147 2.86 1.73 18.10
CA THR A 147 3.47 2.51 17.03
C THR A 147 2.45 3.48 16.42
N GLN A 148 1.22 3.00 16.22
CA GLN A 148 0.19 3.82 15.62
C GLN A 148 -0.15 5.01 16.53
N TYR A 149 -0.42 4.73 17.80
CA TYR A 149 -0.95 5.77 18.68
C TYR A 149 0.09 6.88 18.87
N ILE A 150 1.37 6.52 18.88
CA ILE A 150 2.42 7.52 19.00
C ILE A 150 2.46 8.36 17.73
N GLN A 151 2.45 7.69 16.57
CA GLN A 151 2.47 8.40 15.31
C GLN A 151 1.26 9.33 15.25
N ASP A 152 0.10 8.81 15.66
CA ASP A 152 -1.14 9.59 15.60
C ASP A 152 -0.97 10.87 16.40
N ILE A 153 -0.48 10.75 17.64
CA ILE A 153 -0.30 11.93 18.48
C ILE A 153 0.57 12.97 17.76
N VAL A 154 1.69 12.56 17.19
CA VAL A 154 2.61 13.49 16.56
C VAL A 154 1.90 14.20 15.41
N ASN A 155 1.25 13.43 14.55
CA ASN A 155 0.56 13.97 13.39
C ASN A 155 -0.51 14.96 13.82
N ILE A 156 -1.21 14.63 14.90
CA ILE A 156 -2.30 15.44 15.41
C ILE A 156 -1.74 16.77 15.89
N TYR A 157 -0.67 16.71 16.71
CA TYR A 157 -0.02 17.89 17.23
C TYR A 157 0.47 18.79 16.11
N LYS A 158 1.19 18.21 15.13
CA LYS A 158 1.68 18.97 13.99
C LYS A 158 0.50 19.58 13.25
N ASN A 159 -0.57 18.79 13.05
CA ASN A 159 -1.66 19.18 12.17
C ASN A 159 -2.41 20.39 12.75
N TYR A 160 -2.53 20.47 14.09
CA TYR A 160 -3.31 21.53 14.71
C TYR A 160 -2.40 22.56 15.37
N ASN A 161 -1.10 22.51 15.04
CA ASN A 161 -0.11 23.49 15.46
C ASN A 161 -0.15 23.74 16.96
N TYR A 162 -0.09 22.67 17.77
CA TYR A 162 0.06 22.79 19.21
C TYR A 162 1.54 22.92 19.52
N ASN A 163 1.88 23.73 20.56
CA ASN A 163 3.25 23.90 20.98
C ASN A 163 3.70 22.81 21.92
N THR A 164 2.75 22.11 22.54
CA THR A 164 3.10 21.06 23.49
C THR A 164 4.08 20.10 22.84
N GLU A 165 5.14 19.76 23.61
CA GLU A 165 6.18 18.87 23.13
C GLU A 165 5.93 17.48 23.70
N ILE A 166 6.08 16.47 22.82
CA ILE A 166 5.83 15.07 23.11
C ILE A 166 7.11 14.46 23.65
N ILE A 167 6.99 13.80 24.82
CA ILE A 167 8.11 13.02 25.36
C ILE A 167 7.70 11.55 25.30
N VAL A 168 8.23 10.81 24.33
CA VAL A 168 7.90 9.40 24.29
C VAL A 168 8.63 8.75 25.47
N ALA A 169 7.90 7.93 26.24
CA ALA A 169 8.36 7.49 27.55
C ALA A 169 8.20 5.99 27.72
N ALA A 170 8.92 5.45 28.73
CA ALA A 170 8.97 4.03 29.02
C ALA A 170 9.59 3.28 27.84
N LEU A 171 10.73 3.80 27.37
CA LEU A 171 11.46 3.19 26.29
C LEU A 171 12.56 2.33 26.88
N ARG A 172 12.98 1.32 26.11
CA ARG A 172 13.80 0.24 26.64
C ARG A 172 14.90 -0.18 25.69
N ASN A 173 14.96 0.40 24.47
CA ASN A 173 16.00 0.06 23.52
C ASN A 173 16.13 1.12 22.42
N GLY A 174 17.18 0.98 21.61
CA GLY A 174 17.47 1.89 20.51
C GLY A 174 16.41 1.89 19.40
N LYS A 175 15.97 0.70 18.97
CA LYS A 175 14.96 0.59 17.92
C LYS A 175 13.81 1.54 18.24
N GLN A 176 13.38 1.58 19.52
CA GLN A 176 12.22 2.34 19.93
C GLN A 176 12.46 3.85 19.82
N ILE A 177 13.67 4.28 20.17
CA ILE A 177 14.11 5.65 19.94
C ILE A 177 13.95 6.00 18.46
N VAL A 178 14.43 5.10 17.60
CA VAL A 178 14.38 5.33 16.17
C VAL A 178 12.91 5.43 15.73
N ASP A 179 12.05 4.53 16.20
CA ASP A 179 10.62 4.59 15.88
C ASP A 179 10.08 6.00 16.13
N ALA A 180 10.48 6.59 17.25
CA ALA A 180 10.00 7.91 17.66
C ALA A 180 10.58 8.99 16.75
N ALA A 181 11.86 8.84 16.40
CA ALA A 181 12.50 9.77 15.50
C ALA A 181 11.79 9.73 14.15
N LYS A 182 11.45 8.53 13.69
CA LYS A 182 10.77 8.36 12.42
C LYS A 182 9.39 9.01 12.49
N ALA A 183 8.74 8.90 13.65
CA ALA A 183 7.42 9.45 13.86
C ALA A 183 7.47 10.98 13.92
N GLY A 184 8.61 11.49 14.40
CA GLY A 184 8.80 12.94 14.50
C GLY A 184 8.51 13.46 15.90
N ALA A 185 8.45 12.58 16.90
CA ALA A 185 8.29 13.00 18.28
C ALA A 185 9.34 14.03 18.62
N HIS A 186 8.95 15.03 19.43
CA HIS A 186 9.84 16.12 19.77
C HIS A 186 11.00 15.62 20.63
N ILE A 187 10.64 14.79 21.62
CA ILE A 187 11.55 14.38 22.67
C ILE A 187 11.39 12.90 22.93
N VAL A 188 12.46 12.29 23.46
CA VAL A 188 12.44 10.92 23.89
C VAL A 188 13.11 10.89 25.27
N THR A 189 12.67 9.98 26.15
CA THR A 189 13.28 9.88 27.47
C THR A 189 13.57 8.42 27.80
N CYS A 190 14.84 8.15 28.15
CA CYS A 190 15.33 6.80 28.28
C CYS A 190 16.28 6.70 29.46
N GLY A 191 16.40 5.49 30.00
CA GLY A 191 17.38 5.19 31.04
C GLY A 191 18.81 5.34 30.52
N PHE A 192 19.76 5.47 31.47
CA PHE A 192 21.16 5.67 31.12
C PHE A 192 21.61 4.59 30.13
N ASP A 193 21.34 3.32 30.50
CA ASP A 193 21.91 2.18 29.81
C ASP A 193 21.32 2.06 28.41
N VAL A 194 20.06 2.42 28.24
CA VAL A 194 19.41 2.42 26.94
C VAL A 194 20.19 3.27 25.95
N TYR A 195 20.42 4.54 26.31
CA TYR A 195 21.17 5.46 25.46
C TYR A 195 22.56 4.89 25.21
N LYS A 196 23.25 4.46 26.28
CA LYS A 196 24.63 3.98 26.17
C LYS A 196 24.72 2.93 25.07
N GLU A 197 23.79 1.97 25.11
CA GLU A 197 23.82 0.82 24.23
C GLU A 197 23.30 1.17 22.84
N SER A 198 22.50 2.24 22.74
CA SER A 198 21.97 2.70 21.47
C SER A 198 23.11 3.25 20.61
N PHE A 199 24.26 3.50 21.23
CA PHE A 199 25.44 4.00 20.52
C PHE A 199 26.38 2.85 20.13
N GLN A 200 26.15 1.64 20.64
CA GLN A 200 27.07 0.54 20.41
C GLN A 200 26.40 -0.49 19.50
N HIS A 201 27.21 -1.05 18.59
CA HIS A 201 26.74 -2.01 17.60
C HIS A 201 27.86 -2.99 17.28
N ALA A 202 27.52 -4.27 17.22
CA ALA A 202 28.48 -5.36 17.05
C ALA A 202 29.32 -5.18 15.78
N PHE A 203 28.75 -4.54 14.74
CA PHE A 203 29.49 -4.34 13.51
C PHE A 203 30.61 -3.32 13.73
N THR A 204 30.43 -2.38 14.67
CA THR A 204 31.49 -1.44 14.99
C THR A 204 32.67 -2.20 15.56
N ASP A 205 32.41 -3.07 16.54
CA ASP A 205 33.46 -3.87 17.14
C ASP A 205 34.18 -4.64 16.04
N TYR A 206 33.40 -5.29 15.17
CA TYR A 206 33.92 -6.11 14.10
C TYR A 206 34.79 -5.26 13.19
N GLY A 207 34.31 -4.05 12.89
CA GLY A 207 35.04 -3.11 12.06
C GLY A 207 36.39 -2.71 12.68
N LEU A 208 36.38 -2.40 13.98
CA LEU A 208 37.60 -1.99 14.66
C LEU A 208 38.65 -3.06 14.51
N ASN A 209 38.26 -4.32 14.74
CA ASN A 209 39.20 -5.43 14.69
C ASN A 209 39.80 -5.55 13.29
N LYS A 210 38.97 -5.44 12.24
CA LYS A 210 39.47 -5.46 10.87
C LYS A 210 40.57 -4.41 10.73
N PHE A 211 40.27 -3.21 11.25
CA PHE A 211 41.10 -2.02 11.04
C PHE A 211 42.37 -2.08 11.90
N ARG A 212 42.27 -2.67 13.10
CA ARG A 212 43.44 -2.81 13.95
C ARG A 212 44.47 -3.70 13.26
N ASN A 213 44.00 -4.79 12.64
CA ASN A 213 44.89 -5.69 11.91
C ASN A 213 45.58 -4.93 10.78
N ALA A 214 44.81 -4.10 10.07
CA ALA A 214 45.30 -3.40 8.89
C ALA A 214 46.37 -2.37 9.28
N TRP A 215 46.12 -1.68 10.40
CA TRP A 215 47.00 -0.66 10.95
C TRP A 215 48.33 -1.28 11.37
N ASP A 216 48.23 -2.47 11.98
CA ASP A 216 49.38 -3.21 12.47
C ASP A 216 50.24 -3.70 11.30
N ASN A 217 49.73 -3.61 10.07
CA ASN A 217 50.50 -3.98 8.90
C ASN A 217 50.81 -2.76 8.03
N THR A 218 51.14 -1.61 8.68
CA THR A 218 51.79 -0.49 7.99
C THR A 218 52.76 0.23 8.94
N MET B 1 -20.96 -18.05 10.59
CA MET B 1 -20.77 -16.91 11.53
C MET B 1 -21.95 -16.80 12.49
N LYS B 2 -21.61 -16.56 13.75
CA LYS B 2 -22.51 -16.69 14.87
C LYS B 2 -22.79 -15.34 15.54
N TYR B 3 -24.07 -15.09 15.80
CA TYR B 3 -24.51 -13.93 16.56
C TYR B 3 -24.96 -14.38 17.95
N PHE B 4 -24.31 -13.88 19.01
CA PHE B 4 -24.73 -14.13 20.38
C PHE B 4 -25.33 -12.86 20.96
N LEU B 5 -26.31 -13.03 21.87
CA LEU B 5 -26.94 -11.89 22.52
C LEU B 5 -26.25 -11.61 23.86
N ASP B 6 -25.75 -10.37 24.02
CA ASP B 6 -25.14 -9.96 25.26
C ASP B 6 -26.23 -9.30 26.10
N SER B 7 -27.05 -10.14 26.75
CA SER B 7 -28.14 -9.67 27.59
C SER B 7 -28.47 -10.72 28.66
N ALA B 8 -29.16 -10.30 29.73
CA ALA B 8 -29.69 -11.21 30.72
C ALA B 8 -31.22 -11.08 30.81
N ILE B 9 -31.83 -10.37 29.86
CA ILE B 9 -33.25 -10.10 29.86
C ILE B 9 -33.91 -11.19 29.02
N LEU B 10 -34.67 -12.06 29.69
CA LEU B 10 -35.21 -13.28 29.10
C LEU B 10 -36.07 -12.95 27.88
N GLU B 11 -36.85 -11.86 27.95
CA GLU B 11 -37.76 -11.50 26.88
C GLU B 11 -36.98 -11.15 25.62
N GLU B 12 -35.83 -10.47 25.79
CA GLU B 12 -34.93 -10.15 24.69
C GLU B 12 -34.40 -11.45 24.07
N ILE B 13 -34.02 -12.40 24.94
CA ILE B 13 -33.45 -13.66 24.51
C ILE B 13 -34.49 -14.49 23.77
N ARG B 14 -35.74 -14.48 24.26
CA ARG B 14 -36.80 -15.23 23.61
C ARG B 14 -37.01 -14.73 22.18
N TYR B 15 -37.23 -13.42 22.03
CA TYR B 15 -37.50 -12.81 20.73
C TYR B 15 -36.35 -13.12 19.76
N ALA B 16 -35.13 -12.91 20.24
CA ALA B 16 -33.93 -13.07 19.41
C ALA B 16 -33.86 -14.49 18.85
N TYR B 17 -34.07 -15.50 19.71
CA TYR B 17 -33.97 -16.89 19.32
C TYR B 17 -35.00 -17.20 18.25
N GLU B 18 -36.24 -16.73 18.48
CA GLU B 18 -37.36 -17.11 17.63
C GLU B 18 -37.27 -16.41 16.28
N ASN B 19 -36.77 -15.17 16.23
CA ASN B 19 -36.87 -14.35 15.03
C ASN B 19 -35.52 -14.08 14.36
N TRP B 20 -34.44 -14.05 15.16
CA TRP B 20 -33.13 -13.68 14.65
C TRP B 20 -32.22 -14.88 14.52
N ALA B 21 -32.64 -16.02 15.06
CA ALA B 21 -31.83 -17.24 15.03
C ALA B 21 -30.47 -17.00 15.70
N ILE B 22 -30.47 -16.25 16.80
CA ILE B 22 -29.26 -16.11 17.59
C ILE B 22 -28.71 -17.50 17.90
N ASP B 23 -27.39 -17.61 17.98
CA ASP B 23 -26.70 -18.88 18.07
C ASP B 23 -26.22 -19.14 19.50
N GLY B 24 -26.64 -18.30 20.45
CA GLY B 24 -26.17 -18.40 21.84
C GLY B 24 -26.31 -17.07 22.59
N VAL B 25 -25.84 -17.08 23.85
CA VAL B 25 -26.04 -15.99 24.80
C VAL B 25 -24.80 -15.76 25.66
N THR B 26 -24.48 -14.47 25.91
CA THR B 26 -23.44 -14.07 26.84
C THR B 26 -24.05 -13.20 27.95
N THR B 27 -23.53 -13.38 29.18
CA THR B 27 -23.89 -12.61 30.35
C THR B 27 -22.61 -12.18 31.07
N ASN B 28 -22.78 -11.27 32.03
CA ASN B 28 -21.73 -10.88 32.97
C ASN B 28 -22.37 -10.23 34.19
N PRO B 29 -21.64 -10.05 35.30
CA PRO B 29 -22.25 -9.53 36.53
C PRO B 29 -23.05 -8.24 36.36
N ARG B 30 -22.64 -7.39 35.42
CA ARG B 30 -23.34 -6.13 35.17
C ARG B 30 -24.70 -6.42 34.52
N HIS B 31 -24.73 -7.31 33.54
CA HIS B 31 -26.01 -7.65 32.91
C HIS B 31 -26.92 -8.39 33.88
N ILE B 32 -26.34 -9.24 34.72
CA ILE B 32 -27.10 -9.96 35.73
C ILE B 32 -27.77 -8.94 36.65
N MET B 33 -26.99 -7.96 37.12
CA MET B 33 -27.49 -6.92 37.99
C MET B 33 -28.70 -6.24 37.33
N ASN B 34 -28.52 -5.80 36.08
CA ASN B 34 -29.53 -4.99 35.41
C ASN B 34 -30.70 -5.82 34.94
N SER B 35 -30.69 -7.12 35.24
CA SER B 35 -31.85 -7.96 34.98
C SER B 35 -32.95 -7.67 35.99
N GLY B 36 -32.54 -7.23 37.19
CA GLY B 36 -33.47 -7.04 38.30
C GLY B 36 -33.62 -8.29 39.16
N LYS B 37 -33.40 -9.47 38.57
CA LYS B 37 -33.60 -10.73 39.23
C LYS B 37 -32.31 -11.13 39.94
N PRO B 38 -32.34 -12.09 40.91
CA PRO B 38 -31.12 -12.65 41.48
C PRO B 38 -30.48 -13.69 40.57
N PHE B 39 -29.16 -13.90 40.76
CA PHE B 39 -28.33 -14.66 39.85
C PHE B 39 -28.92 -16.05 39.62
N LEU B 40 -29.13 -16.82 40.71
CA LEU B 40 -29.50 -18.22 40.59
C LEU B 40 -30.91 -18.35 40.02
N THR B 41 -31.72 -17.28 40.09
CA THR B 41 -33.05 -17.26 39.48
C THR B 41 -32.92 -17.10 37.98
N VAL B 42 -32.09 -16.13 37.55
CA VAL B 42 -31.79 -15.92 36.14
C VAL B 42 -31.33 -17.25 35.56
N LEU B 43 -30.35 -17.89 36.21
CA LEU B 43 -29.76 -19.14 35.74
C LEU B 43 -30.84 -20.21 35.62
N ASP B 44 -31.72 -20.27 36.63
CA ASP B 44 -32.74 -21.31 36.64
C ASP B 44 -33.67 -21.08 35.44
N GLU B 45 -34.15 -19.84 35.26
CA GLU B 45 -35.02 -19.51 34.14
C GLU B 45 -34.37 -19.93 32.83
N PHE B 46 -33.05 -19.74 32.69
CA PHE B 46 -32.33 -20.09 31.48
C PHE B 46 -32.32 -21.60 31.30
N ALA B 47 -31.91 -22.31 32.36
CA ALA B 47 -31.85 -23.76 32.36
C ALA B 47 -33.14 -24.33 31.75
N SER B 48 -34.29 -23.91 32.31
CA SER B 48 -35.59 -24.38 31.88
C SER B 48 -35.89 -23.92 30.45
N GLU B 49 -35.61 -22.66 30.14
CA GLU B 49 -35.93 -22.10 28.84
C GLU B 49 -35.29 -22.94 27.74
N PHE B 50 -34.08 -23.45 27.97
CA PHE B 50 -33.34 -24.12 26.90
C PHE B 50 -33.03 -25.58 27.24
N LYS B 51 -33.79 -26.19 28.17
CA LYS B 51 -33.55 -27.57 28.58
C LYS B 51 -33.30 -28.43 27.36
N GLY B 52 -34.22 -28.36 26.39
CA GLY B 52 -34.13 -29.19 25.19
C GLY B 52 -32.86 -28.95 24.38
N VAL B 53 -32.63 -27.67 24.00
CA VAL B 53 -31.82 -27.31 22.84
C VAL B 53 -30.36 -27.68 23.06
N GLU B 54 -29.76 -28.30 22.03
CA GLU B 54 -28.36 -28.70 22.05
C GLU B 54 -27.61 -27.77 21.11
N ASN B 55 -26.32 -27.56 21.38
CA ASN B 55 -25.45 -26.54 20.79
C ASN B 55 -26.11 -25.16 20.81
N PHE B 56 -26.34 -24.63 22.02
CA PHE B 56 -26.71 -23.25 22.26
C PHE B 56 -26.01 -22.78 23.54
N PRO B 57 -24.79 -22.24 23.45
CA PRO B 57 -24.03 -21.84 24.64
C PRO B 57 -24.57 -20.59 25.35
N ILE B 58 -24.55 -20.65 26.69
CA ILE B 58 -24.97 -19.55 27.54
C ILE B 58 -23.83 -19.23 28.50
N SER B 59 -23.17 -18.09 28.32
CA SER B 59 -21.96 -17.79 29.08
C SER B 59 -22.32 -17.05 30.36
N VAL B 60 -21.86 -17.59 31.48
CA VAL B 60 -22.32 -17.20 32.80
C VAL B 60 -21.08 -16.99 33.68
N GLU B 61 -20.93 -15.80 34.26
CA GLU B 61 -19.65 -15.44 34.87
C GLU B 61 -19.66 -15.70 36.38
N ILE B 62 -18.63 -16.44 36.82
CA ILE B 62 -18.42 -16.74 38.24
C ILE B 62 -18.09 -15.45 38.98
N ASN B 63 -18.23 -15.53 40.30
CA ASN B 63 -17.95 -14.43 41.21
C ASN B 63 -16.59 -13.81 40.89
N PRO B 64 -16.55 -12.50 40.57
CA PRO B 64 -15.29 -11.81 40.25
C PRO B 64 -14.34 -11.55 41.42
N HIS B 65 -14.82 -11.70 42.65
CA HIS B 65 -13.99 -11.50 43.82
C HIS B 65 -12.97 -12.63 43.97
N LEU B 66 -13.33 -13.85 43.53
CA LEU B 66 -12.48 -15.02 43.69
C LEU B 66 -11.06 -14.70 43.22
N ASP B 67 -10.05 -15.17 43.97
CA ASP B 67 -8.66 -14.82 43.71
C ASP B 67 -7.75 -16.06 43.66
N ASN B 68 -8.35 -17.24 43.40
CA ASN B 68 -7.62 -18.50 43.52
C ASN B 68 -8.34 -19.52 42.64
N ALA B 69 -7.55 -20.34 41.95
CA ALA B 69 -8.10 -21.31 41.01
C ALA B 69 -9.00 -22.33 41.70
N LYS B 70 -8.59 -22.81 42.88
CA LYS B 70 -9.29 -23.87 43.58
C LYS B 70 -10.76 -23.50 43.76
N ASP B 71 -11.00 -22.29 44.27
CA ASP B 71 -12.34 -21.82 44.56
C ASP B 71 -13.10 -21.59 43.27
N MET B 72 -12.43 -20.96 42.30
CA MET B 72 -12.99 -20.71 40.98
C MET B 72 -13.60 -22.01 40.43
N VAL B 73 -12.81 -23.09 40.45
CA VAL B 73 -13.22 -24.36 39.86
C VAL B 73 -14.42 -24.93 40.62
N GLU B 74 -14.41 -24.77 41.95
CA GLU B 74 -15.49 -25.26 42.78
C GLU B 74 -16.80 -24.59 42.36
N GLU B 75 -16.81 -23.24 42.38
CA GLU B 75 -18.02 -22.46 42.18
C GLU B 75 -18.55 -22.66 40.75
N GLY B 76 -17.64 -22.80 39.79
CA GLY B 76 -18.02 -22.94 38.39
C GLY B 76 -18.63 -24.30 38.11
N THR B 77 -18.08 -25.35 38.74
CA THR B 77 -18.60 -26.69 38.60
C THR B 77 -20.05 -26.74 39.04
N LYS B 78 -20.35 -26.03 40.13
CA LYS B 78 -21.69 -25.92 40.67
C LYS B 78 -22.62 -25.39 39.58
N ILE B 79 -22.18 -24.30 38.91
CA ILE B 79 -22.96 -23.64 37.88
C ILE B 79 -23.13 -24.56 36.67
N ALA B 80 -22.07 -25.31 36.33
CA ALA B 80 -22.10 -26.21 35.18
C ALA B 80 -23.17 -27.29 35.36
N LYS B 81 -23.26 -27.81 36.59
CA LYS B 81 -24.24 -28.82 36.92
C LYS B 81 -25.64 -28.33 36.54
N LEU B 82 -25.91 -27.03 36.74
CA LEU B 82 -27.26 -26.48 36.59
C LEU B 82 -27.80 -26.63 35.16
N SER B 83 -26.92 -26.67 34.16
CA SER B 83 -27.33 -26.87 32.77
C SER B 83 -26.12 -27.12 31.87
N SER B 84 -26.33 -28.00 30.88
CA SER B 84 -25.26 -28.38 29.96
C SER B 84 -25.09 -27.34 28.86
N ASN B 85 -25.95 -26.31 28.85
CA ASN B 85 -25.81 -25.22 27.92
C ASN B 85 -24.80 -24.20 28.46
N PHE B 86 -24.62 -24.19 29.78
CA PHE B 86 -23.84 -23.14 30.42
C PHE B 86 -22.36 -23.28 30.07
N VAL B 87 -21.73 -22.13 29.83
CA VAL B 87 -20.29 -22.00 29.71
C VAL B 87 -19.82 -21.07 30.81
N ILE B 88 -18.64 -21.35 31.37
CA ILE B 88 -18.14 -20.64 32.53
C ILE B 88 -17.28 -19.45 32.08
N LYS B 89 -17.82 -18.23 32.22
CA LYS B 89 -17.08 -17.02 31.91
C LYS B 89 -16.08 -16.76 33.04
N ILE B 90 -14.83 -16.44 32.67
CA ILE B 90 -13.71 -16.39 33.61
C ILE B 90 -12.77 -15.27 33.20
N PRO B 91 -12.35 -14.35 34.11
CA PRO B 91 -11.42 -13.28 33.75
C PRO B 91 -10.05 -13.78 33.35
N CYS B 92 -9.38 -13.00 32.50
CA CYS B 92 -8.04 -13.32 32.03
C CYS B 92 -7.01 -12.86 33.06
N THR B 93 -6.95 -13.61 34.17
CA THR B 93 -5.98 -13.39 35.24
C THR B 93 -5.18 -14.68 35.40
N GLU B 94 -4.12 -14.59 36.21
CA GLU B 94 -3.23 -15.72 36.47
C GLU B 94 -4.06 -16.90 37.01
N PRO B 95 -4.84 -16.74 38.11
CA PRO B 95 -5.75 -17.79 38.57
C PRO B 95 -6.83 -18.14 37.56
N GLY B 96 -7.42 -17.12 36.92
CA GLY B 96 -8.44 -17.33 35.91
C GLY B 96 -8.03 -18.37 34.88
N LEU B 97 -6.83 -18.19 34.33
CA LEU B 97 -6.32 -19.09 33.30
C LEU B 97 -6.10 -20.48 33.89
N ILE B 98 -5.43 -20.56 35.05
CA ILE B 98 -5.15 -21.85 35.68
C ILE B 98 -6.47 -22.63 35.83
N ALA B 99 -7.52 -21.92 36.27
CA ALA B 99 -8.83 -22.52 36.47
C ALA B 99 -9.41 -23.02 35.15
N ALA B 100 -9.35 -22.20 34.12
CA ALA B 100 -9.85 -22.59 32.81
C ALA B 100 -9.13 -23.84 32.35
N LYS B 101 -7.80 -23.88 32.49
CA LYS B 101 -6.98 -25.02 32.10
C LYS B 101 -7.59 -26.30 32.68
N GLU B 102 -7.92 -26.23 33.98
CA GLU B 102 -8.48 -27.36 34.70
C GLU B 102 -9.89 -27.66 34.23
N PHE B 103 -10.75 -26.63 34.18
CA PHE B 103 -12.12 -26.80 33.72
C PHE B 103 -12.14 -27.57 32.41
N GLU B 104 -11.27 -27.21 31.46
CA GLU B 104 -11.33 -27.77 30.13
C GLU B 104 -10.78 -29.20 30.14
N LYS B 105 -9.73 -29.45 30.94
CA LYS B 105 -9.22 -30.79 31.16
C LYS B 105 -10.37 -31.69 31.64
N GLN B 106 -11.23 -31.16 32.50
CA GLN B 106 -12.36 -31.89 33.05
C GLN B 106 -13.57 -31.84 32.12
N GLY B 107 -13.38 -31.33 30.89
CA GLY B 107 -14.43 -31.30 29.88
C GLY B 107 -15.55 -30.30 30.16
N ILE B 108 -15.27 -29.26 30.98
CA ILE B 108 -16.21 -28.19 31.23
C ILE B 108 -15.79 -26.98 30.39
N SER B 109 -16.69 -26.52 29.51
CA SER B 109 -16.40 -25.42 28.60
C SER B 109 -16.29 -24.10 29.35
N THR B 110 -15.31 -23.29 28.93
CA THR B 110 -15.03 -21.99 29.53
C THR B 110 -15.04 -20.89 28.47
N ASN B 111 -15.21 -19.65 28.95
CA ASN B 111 -15.17 -18.46 28.12
C ASN B 111 -14.26 -17.47 28.82
N VAL B 112 -13.03 -17.29 28.34
CA VAL B 112 -12.14 -16.36 29.00
C VAL B 112 -12.46 -14.96 28.51
N THR B 113 -12.79 -14.07 29.45
CA THR B 113 -13.24 -12.72 29.17
C THR B 113 -12.24 -11.72 29.71
N LEU B 114 -12.51 -10.42 29.47
CA LEU B 114 -11.63 -9.34 29.87
C LEU B 114 -10.25 -9.54 29.24
N VAL B 115 -10.28 -9.86 27.94
CA VAL B 115 -9.11 -9.95 27.09
C VAL B 115 -9.02 -8.65 26.28
N PHE B 116 -7.84 -8.04 26.25
CA PHE B 116 -7.67 -6.71 25.66
C PHE B 116 -6.47 -6.63 24.70
N SER B 117 -5.74 -7.73 24.53
CA SER B 117 -4.59 -7.78 23.64
C SER B 117 -4.47 -9.17 23.07
N PRO B 118 -3.70 -9.36 21.96
CA PRO B 118 -3.49 -10.70 21.41
C PRO B 118 -2.67 -11.64 22.30
N SER B 119 -1.76 -11.10 23.11
CA SER B 119 -0.96 -11.91 24.02
C SER B 119 -1.85 -12.51 25.10
N GLN B 120 -2.84 -11.72 25.55
CA GLN B 120 -3.85 -12.17 26.49
C GLN B 120 -4.73 -13.24 25.84
N ALA B 121 -4.99 -13.11 24.54
CA ALA B 121 -5.85 -14.04 23.82
C ALA B 121 -5.15 -15.37 23.59
N LEU B 122 -3.81 -15.34 23.54
CA LEU B 122 -3.06 -16.52 23.14
C LEU B 122 -3.22 -17.62 24.18
N GLN B 123 -3.08 -17.26 25.47
CA GLN B 123 -2.97 -18.27 26.50
C GLN B 123 -4.27 -19.08 26.59
N PRO B 124 -5.47 -18.46 26.58
CA PRO B 124 -6.73 -19.21 26.53
C PRO B 124 -6.74 -20.28 25.45
N ALA B 125 -6.32 -19.89 24.23
CA ALA B 125 -6.20 -20.82 23.12
C ALA B 125 -5.19 -21.94 23.43
N ARG B 126 -4.09 -21.59 24.12
CA ARG B 126 -3.04 -22.56 24.42
C ARG B 126 -3.50 -23.58 25.46
N ILE B 127 -4.53 -23.21 26.25
CA ILE B 127 -5.11 -24.04 27.29
C ILE B 127 -6.39 -24.74 26.78
N GLY B 128 -6.74 -24.54 25.51
CA GLY B 128 -7.90 -25.17 24.91
C GLY B 128 -9.21 -24.66 25.48
N ALA B 129 -9.34 -23.35 25.65
CA ALA B 129 -10.61 -22.74 26.01
C ALA B 129 -11.58 -22.87 24.84
N LYS B 130 -12.89 -22.99 25.15
CA LYS B 130 -13.88 -23.12 24.11
C LYS B 130 -14.15 -21.74 23.52
N PHE B 131 -14.07 -20.70 24.36
CA PHE B 131 -14.30 -19.34 23.92
C PHE B 131 -13.32 -18.36 24.56
N VAL B 132 -12.88 -17.39 23.73
CA VAL B 132 -12.19 -16.20 24.22
C VAL B 132 -13.01 -14.98 23.79
N SER B 133 -13.11 -13.98 24.68
CA SER B 133 -13.90 -12.79 24.42
C SER B 133 -13.05 -11.52 24.47
N PRO B 134 -12.43 -11.09 23.35
CA PRO B 134 -11.73 -9.80 23.31
C PRO B 134 -12.67 -8.61 23.19
N PHE B 135 -12.30 -7.52 23.87
CA PHE B 135 -13.17 -6.35 24.05
C PHE B 135 -12.79 -5.21 23.12
N VAL B 136 -13.81 -4.52 22.60
CA VAL B 136 -13.63 -3.37 21.73
C VAL B 136 -13.95 -2.08 22.50
N GLY B 137 -15.21 -1.98 22.96
CA GLY B 137 -15.84 -0.73 23.39
C GLY B 137 -15.05 0.07 24.42
N TRP B 138 -14.65 -0.62 25.50
CA TRP B 138 -14.02 0.05 26.64
C TRP B 138 -12.69 0.68 26.22
N LYS B 139 -11.95 -0.02 25.36
CA LYS B 139 -10.72 0.50 24.81
C LYS B 139 -11.00 1.77 24.02
N GLU B 140 -11.98 1.74 23.12
CA GLU B 140 -12.28 2.88 22.27
C GLU B 140 -12.69 4.08 23.13
N ASN B 141 -13.42 3.84 24.23
CA ASN B 141 -13.84 4.92 25.10
C ASN B 141 -12.66 5.74 25.61
N SER B 142 -11.50 5.09 25.77
CA SER B 142 -10.29 5.72 26.30
C SER B 142 -9.34 6.16 25.18
N GLY B 143 -9.74 5.96 23.92
CA GLY B 143 -9.03 6.49 22.77
C GLY B 143 -8.14 5.47 22.07
N ASP B 144 -8.15 4.21 22.52
CA ASP B 144 -7.38 3.15 21.89
C ASP B 144 -8.10 2.64 20.64
N ASP B 145 -7.33 2.29 19.61
CA ASP B 145 -7.86 1.68 18.40
C ASP B 145 -7.77 0.15 18.54
N THR B 146 -8.77 -0.55 18.01
CA THR B 146 -8.95 -1.96 18.31
C THR B 146 -8.81 -2.85 17.08
N THR B 147 -8.92 -2.27 15.89
CA THR B 147 -9.14 -3.04 14.68
C THR B 147 -7.94 -3.97 14.42
N GLN B 148 -6.72 -3.48 14.66
CA GLN B 148 -5.54 -4.30 14.45
C GLN B 148 -5.53 -5.49 15.40
N TYR B 149 -5.73 -5.25 16.69
CA TYR B 149 -5.53 -6.31 17.68
C TYR B 149 -6.57 -7.42 17.47
N ILE B 150 -7.77 -7.07 17.03
CA ILE B 150 -8.78 -8.07 16.76
C ILE B 150 -8.37 -8.88 15.53
N GLN B 151 -7.95 -8.18 14.47
CA GLN B 151 -7.53 -8.86 13.27
C GLN B 151 -6.38 -9.79 13.62
N ASP B 152 -5.44 -9.29 14.42
CA ASP B 152 -4.26 -10.07 14.78
C ASP B 152 -4.70 -11.37 15.45
N ILE B 153 -5.58 -11.28 16.44
CA ILE B 153 -6.06 -12.46 17.13
C ILE B 153 -6.62 -13.49 16.14
N VAL B 154 -7.47 -13.07 15.21
CA VAL B 154 -8.10 -13.99 14.28
C VAL B 154 -7.04 -14.68 13.44
N ASN B 155 -6.13 -13.88 12.87
CA ASN B 155 -5.08 -14.40 12.02
C ASN B 155 -4.22 -15.41 12.77
N ILE B 156 -3.94 -15.10 14.05
CA ILE B 156 -3.10 -15.94 14.88
C ILE B 156 -3.78 -17.28 15.10
N TYR B 157 -5.05 -17.23 15.49
CA TYR B 157 -5.84 -18.43 15.74
C TYR B 157 -5.90 -19.29 14.48
N LYS B 158 -6.25 -18.69 13.34
CA LYS B 158 -6.29 -19.43 12.07
C LYS B 158 -4.91 -20.00 11.76
N ASN B 159 -3.86 -19.21 11.98
CA ASN B 159 -2.52 -19.58 11.53
C ASN B 159 -2.02 -20.80 12.31
N TYR B 160 -2.37 -20.92 13.59
CA TYR B 160 -1.87 -22.01 14.42
C TYR B 160 -2.96 -23.06 14.68
N ASN B 161 -4.04 -22.99 13.91
CA ASN B 161 -5.14 -23.95 13.91
C ASN B 161 -5.63 -24.25 15.33
N TYR B 162 -5.97 -23.21 16.10
CA TYR B 162 -6.64 -23.36 17.38
C TYR B 162 -8.14 -23.50 17.15
N ASN B 163 -8.81 -24.30 17.98
CA ASN B 163 -10.25 -24.47 17.87
C ASN B 163 -10.98 -23.39 18.66
N THR B 164 -10.29 -22.71 19.59
CA THR B 164 -10.94 -21.69 20.40
C THR B 164 -11.63 -20.69 19.48
N GLU B 165 -12.88 -20.35 19.84
CA GLU B 165 -13.70 -19.45 19.05
C GLU B 165 -13.66 -18.07 19.69
N ILE B 166 -13.50 -17.04 18.83
CA ILE B 166 -13.38 -15.65 19.22
C ILE B 166 -14.78 -15.05 19.32
N ILE B 167 -15.09 -14.42 20.46
CA ILE B 167 -16.32 -13.66 20.61
C ILE B 167 -15.95 -12.19 20.73
N VAL B 168 -16.13 -11.42 19.66
CA VAL B 168 -15.81 -10.01 19.77
C VAL B 168 -16.89 -9.39 20.65
N ALA B 169 -16.46 -8.58 21.64
CA ALA B 169 -17.34 -8.18 22.73
C ALA B 169 -17.25 -6.68 22.99
N ALA B 170 -18.24 -6.16 23.73
CA ALA B 170 -18.42 -4.75 24.01
C ALA B 170 -18.63 -3.97 22.71
N LEU B 171 -19.57 -4.47 21.89
CA LEU B 171 -19.89 -3.86 20.61
C LEU B 171 -21.10 -2.96 20.79
N ARG B 172 -21.23 -1.98 19.89
CA ARG B 172 -22.18 -0.91 20.10
C ARG B 172 -22.89 -0.51 18.81
N ASN B 173 -22.52 -1.09 17.65
CA ASN B 173 -23.16 -0.72 16.39
C ASN B 173 -22.89 -1.76 15.30
N GLY B 174 -23.59 -1.62 14.18
CA GLY B 174 -23.47 -2.51 13.03
C GLY B 174 -22.10 -2.46 12.35
N LYS B 175 -21.54 -1.26 12.13
CA LYS B 175 -20.24 -1.11 11.50
C LYS B 175 -19.25 -2.07 12.18
N GLN B 176 -19.31 -2.13 13.52
CA GLN B 176 -18.36 -2.92 14.32
C GLN B 176 -18.53 -4.41 14.09
N ILE B 177 -19.77 -4.85 13.97
CA ILE B 177 -20.08 -6.22 13.57
C ILE B 177 -19.41 -6.51 12.24
N VAL B 178 -19.56 -5.60 11.28
CA VAL B 178 -18.99 -5.79 9.96
C VAL B 178 -17.47 -5.89 10.06
N ASP B 179 -16.84 -5.00 10.84
CA ASP B 179 -15.39 -5.05 11.06
C ASP B 179 -14.97 -6.46 11.44
N ALA B 180 -15.74 -7.09 12.33
CA ALA B 180 -15.43 -8.41 12.84
C ALA B 180 -15.64 -9.47 11.77
N ALA B 181 -16.71 -9.31 10.98
CA ALA B 181 -16.99 -10.22 9.89
C ALA B 181 -15.84 -10.15 8.88
N LYS B 182 -15.36 -8.94 8.61
CA LYS B 182 -14.27 -8.74 7.67
C LYS B 182 -13.00 -9.40 8.21
N ALA B 183 -12.82 -9.32 9.52
CA ALA B 183 -11.66 -9.89 10.18
C ALA B 183 -11.73 -11.40 10.17
N GLY B 184 -12.94 -11.93 10.21
CA GLY B 184 -13.17 -13.37 10.19
C GLY B 184 -13.39 -13.94 11.58
N ALA B 185 -13.70 -13.08 12.56
CA ALA B 185 -14.02 -13.54 13.89
C ALA B 185 -15.14 -14.59 13.81
N HIS B 186 -15.05 -15.59 14.69
CA HIS B 186 -16.01 -16.67 14.70
C HIS B 186 -17.39 -16.16 15.12
N ILE B 187 -17.39 -15.33 16.18
CA ILE B 187 -18.61 -14.96 16.87
C ILE B 187 -18.57 -13.48 17.21
N VAL B 188 -19.75 -12.91 17.35
CA VAL B 188 -19.90 -11.54 17.79
C VAL B 188 -21.01 -11.53 18.85
N THR B 189 -20.91 -10.65 19.86
CA THR B 189 -21.95 -10.58 20.87
C THR B 189 -22.36 -9.13 21.10
N CYS B 190 -23.67 -8.87 20.99
CA CYS B 190 -24.20 -7.52 20.96
C CYS B 190 -25.51 -7.45 21.73
N GLY B 191 -25.83 -6.25 22.22
CA GLY B 191 -27.12 -6.00 22.83
C GLY B 191 -28.26 -6.12 21.83
N PHE B 192 -29.48 -6.28 22.35
CA PHE B 192 -30.66 -6.47 21.51
C PHE B 192 -30.74 -5.36 20.47
N ASP B 193 -30.64 -4.10 20.93
CA ASP B 193 -30.94 -2.95 20.09
C ASP B 193 -29.90 -2.79 18.99
N VAL B 194 -28.65 -3.15 19.29
CA VAL B 194 -27.58 -3.10 18.30
C VAL B 194 -27.96 -3.95 17.08
N TYR B 195 -28.28 -5.23 17.32
CA TYR B 195 -28.67 -6.14 16.26
C TYR B 195 -29.89 -5.57 15.53
N LYS B 196 -30.92 -5.16 16.29
CA LYS B 196 -32.17 -4.69 15.70
C LYS B 196 -31.87 -3.62 14.65
N GLU B 197 -31.01 -2.66 15.02
CA GLU B 197 -30.73 -1.49 14.20
C GLU B 197 -29.75 -1.84 13.09
N SER B 198 -28.96 -2.90 13.28
CA SER B 198 -28.00 -3.35 12.28
C SER B 198 -28.75 -3.90 11.07
N PHE B 199 -30.06 -4.15 11.23
CA PHE B 199 -30.89 -4.65 10.15
C PHE B 199 -31.63 -3.52 9.43
N GLN B 200 -31.61 -2.31 10.01
CA GLN B 200 -32.42 -1.20 9.51
C GLN B 200 -31.49 -0.14 8.91
N HIS B 201 -31.97 0.53 7.87
CA HIS B 201 -31.21 1.53 7.15
C HIS B 201 -32.17 2.53 6.49
N ALA B 202 -31.84 3.82 6.59
CA ALA B 202 -32.66 4.91 6.07
C ALA B 202 -33.01 4.75 4.60
N PHE B 203 -32.11 4.14 3.83
CA PHE B 203 -32.35 3.95 2.40
C PHE B 203 -33.46 2.93 2.19
N THR B 204 -33.62 1.97 3.12
CA THR B 204 -34.71 1.01 3.03
C THR B 204 -36.03 1.76 3.18
N ASP B 205 -36.13 2.61 4.20
CA ASP B 205 -37.34 3.39 4.40
C ASP B 205 -37.63 4.16 3.12
N TYR B 206 -36.60 4.83 2.59
CA TYR B 206 -36.74 5.67 1.41
C TYR B 206 -37.25 4.82 0.25
N GLY B 207 -36.67 3.63 0.11
CA GLY B 207 -37.05 2.68 -0.93
C GLY B 207 -38.51 2.24 -0.81
N LEU B 208 -38.94 1.91 0.42
CA LEU B 208 -40.31 1.45 0.63
C LEU B 208 -41.28 2.52 0.12
N ASN B 209 -41.01 3.78 0.49
CA ASN B 209 -41.91 4.86 0.15
C ASN B 209 -41.96 5.02 -1.37
N LYS B 210 -40.83 4.94 -2.07
CA LYS B 210 -40.82 4.98 -3.52
C LYS B 210 -41.78 3.93 -4.05
N PHE B 211 -41.67 2.72 -3.50
CA PHE B 211 -42.36 1.54 -3.99
C PHE B 211 -43.85 1.59 -3.64
N ARG B 212 -44.18 2.14 -2.46
CA ARG B 212 -45.57 2.28 -2.06
C ARG B 212 -46.28 3.20 -3.04
N ASN B 213 -45.65 4.30 -3.43
CA ASN B 213 -46.23 5.21 -4.41
C ASN B 213 -46.47 4.49 -5.73
N ALA B 214 -45.52 3.65 -6.14
CA ALA B 214 -45.60 2.97 -7.42
C ALA B 214 -46.75 1.95 -7.43
N TRP B 215 -46.91 1.25 -6.30
CA TRP B 215 -47.95 0.25 -6.10
C TRP B 215 -49.32 0.90 -6.15
N ASP B 216 -49.42 2.09 -5.53
CA ASP B 216 -50.64 2.85 -5.45
C ASP B 216 -51.03 3.38 -6.84
N ASN B 217 -50.15 3.26 -7.83
CA ASN B 217 -50.49 3.66 -9.18
C ASN B 217 -50.48 2.44 -10.10
N THR B 218 -50.71 1.25 -9.53
CA THR B 218 -50.72 0.03 -10.31
C THR B 218 -52.03 -0.70 -10.05
N VAL B 219 -52.61 -1.27 -11.11
CA VAL B 219 -53.79 -2.10 -10.92
C VAL B 219 -53.29 -3.51 -10.63
N THR B 220 -53.48 -3.94 -9.38
CA THR B 220 -52.83 -5.15 -8.89
C THR B 220 -53.80 -6.33 -9.02
N GLU B 221 -54.89 -6.29 -8.22
CA GLU B 221 -55.96 -7.28 -8.27
C GLU B 221 -56.69 -7.23 -9.62
N MET C 1 -7.49 23.04 17.40
CA MET C 1 -8.60 22.04 17.27
C MET C 1 -9.63 22.28 18.36
N LYS C 2 -10.90 22.18 18.00
CA LYS C 2 -12.01 22.68 18.81
C LYS C 2 -12.90 21.54 19.29
N TYR C 3 -13.22 21.56 20.60
CA TYR C 3 -14.17 20.64 21.21
C TYR C 3 -15.46 21.40 21.52
N PHE C 4 -16.58 20.98 20.93
CA PHE C 4 -17.90 21.52 21.25
C PHE C 4 -18.69 20.49 22.04
N LEU C 5 -19.57 20.96 22.94
CA LEU C 5 -20.40 20.06 23.71
C LEU C 5 -21.76 19.89 23.03
N ASP C 6 -22.12 18.63 22.72
CA ASP C 6 -23.41 18.33 22.14
C ASP C 6 -24.36 17.99 23.28
N SER C 7 -24.86 19.04 23.95
CA SER C 7 -25.79 18.92 25.06
C SER C 7 -26.62 20.19 25.19
N ALA C 8 -27.75 20.09 25.89
CA ALA C 8 -28.56 21.26 26.21
C ALA C 8 -28.70 21.43 27.73
N ILE C 9 -27.88 20.68 28.49
CA ILE C 9 -27.92 20.72 29.94
C ILE C 9 -26.90 21.74 30.42
N LEU C 10 -27.40 22.86 30.95
CA LEU C 10 -26.61 24.03 31.30
C LEU C 10 -25.48 23.66 32.27
N GLU C 11 -25.75 22.77 33.22
CA GLU C 11 -24.76 22.40 34.23
C GLU C 11 -23.58 21.67 33.57
N GLU C 12 -23.88 20.84 32.56
CA GLU C 12 -22.86 20.16 31.77
C GLU C 12 -22.00 21.21 31.03
N ILE C 13 -22.68 22.21 30.47
CA ILE C 13 -22.03 23.26 29.70
C ILE C 13 -21.14 24.11 30.62
N ARG C 14 -21.63 24.41 31.83
CA ARG C 14 -20.85 25.20 32.78
C ARG C 14 -19.54 24.49 33.12
N TYR C 15 -19.64 23.22 33.56
CA TYR C 15 -18.47 22.46 33.97
C TYR C 15 -17.46 22.40 32.82
N ALA C 16 -17.97 22.07 31.62
CA ALA C 16 -17.13 21.90 30.45
C ALA C 16 -16.32 23.15 30.16
N TYR C 17 -16.98 24.31 30.19
CA TYR C 17 -16.35 25.58 29.87
C TYR C 17 -15.25 25.86 30.89
N GLU C 18 -15.55 25.66 32.18
CA GLU C 18 -14.67 26.05 33.25
C GLU C 18 -13.46 25.13 33.32
N ASN C 19 -13.63 23.84 33.02
CA ASN C 19 -12.60 22.84 33.30
C ASN C 19 -12.00 22.23 32.04
N TRP C 20 -12.77 22.16 30.95
CA TRP C 20 -12.32 21.49 29.74
C TRP C 20 -11.98 22.49 28.64
N ALA C 21 -12.31 23.78 28.86
CA ALA C 21 -12.07 24.80 27.87
C ALA C 21 -12.77 24.48 26.56
N ILE C 22 -13.99 23.97 26.66
CA ILE C 22 -14.85 23.76 25.50
C ILE C 22 -14.89 25.05 24.70
N ASP C 23 -14.95 24.93 23.37
CA ASP C 23 -14.82 26.08 22.47
C ASP C 23 -16.18 26.49 21.91
N GLY C 24 -17.27 25.90 22.43
CA GLY C 24 -18.61 26.15 21.92
C GLY C 24 -19.58 25.01 22.24
N VAL C 25 -20.81 25.13 21.72
CA VAL C 25 -21.93 24.27 22.07
C VAL C 25 -22.80 23.98 20.85
N THR C 26 -23.26 22.72 20.73
CA THR C 26 -24.25 22.31 19.75
C THR C 26 -25.49 21.76 20.46
N THR C 27 -26.67 22.05 19.88
CA THR C 27 -27.95 21.52 20.34
C THR C 27 -28.74 21.07 19.12
N ASN C 28 -29.84 20.34 19.37
CA ASN C 28 -30.81 19.96 18.37
C ASN C 28 -32.13 19.65 19.07
N PRO C 29 -33.27 19.53 18.34
CA PRO C 29 -34.56 19.35 18.99
C PRO C 29 -34.62 18.23 20.03
N ARG C 30 -33.83 17.15 19.81
CA ARG C 30 -33.79 16.02 20.72
C ARG C 30 -33.12 16.46 22.03
N HIS C 31 -31.99 17.17 21.94
CA HIS C 31 -31.32 17.60 23.16
C HIS C 31 -32.15 18.64 23.90
N ILE C 32 -32.83 19.51 23.15
CA ILE C 32 -33.70 20.51 23.75
C ILE C 32 -34.77 19.79 24.57
N MET C 33 -35.41 18.79 23.94
CA MET C 33 -36.45 18.02 24.58
C MET C 33 -35.93 17.44 25.89
N ASN C 34 -34.77 16.77 25.85
CA ASN C 34 -34.27 16.03 26.99
C ASN C 34 -33.68 16.95 28.04
N SER C 35 -33.74 18.27 27.80
CA SER C 35 -33.33 19.22 28.83
C SER C 35 -34.40 19.28 29.91
N GLY C 36 -35.66 19.01 29.53
CA GLY C 36 -36.79 19.15 30.43
C GLY C 36 -37.42 20.54 30.36
N LYS C 37 -36.61 21.54 29.98
CA LYS C 37 -37.04 22.93 29.97
C LYS C 37 -37.66 23.22 28.61
N PRO C 38 -38.46 24.32 28.47
CA PRO C 38 -38.93 24.77 27.16
C PRO C 38 -37.84 25.54 26.39
N PHE C 39 -38.00 25.55 25.06
CA PHE C 39 -36.97 25.98 24.14
C PHE C 39 -36.50 27.40 24.50
N LEU C 40 -37.44 28.36 24.55
CA LEU C 40 -37.09 29.76 24.70
C LEU C 40 -36.51 30.02 26.09
N THR C 41 -36.76 29.13 27.05
CA THR C 41 -36.18 29.23 28.38
C THR C 41 -34.71 28.79 28.33
N VAL C 42 -34.46 27.64 27.68
CA VAL C 42 -33.10 27.16 27.47
C VAL C 42 -32.29 28.28 26.82
N LEU C 43 -32.83 28.84 25.73
CA LEU C 43 -32.15 29.87 24.96
C LEU C 43 -31.86 31.07 25.84
N ASP C 44 -32.84 31.46 26.67
CA ASP C 44 -32.68 32.62 27.50
C ASP C 44 -31.55 32.39 28.50
N GLU C 45 -31.58 31.24 29.18
CA GLU C 45 -30.54 30.88 30.12
C GLU C 45 -29.16 30.95 29.47
N PHE C 46 -29.06 30.51 28.20
CA PHE C 46 -27.80 30.53 27.48
C PHE C 46 -27.37 31.99 27.22
N ALA C 47 -28.30 32.78 26.67
CA ALA C 47 -28.05 34.18 26.37
C ALA C 47 -27.38 34.86 27.56
N SER C 48 -28.00 34.72 28.74
CA SER C 48 -27.49 35.32 29.97
C SER C 48 -26.15 34.71 30.36
N GLU C 49 -26.06 33.37 30.31
CA GLU C 49 -24.86 32.67 30.75
C GLU C 49 -23.63 33.18 30.00
N PHE C 50 -23.78 33.52 28.70
CA PHE C 50 -22.63 33.85 27.89
C PHE C 50 -22.74 35.27 27.32
N LYS C 51 -23.52 36.16 27.95
CA LYS C 51 -23.61 37.55 27.53
C LYS C 51 -22.21 38.06 27.23
N GLY C 52 -21.28 37.90 28.18
CA GLY C 52 -19.91 38.38 28.02
C GLY C 52 -19.16 37.77 26.83
N VAL C 53 -19.12 36.42 26.78
CA VAL C 53 -18.09 35.65 26.08
C VAL C 53 -18.19 35.88 24.57
N GLU C 54 -17.04 36.09 23.92
CA GLU C 54 -17.00 36.81 22.65
C GLU C 54 -17.01 35.86 21.44
N ASN C 55 -16.17 34.82 21.44
CA ASN C 55 -16.13 33.93 20.27
C ASN C 55 -16.45 32.53 20.74
N PHE C 56 -17.74 32.30 21.02
CA PHE C 56 -18.23 31.04 21.60
C PHE C 56 -19.56 30.67 20.97
N PRO C 57 -19.57 29.91 19.85
CA PRO C 57 -20.81 29.58 19.15
C PRO C 57 -21.71 28.60 19.88
N ILE C 58 -23.02 28.86 19.80
CA ILE C 58 -24.05 28.00 20.38
C ILE C 58 -25.03 27.67 19.26
N SER C 59 -25.04 26.41 18.79
CA SER C 59 -25.83 26.05 17.63
C SER C 59 -27.22 25.60 18.06
N VAL C 60 -28.23 26.24 17.47
CA VAL C 60 -29.61 26.17 17.94
C VAL C 60 -30.49 25.89 16.72
N GLU C 61 -31.27 24.80 16.75
CA GLU C 61 -31.93 24.35 15.53
C GLU C 61 -33.37 24.86 15.45
N ILE C 62 -33.69 25.48 14.31
CA ILE C 62 -35.03 25.97 14.01
C ILE C 62 -35.99 24.79 13.87
N ASN C 63 -37.29 25.11 13.95
CA ASN C 63 -38.36 24.14 13.85
C ASN C 63 -38.15 23.28 12.60
N PRO C 64 -38.04 21.93 12.77
CA PRO C 64 -37.81 21.03 11.64
C PRO C 64 -38.99 20.79 10.69
N HIS C 65 -40.20 21.20 11.11
CA HIS C 65 -41.37 21.07 10.25
C HIS C 65 -41.27 22.00 9.03
N LEU C 66 -40.64 23.18 9.20
CA LEU C 66 -40.60 24.20 8.17
C LEU C 66 -40.18 23.58 6.84
N ASP C 67 -40.83 23.99 5.74
CA ASP C 67 -40.64 23.37 4.44
C ASP C 67 -40.35 24.41 3.33
N ASN C 68 -39.89 25.61 3.72
CA ASN C 68 -39.76 26.70 2.78
C ASN C 68 -38.75 27.68 3.37
N ALA C 69 -37.89 28.23 2.49
CA ALA C 69 -36.80 29.10 2.93
C ALA C 69 -37.33 30.36 3.62
N LYS C 70 -38.39 30.97 3.08
CA LYS C 70 -38.90 32.24 3.57
C LYS C 70 -39.16 32.15 5.07
N ASP C 71 -39.89 31.09 5.48
CA ASP C 71 -40.28 30.90 6.86
C ASP C 71 -39.06 30.58 7.72
N MET C 72 -38.21 29.70 7.19
CA MET C 72 -36.97 29.32 7.84
C MET C 72 -36.19 30.58 8.27
N VAL C 73 -36.02 31.51 7.33
CA VAL C 73 -35.23 32.71 7.54
C VAL C 73 -35.89 33.60 8.60
N GLU C 74 -37.22 33.66 8.57
CA GLU C 74 -37.98 34.46 9.52
C GLU C 74 -37.71 33.94 10.93
N GLU C 75 -37.95 32.64 11.15
CA GLU C 75 -37.90 32.05 12.48
C GLU C 75 -36.48 32.10 13.04
N GLY C 76 -35.49 31.93 12.16
CA GLY C 76 -34.09 31.90 12.56
C GLY C 76 -33.58 33.28 12.98
N THR C 77 -34.03 34.31 12.24
CA THR C 77 -33.68 35.69 12.54
C THR C 77 -34.14 36.04 13.95
N LYS C 78 -35.34 35.57 14.31
CA LYS C 78 -35.92 35.77 15.63
C LYS C 78 -34.95 35.24 16.68
N ILE C 79 -34.46 34.01 16.45
CA ILE C 79 -33.56 33.33 17.36
C ILE C 79 -32.22 34.05 17.45
N ALA C 80 -31.74 34.54 16.29
CA ALA C 80 -30.47 35.25 16.23
C ALA C 80 -30.49 36.50 17.10
N LYS C 81 -31.61 37.23 17.06
CA LYS C 81 -31.77 38.42 17.86
C LYS C 81 -31.49 38.10 19.33
N LEU C 82 -31.90 36.91 19.80
CA LEU C 82 -31.86 36.56 21.21
C LEU C 82 -30.43 36.56 21.78
N SER C 83 -29.42 36.30 20.93
CA SER C 83 -28.02 36.35 21.36
C SER C 83 -27.10 36.25 20.14
N SER C 84 -25.98 37.00 20.20
CA SER C 84 -25.01 37.04 19.12
C SER C 84 -24.07 35.83 19.17
N ASN C 85 -24.23 34.98 20.20
CA ASN C 85 -23.48 33.75 20.26
C ASN C 85 -24.16 32.67 19.43
N PHE C 86 -25.47 32.82 19.21
CA PHE C 86 -26.26 31.78 18.59
C PHE C 86 -25.89 31.62 17.11
N VAL C 87 -25.82 30.36 16.67
CA VAL C 87 -25.72 30.00 15.27
C VAL C 87 -26.96 29.17 14.91
N ILE C 88 -27.44 29.34 13.67
CA ILE C 88 -28.70 28.76 13.26
C ILE C 88 -28.46 27.39 12.61
N LYS C 89 -28.81 26.32 13.34
CA LYS C 89 -28.70 24.94 12.83
C LYS C 89 -29.86 24.71 11.86
N ILE C 90 -29.53 24.14 10.69
CA ILE C 90 -30.45 24.08 9.55
C ILE C 90 -30.22 22.77 8.80
N PRO C 91 -31.27 21.98 8.49
CA PRO C 91 -31.09 20.71 7.77
C PRO C 91 -30.59 20.89 6.35
N CYS C 92 -29.87 19.88 5.86
CA CYS C 92 -29.32 19.88 4.51
C CYS C 92 -30.39 19.43 3.53
N THR C 93 -31.37 20.31 3.30
CA THR C 93 -32.45 20.11 2.36
C THR C 93 -32.41 21.22 1.33
N GLU C 94 -33.22 21.09 0.27
CA GLU C 94 -33.26 22.09 -0.80
C GLU C 94 -33.60 23.45 -0.21
N PRO C 95 -34.72 23.62 0.53
CA PRO C 95 -35.01 24.87 1.24
C PRO C 95 -33.98 25.22 2.30
N GLY C 96 -33.53 24.23 3.06
CA GLY C 96 -32.51 24.44 4.09
C GLY C 96 -31.31 25.22 3.55
N LEU C 97 -30.76 24.73 2.43
CA LEU C 97 -29.59 25.34 1.82
C LEU C 97 -29.93 26.74 1.35
N ILE C 98 -31.05 26.91 0.63
CA ILE C 98 -31.43 28.21 0.12
C ILE C 98 -31.48 29.22 1.27
N ALA C 99 -32.05 28.79 2.40
CA ALA C 99 -32.18 29.63 3.57
C ALA C 99 -30.80 30.01 4.12
N ALA C 100 -29.92 29.01 4.25
CA ALA C 100 -28.57 29.26 4.73
C ALA C 100 -27.88 30.28 3.84
N LYS C 101 -28.00 30.10 2.52
CA LYS C 101 -27.40 31.00 1.53
C LYS C 101 -27.78 32.44 1.87
N GLU C 102 -29.07 32.66 2.16
CA GLU C 102 -29.62 33.97 2.48
C GLU C 102 -29.10 34.43 3.85
N PHE C 103 -29.25 33.58 4.87
CA PHE C 103 -28.80 33.90 6.21
C PHE C 103 -27.37 34.43 6.15
N GLU C 104 -26.49 33.78 5.40
CA GLU C 104 -25.08 34.12 5.42
C GLU C 104 -24.84 35.41 4.64
N LYS C 105 -25.57 35.59 3.53
CA LYS C 105 -25.55 36.85 2.79
C LYS C 105 -25.88 38.00 3.75
N GLN C 106 -26.85 37.77 4.65
CA GLN C 106 -27.29 38.77 5.61
C GLN C 106 -26.39 38.78 6.86
N GLY C 107 -25.27 38.05 6.81
CA GLY C 107 -24.30 38.04 7.90
C GLY C 107 -24.78 37.31 9.17
N ILE C 108 -25.73 36.38 9.01
CA ILE C 108 -26.17 35.53 10.11
C ILE C 108 -25.54 34.15 9.94
N SER C 109 -24.73 33.73 10.93
CA SER C 109 -24.00 32.47 10.85
C SER C 109 -24.96 31.29 10.95
N THR C 110 -24.69 30.26 10.13
CA THR C 110 -25.50 29.06 10.07
C THR C 110 -24.64 27.81 10.29
N ASN C 111 -25.31 26.73 10.66
CA ASN C 111 -24.70 25.42 10.83
C ASN C 111 -25.56 24.40 10.09
N VAL C 112 -25.10 23.96 8.92
CA VAL C 112 -25.89 23.01 8.17
C VAL C 112 -25.65 21.61 8.75
N THR C 113 -26.75 20.96 9.18
CA THR C 113 -26.70 19.69 9.88
C THR C 113 -27.38 18.62 9.02
N LEU C 114 -27.35 17.37 9.50
CA LEU C 114 -27.91 16.23 8.78
C LEU C 114 -27.25 16.11 7.42
N VAL C 115 -25.92 16.21 7.44
CA VAL C 115 -25.04 15.94 6.31
C VAL C 115 -24.46 14.54 6.46
N PHE C 116 -24.52 13.73 5.39
CA PHE C 116 -24.18 12.33 5.47
C PHE C 116 -23.24 11.87 4.35
N SER C 117 -22.87 12.78 3.44
CA SER C 117 -21.98 12.46 2.33
C SER C 117 -21.16 13.69 2.00
N PRO C 118 -20.04 13.55 1.27
CA PRO C 118 -19.26 14.72 0.84
C PRO C 118 -19.96 15.63 -0.15
N SER C 119 -20.85 15.09 -0.99
CA SER C 119 -21.59 15.89 -1.95
C SER C 119 -22.57 16.80 -1.23
N GLN C 120 -23.15 16.29 -0.13
CA GLN C 120 -24.00 17.06 0.75
C GLN C 120 -23.19 18.15 1.45
N ALA C 121 -21.93 17.84 1.80
CA ALA C 121 -21.08 18.78 2.51
C ALA C 121 -20.62 19.90 1.60
N LEU C 122 -20.56 19.64 0.29
CA LEU C 122 -19.97 20.60 -0.63
C LEU C 122 -20.82 21.86 -0.70
N GLN C 123 -22.13 21.69 -0.83
CA GLN C 123 -22.99 22.84 -1.13
C GLN C 123 -22.94 23.85 0.00
N PRO C 124 -23.05 23.46 1.30
CA PRO C 124 -22.91 24.40 2.40
C PRO C 124 -21.66 25.27 2.28
N ALA C 125 -20.53 24.62 1.96
CA ALA C 125 -19.27 25.32 1.74
C ALA C 125 -19.39 26.28 0.55
N ARG C 126 -20.09 25.87 -0.50
CA ARG C 126 -20.23 26.65 -1.71
C ARG C 126 -21.10 27.89 -1.48
N ILE C 127 -21.94 27.86 -0.43
CA ILE C 127 -22.78 28.98 -0.07
C ILE C 127 -22.22 29.76 1.12
N GLY C 128 -21.01 29.40 1.56
CA GLY C 128 -20.34 30.11 2.63
C GLY C 128 -21.02 29.96 3.99
N ALA C 129 -21.42 28.73 4.33
CA ALA C 129 -21.88 28.42 5.67
C ALA C 129 -20.71 28.53 6.66
N LYS C 130 -21.01 28.92 7.90
CA LYS C 130 -19.96 29.07 8.90
C LYS C 130 -19.61 27.68 9.43
N PHE C 131 -20.61 26.79 9.50
CA PHE C 131 -20.41 25.43 9.98
C PHE C 131 -21.20 24.42 9.15
N VAL C 132 -20.56 23.27 8.92
CA VAL C 132 -21.23 22.07 8.43
C VAL C 132 -21.01 20.96 9.45
N SER C 133 -22.04 20.15 9.67
CA SER C 133 -22.01 19.07 10.66
C SER C 133 -22.27 17.73 10.01
N PRO C 134 -21.23 17.00 9.52
CA PRO C 134 -21.39 15.63 9.04
C PRO C 134 -21.51 14.61 10.19
N PHE C 135 -22.35 13.60 9.99
CA PHE C 135 -22.74 12.65 11.02
C PHE C 135 -22.01 11.32 10.86
N VAL C 136 -21.61 10.74 12.00
CA VAL C 136 -20.96 9.45 12.05
C VAL C 136 -21.92 8.37 12.57
N GLY C 137 -22.40 8.56 13.80
CA GLY C 137 -23.07 7.55 14.60
C GLY C 137 -24.22 6.83 13.90
N TRP C 138 -25.16 7.59 13.32
CA TRP C 138 -26.37 7.02 12.75
C TRP C 138 -26.04 6.10 11.59
N LYS C 139 -25.06 6.51 10.78
CA LYS C 139 -24.57 5.68 9.70
C LYS C 139 -24.03 4.36 10.25
N GLU C 140 -23.15 4.44 11.26
CA GLU C 140 -22.52 3.25 11.81
C GLU C 140 -23.57 2.30 12.39
N ASN C 141 -24.64 2.84 12.99
CA ASN C 141 -25.70 2.03 13.57
C ASN C 141 -26.29 1.08 12.53
N SER C 142 -26.31 1.52 11.26
CA SER C 142 -26.90 0.75 10.16
C SER C 142 -25.85 -0.04 9.39
N GLY C 143 -24.59 0.04 9.82
CA GLY C 143 -23.52 -0.78 9.27
C GLY C 143 -22.65 -0.08 8.23
N ASP C 144 -22.90 1.22 7.98
CA ASP C 144 -22.10 2.01 7.06
C ASP C 144 -20.80 2.44 7.73
N ASP C 145 -19.71 2.49 6.94
CA ASP C 145 -18.42 2.96 7.40
C ASP C 145 -18.31 4.45 7.05
N THR C 146 -17.67 5.22 7.93
CA THR C 146 -17.74 6.68 7.83
C THR C 146 -16.37 7.31 7.58
N THR C 147 -15.29 6.58 7.84
CA THR C 147 -13.97 7.17 7.96
C THR C 147 -13.55 7.81 6.64
N GLN C 148 -13.87 7.17 5.50
CA GLN C 148 -13.51 7.71 4.20
C GLN C 148 -14.25 9.03 3.96
N TYR C 149 -15.58 9.05 4.16
CA TYR C 149 -16.36 10.19 3.74
C TYR C 149 -15.98 11.43 4.56
N ILE C 150 -15.62 11.21 5.83
CA ILE C 150 -15.19 12.33 6.67
C ILE C 150 -13.84 12.84 6.16
N GLN C 151 -12.91 11.91 5.92
CA GLN C 151 -11.59 12.30 5.43
C GLN C 151 -11.79 13.06 4.11
N ASP C 152 -12.65 12.54 3.25
CA ASP C 152 -12.87 13.14 1.94
C ASP C 152 -13.30 14.60 2.11
N ILE C 153 -14.30 14.83 2.97
CA ILE C 153 -14.80 16.18 3.21
C ILE C 153 -13.64 17.11 3.61
N VAL C 154 -12.81 16.69 4.55
CA VAL C 154 -11.74 17.54 5.06
C VAL C 154 -10.78 17.89 3.93
N ASN C 155 -10.35 16.86 3.19
CA ASN C 155 -9.41 17.04 2.09
C ASN C 155 -9.98 18.00 1.05
N ILE C 156 -11.28 17.86 0.78
CA ILE C 156 -11.96 18.66 -0.21
C ILE C 156 -11.96 20.13 0.23
N TYR C 157 -12.37 20.36 1.48
CA TYR C 157 -12.42 21.69 2.05
C TYR C 157 -11.03 22.34 2.02
N LYS C 158 -10.00 21.62 2.49
CA LYS C 158 -8.64 22.14 2.46
C LYS C 158 -8.23 22.43 1.03
N ASN C 159 -8.56 21.50 0.11
CA ASN C 159 -8.03 21.58 -1.25
C ASN C 159 -8.59 22.80 -1.97
N TYR C 160 -9.85 23.19 -1.70
CA TYR C 160 -10.47 24.29 -2.42
C TYR C 160 -10.58 25.54 -1.55
N ASN C 161 -9.83 25.55 -0.42
CA ASN C 161 -9.71 26.67 0.49
C ASN C 161 -11.07 27.26 0.86
N TYR C 162 -12.00 26.42 1.32
CA TYR C 162 -13.27 26.89 1.88
C TYR C 162 -13.06 27.23 3.34
N ASN C 163 -13.76 28.26 3.84
CA ASN C 163 -13.65 28.71 5.22
C ASN C 163 -14.54 27.90 6.14
N THR C 164 -15.57 27.25 5.58
CA THR C 164 -16.53 26.53 6.38
C THR C 164 -15.79 25.54 7.28
N GLU C 165 -16.21 25.50 8.56
CA GLU C 165 -15.59 24.64 9.55
C GLU C 165 -16.46 23.41 9.74
N ILE C 166 -15.82 22.24 9.78
CA ILE C 166 -16.43 20.93 9.87
C ILE C 166 -16.62 20.59 11.33
N ILE C 167 -17.85 20.22 11.72
CA ILE C 167 -18.14 19.71 13.05
C ILE C 167 -18.51 18.25 12.91
N VAL C 168 -17.58 17.34 13.25
CA VAL C 168 -17.92 15.93 13.17
C VAL C 168 -18.91 15.65 14.30
N ALA C 169 -20.02 14.97 13.99
CA ALA C 169 -21.16 14.91 14.89
C ALA C 169 -21.68 13.48 15.03
N ALA C 170 -22.50 13.26 16.07
CA ALA C 170 -23.02 11.97 16.46
C ALA C 170 -21.88 11.04 16.85
N LEU C 171 -20.99 11.55 17.71
CA LEU C 171 -19.83 10.80 18.16
C LEU C 171 -20.16 10.17 19.51
N ARG C 172 -19.50 9.05 19.82
CA ARG C 172 -19.93 8.22 20.92
C ARG C 172 -18.73 7.69 21.73
N ASN C 173 -17.48 7.97 21.32
CA ASN C 173 -16.33 7.51 22.07
C ASN C 173 -15.06 8.29 21.69
N GLY C 174 -13.99 8.06 22.46
CA GLY C 174 -12.70 8.71 22.25
C GLY C 174 -12.02 8.35 20.92
N LYS C 175 -12.01 7.05 20.58
CA LYS C 175 -11.38 6.60 19.34
C LYS C 175 -11.87 7.49 18.18
N GLN C 176 -13.19 7.79 18.17
CA GLN C 176 -13.81 8.52 17.07
C GLN C 176 -13.34 9.97 17.01
N ILE C 177 -13.17 10.58 18.18
CA ILE C 177 -12.54 11.89 18.29
C ILE C 177 -11.17 11.86 17.61
N VAL C 178 -10.38 10.84 17.97
CA VAL C 178 -9.05 10.71 17.43
C VAL C 178 -9.11 10.56 15.90
N ASP C 179 -10.01 9.71 15.39
CA ASP C 179 -10.19 9.56 13.96
C ASP C 179 -10.33 10.92 13.27
N ALA C 180 -11.11 11.81 13.89
CA ALA C 180 -11.39 13.12 13.33
C ALA C 180 -10.15 14.00 13.42
N ALA C 181 -9.42 13.90 14.53
CA ALA C 181 -8.19 14.65 14.70
C ALA C 181 -7.19 14.22 13.62
N LYS C 182 -7.13 12.91 13.37
CA LYS C 182 -6.22 12.38 12.38
C LYS C 182 -6.61 12.90 10.99
N ALA C 183 -7.93 13.01 10.75
CA ALA C 183 -8.46 13.46 9.48
C ALA C 183 -8.19 14.95 9.31
N GLY C 184 -8.16 15.68 10.42
CA GLY C 184 -7.91 17.11 10.40
C GLY C 184 -9.19 17.93 10.42
N ALA C 185 -10.31 17.30 10.83
CA ALA C 185 -11.55 18.02 11.02
C ALA C 185 -11.31 19.22 11.95
N HIS C 186 -11.99 20.32 11.66
CA HIS C 186 -11.80 21.55 12.41
C HIS C 186 -12.31 21.38 13.83
N ILE C 187 -13.49 20.77 13.96
CA ILE C 187 -14.23 20.74 15.20
C ILE C 187 -14.82 19.34 15.40
N VAL C 188 -15.08 19.00 16.66
CA VAL C 188 -15.75 17.78 17.01
C VAL C 188 -16.80 18.13 18.06
N THR C 189 -17.93 17.42 18.09
CA THR C 189 -18.96 17.70 19.09
C THR C 189 -19.43 16.39 19.71
N CYS C 190 -19.39 16.34 21.05
CA CYS C 190 -19.59 15.12 21.79
C CYS C 190 -20.38 15.38 23.06
N GLY C 191 -21.07 14.34 23.56
CA GLY C 191 -21.73 14.40 24.85
C GLY C 191 -20.73 14.55 25.99
N PHE C 192 -21.23 14.99 27.14
CA PHE C 192 -20.39 15.24 28.31
C PHE C 192 -19.54 14.01 28.62
N ASP C 193 -20.21 12.86 28.72
CA ASP C 193 -19.58 11.65 29.24
C ASP C 193 -18.51 11.15 28.28
N VAL C 194 -18.74 11.32 26.98
CA VAL C 194 -17.76 10.95 25.96
C VAL C 194 -16.42 11.62 26.24
N TYR C 195 -16.44 12.95 26.34
CA TYR C 195 -15.23 13.71 26.60
C TYR C 195 -14.63 13.25 27.93
N LYS C 196 -15.45 13.16 28.98
CA LYS C 196 -14.96 12.82 30.32
C LYS C 196 -14.12 11.56 30.24
N GLU C 197 -14.65 10.53 29.56
CA GLU C 197 -14.05 9.21 29.52
C GLU C 197 -12.89 9.16 28.53
N SER C 198 -12.89 10.09 27.57
CA SER C 198 -11.82 10.17 26.59
C SER C 198 -10.52 10.62 27.26
N PHE C 199 -10.64 11.13 28.51
CA PHE C 199 -9.48 11.57 29.26
C PHE C 199 -8.97 10.46 30.19
N GLN C 200 -9.77 9.40 30.41
CA GLN C 200 -9.43 8.40 31.42
C GLN C 200 -9.06 7.08 30.77
N HIS C 201 -8.08 6.38 31.37
CA HIS C 201 -7.52 5.16 30.80
C HIS C 201 -7.01 4.27 31.93
N ALA C 202 -7.32 2.97 31.83
CA ALA C 202 -7.01 1.99 32.87
C ALA C 202 -5.52 1.95 33.21
N PHE C 203 -4.66 2.24 32.23
CA PHE C 203 -3.23 2.23 32.48
C PHE C 203 -2.83 3.38 33.39
N THR C 204 -3.59 4.49 33.35
CA THR C 204 -3.33 5.60 34.26
C THR C 204 -3.57 5.13 35.69
N ASP C 205 -4.72 4.52 35.92
CA ASP C 205 -5.04 4.00 37.25
C ASP C 205 -3.91 3.08 37.70
N TYR C 206 -3.51 2.16 36.81
CA TYR C 206 -2.48 1.17 37.10
C TYR C 206 -1.19 1.89 37.48
N GLY C 207 -0.86 2.93 36.70
CA GLY C 207 0.32 3.74 36.93
C GLY C 207 0.31 4.42 38.30
N LEU C 208 -0.83 5.03 38.65
CA LEU C 208 -0.96 5.75 39.91
C LEU C 208 -0.64 4.80 41.05
N ASN C 209 -1.22 3.59 41.00
CA ASN C 209 -1.05 2.64 42.07
C ASN C 209 0.43 2.24 42.21
N LYS C 210 1.10 1.99 41.08
CA LYS C 210 2.54 1.72 41.12
C LYS C 210 3.26 2.83 41.88
N PHE C 211 2.90 4.07 41.54
CA PHE C 211 3.60 5.26 42.00
C PHE C 211 3.25 5.57 43.47
N ARG C 212 2.01 5.26 43.87
CA ARG C 212 1.63 5.45 45.26
C ARG C 212 2.47 4.56 46.16
N ASN C 213 2.68 3.30 45.73
CA ASN C 213 3.51 2.37 46.47
C ASN C 213 4.93 2.92 46.59
N ALA C 214 5.44 3.47 45.50
CA ALA C 214 6.81 3.95 45.44
C ALA C 214 7.02 5.14 46.37
N TRP C 215 6.03 6.04 46.39
CA TRP C 215 6.03 7.23 47.21
C TRP C 215 6.01 6.86 48.70
N ASP C 216 5.21 5.84 49.01
CA ASP C 216 5.05 5.34 50.36
C ASP C 216 6.33 4.66 50.84
N ASN C 217 7.30 4.44 49.95
CA ASN C 217 8.57 3.87 50.32
C ASN C 217 9.69 4.88 50.08
N THR C 218 9.35 6.18 50.09
CA THR C 218 10.31 7.23 49.90
C THR C 218 10.20 8.21 51.07
N VAL C 219 11.33 8.85 51.42
CA VAL C 219 11.27 9.92 52.41
C VAL C 219 10.91 11.22 51.69
N THR C 220 9.68 11.67 51.90
CA THR C 220 9.10 12.68 51.05
C THR C 220 9.17 14.05 51.71
N GLU C 221 9.77 14.17 52.92
CA GLU C 221 9.94 15.46 53.61
C GLU C 221 11.25 15.58 54.41
N ALA C 222 12.45 15.39 53.76
CA ALA C 222 13.76 15.19 54.41
C ALA C 222 13.70 15.55 55.90
N MET D 1 15.21 -25.85 -1.26
CA MET D 1 16.03 -24.73 -1.80
C MET D 1 17.49 -25.15 -1.97
N LYS D 2 18.06 -24.79 -3.10
CA LYS D 2 19.33 -25.32 -3.56
C LYS D 2 20.40 -24.23 -3.59
N TYR D 3 21.59 -24.55 -3.05
CA TYR D 3 22.77 -23.72 -3.16
C TYR D 3 23.76 -24.37 -4.14
N PHE D 4 24.09 -23.67 -5.24
CA PHE D 4 25.13 -24.12 -6.16
C PHE D 4 26.37 -23.24 -6.01
N LEU D 5 27.55 -23.81 -6.23
CA LEU D 5 28.79 -23.05 -6.16
C LEU D 5 29.19 -22.55 -7.55
N ASP D 6 29.34 -21.24 -7.70
CA ASP D 6 29.79 -20.63 -8.94
C ASP D 6 31.31 -20.51 -8.86
N SER D 7 32.00 -21.64 -9.10
CA SER D 7 33.45 -21.69 -9.08
C SER D 7 33.96 -22.83 -9.96
N ALA D 8 35.23 -22.77 -10.36
CA ALA D 8 35.88 -23.87 -11.08
C ALA D 8 37.09 -24.36 -10.30
N ILE D 9 37.25 -23.92 -9.05
CA ILE D 9 38.34 -24.33 -8.19
C ILE D 9 37.90 -25.57 -7.40
N LEU D 10 38.49 -26.72 -7.74
CA LEU D 10 38.08 -28.01 -7.25
C LEU D 10 38.14 -28.06 -5.72
N GLU D 11 39.14 -27.42 -5.12
CA GLU D 11 39.29 -27.46 -3.66
C GLU D 11 38.13 -26.73 -2.99
N GLU D 12 37.65 -25.64 -3.61
CA GLU D 12 36.48 -24.91 -3.15
C GLU D 12 35.25 -25.82 -3.22
N ILE D 13 35.14 -26.57 -4.34
CA ILE D 13 34.02 -27.45 -4.59
C ILE D 13 34.03 -28.61 -3.58
N ARG D 14 35.23 -29.15 -3.28
CA ARG D 14 35.34 -30.23 -2.33
C ARG D 14 34.84 -29.81 -0.96
N TYR D 15 35.38 -28.69 -0.44
CA TYR D 15 35.03 -28.20 0.88
C TYR D 15 33.52 -27.96 0.98
N ALA D 16 32.98 -27.29 -0.05
CA ALA D 16 31.58 -26.92 -0.09
C ALA D 16 30.68 -28.15 0.03
N TYR D 17 31.00 -29.18 -0.75
CA TYR D 17 30.19 -30.40 -0.79
C TYR D 17 30.21 -31.06 0.59
N GLU D 18 31.40 -31.16 1.18
CA GLU D 18 31.59 -31.92 2.40
C GLU D 18 30.97 -31.20 3.60
N ASN D 19 31.02 -29.86 3.61
CA ASN D 19 30.66 -29.11 4.81
C ASN D 19 29.38 -28.28 4.64
N TRP D 20 29.08 -27.85 3.42
CA TRP D 20 27.96 -26.94 3.18
C TRP D 20 26.79 -27.66 2.52
N ALA D 21 27.02 -28.90 2.07
CA ALA D 21 25.99 -29.67 1.39
C ALA D 21 25.48 -28.92 0.15
N ILE D 22 26.41 -28.27 -0.58
CA ILE D 22 26.04 -27.67 -1.85
C ILE D 22 25.35 -28.73 -2.71
N ASP D 23 24.39 -28.28 -3.53
CA ASP D 23 23.51 -29.17 -4.27
C ASP D 23 23.92 -29.26 -5.74
N GLY D 24 25.10 -28.70 -6.09
CA GLY D 24 25.55 -28.65 -7.46
C GLY D 24 26.57 -27.52 -7.70
N VAL D 25 26.97 -27.37 -8.98
CA VAL D 25 28.06 -26.48 -9.37
C VAL D 25 27.75 -25.80 -10.71
N THR D 26 28.11 -24.49 -10.80
CA THR D 26 28.08 -23.72 -12.03
C THR D 26 29.47 -23.22 -12.40
N THR D 27 29.74 -23.20 -13.71
CA THR D 27 30.99 -22.68 -14.26
C THR D 27 30.68 -21.83 -15.48
N ASN D 28 31.70 -21.07 -15.93
CA ASN D 28 31.64 -20.33 -17.16
C ASN D 28 33.06 -20.06 -17.65
N PRO D 29 33.26 -19.64 -18.91
CA PRO D 29 34.60 -19.49 -19.46
C PRO D 29 35.56 -18.66 -18.61
N ARG D 30 35.04 -17.67 -17.86
CA ARG D 30 35.86 -16.84 -17.01
C ARG D 30 36.36 -17.66 -15.83
N HIS D 31 35.49 -18.44 -15.20
CA HIS D 31 35.91 -19.26 -14.07
C HIS D 31 36.86 -20.36 -14.53
N ILE D 32 36.62 -20.92 -15.72
CA ILE D 32 37.47 -21.93 -16.30
C ILE D 32 38.87 -21.33 -16.47
N MET D 33 38.95 -20.14 -17.05
CA MET D 33 40.22 -19.45 -17.25
C MET D 33 40.95 -19.32 -15.93
N ASN D 34 40.27 -18.82 -14.89
CA ASN D 34 40.93 -18.49 -13.64
C ASN D 34 41.23 -19.76 -12.82
N SER D 35 40.90 -20.94 -13.36
CA SER D 35 41.29 -22.18 -12.74
C SER D 35 42.79 -22.41 -12.94
N GLY D 36 43.33 -21.88 -14.04
CA GLY D 36 44.71 -22.12 -14.43
C GLY D 36 44.85 -23.33 -15.36
N LYS D 37 43.90 -24.26 -15.28
CA LYS D 37 43.95 -25.49 -16.08
C LYS D 37 43.25 -25.23 -17.41
N PRO D 38 43.41 -26.09 -18.44
CA PRO D 38 42.57 -26.08 -19.64
C PRO D 38 41.20 -26.71 -19.40
N PHE D 39 40.25 -26.34 -20.27
CA PHE D 39 38.85 -26.71 -20.17
C PHE D 39 38.68 -28.21 -19.96
N LEU D 40 39.21 -29.02 -20.90
CA LEU D 40 38.95 -30.45 -20.90
C LEU D 40 39.60 -31.13 -19.68
N THR D 41 40.62 -30.47 -19.09
CA THR D 41 41.26 -30.98 -17.88
C THR D 41 40.36 -30.73 -16.67
N VAL D 42 39.83 -29.49 -16.57
CA VAL D 42 38.87 -29.15 -15.54
C VAL D 42 37.72 -30.15 -15.57
N LEU D 43 37.16 -30.35 -16.76
CA LEU D 43 36.02 -31.25 -16.97
C LEU D 43 36.39 -32.65 -16.50
N ASP D 44 37.60 -33.10 -16.87
CA ASP D 44 38.01 -34.45 -16.55
C ASP D 44 38.09 -34.60 -15.03
N GLU D 45 38.76 -33.66 -14.35
CA GLU D 45 38.87 -33.70 -12.91
C GLU D 45 37.47 -33.79 -12.27
N PHE D 46 36.49 -33.06 -12.84
CA PHE D 46 35.13 -33.05 -12.31
C PHE D 46 34.49 -34.42 -12.50
N ALA D 47 34.55 -34.93 -13.75
CA ALA D 47 34.01 -36.23 -14.10
C ALA D 47 34.42 -37.26 -13.05
N SER D 48 35.73 -37.36 -12.79
CA SER D 48 36.27 -38.31 -11.84
C SER D 48 35.80 -38.00 -10.42
N GLU D 49 35.86 -36.71 -10.03
CA GLU D 49 35.51 -36.32 -8.67
C GLU D 49 34.10 -36.79 -8.32
N PHE D 50 33.17 -36.76 -9.28
CA PHE D 50 31.78 -37.05 -8.97
C PHE D 50 31.26 -38.25 -9.78
N LYS D 51 32.14 -39.14 -10.25
CA LYS D 51 31.73 -40.34 -10.97
C LYS D 51 30.54 -40.98 -10.25
N GLY D 52 30.68 -41.19 -8.94
CA GLY D 52 29.64 -41.82 -8.14
C GLY D 52 28.31 -41.05 -8.14
N VAL D 53 28.36 -39.76 -7.78
CA VAL D 53 27.22 -38.99 -7.30
C VAL D 53 26.17 -38.86 -8.39
N GLU D 54 24.90 -39.06 -8.04
CA GLU D 54 23.84 -39.26 -9.03
C GLU D 54 23.09 -37.96 -9.34
N ASN D 55 22.74 -37.19 -8.31
CA ASN D 55 21.85 -36.04 -8.49
C ASN D 55 22.58 -34.75 -8.12
N PHE D 56 23.62 -34.41 -8.90
CA PHE D 56 24.51 -33.30 -8.59
C PHE D 56 24.95 -32.63 -9.88
N PRO D 57 24.20 -31.61 -10.36
CA PRO D 57 24.51 -30.97 -11.64
C PRO D 57 25.76 -30.11 -11.64
N ILE D 58 26.50 -30.18 -12.75
CA ILE D 58 27.69 -29.37 -12.98
C ILE D 58 27.53 -28.64 -14.30
N SER D 59 27.33 -27.32 -14.26
CA SER D 59 27.01 -26.56 -15.46
C SER D 59 28.30 -26.08 -16.12
N VAL D 60 28.43 -26.44 -17.41
CA VAL D 60 29.70 -26.31 -18.12
C VAL D 60 29.39 -25.63 -19.46
N GLU D 61 30.04 -24.49 -19.73
CA GLU D 61 29.60 -23.64 -20.84
C GLU D 61 30.43 -23.90 -22.09
N ILE D 62 29.69 -24.15 -23.19
CA ILE D 62 30.27 -24.35 -24.50
C ILE D 62 30.96 -23.08 -24.97
N ASN D 63 31.84 -23.27 -25.97
CA ASN D 63 32.62 -22.19 -26.54
C ASN D 63 31.69 -21.06 -26.95
N PRO D 64 31.92 -19.82 -26.44
CA PRO D 64 31.08 -18.67 -26.77
C PRO D 64 31.22 -18.10 -28.17
N HIS D 65 32.26 -18.50 -28.91
CA HIS D 65 32.44 -18.05 -30.28
C HIS D 65 31.36 -18.64 -31.20
N LEU D 66 30.91 -19.88 -30.91
CA LEU D 66 29.97 -20.59 -31.76
C LEU D 66 28.79 -19.68 -32.10
N ASP D 67 28.33 -19.71 -33.37
CA ASP D 67 27.33 -18.76 -33.85
C ASP D 67 26.22 -19.48 -34.63
N ASN D 68 25.99 -20.76 -34.35
CA ASN D 68 25.06 -21.55 -35.13
C ASN D 68 24.69 -22.78 -34.30
N ALA D 69 23.41 -23.18 -34.37
CA ALA D 69 22.88 -24.22 -33.50
C ALA D 69 23.57 -25.57 -33.79
N LYS D 70 23.80 -25.88 -35.07
CA LYS D 70 24.28 -27.22 -35.42
C LYS D 70 25.60 -27.48 -34.72
N ASP D 71 26.52 -26.52 -34.73
CA ASP D 71 27.83 -26.66 -34.13
C ASP D 71 27.70 -26.73 -32.61
N MET D 72 26.88 -25.83 -32.07
CA MET D 72 26.60 -25.78 -30.65
C MET D 72 26.22 -27.17 -30.14
N VAL D 73 25.28 -27.82 -30.84
CA VAL D 73 24.76 -29.12 -30.41
C VAL D 73 25.87 -30.17 -30.48
N GLU D 74 26.70 -30.09 -31.52
CA GLU D 74 27.79 -31.02 -31.70
C GLU D 74 28.73 -30.95 -30.51
N GLU D 75 29.24 -29.75 -30.22
CA GLU D 75 30.28 -29.55 -29.22
C GLU D 75 29.75 -29.90 -27.83
N GLY D 76 28.47 -29.60 -27.57
CA GLY D 76 27.88 -29.84 -26.27
C GLY D 76 27.66 -31.33 -26.00
N THR D 77 27.24 -32.05 -27.05
CA THR D 77 27.04 -33.49 -26.97
C THR D 77 28.35 -34.17 -26.56
N LYS D 78 29.46 -33.70 -27.13
CA LYS D 78 30.79 -34.21 -26.81
C LYS D 78 31.01 -34.10 -25.31
N ILE D 79 30.71 -32.91 -24.75
CA ILE D 79 30.90 -32.61 -23.34
C ILE D 79 29.98 -33.48 -22.49
N ALA D 80 28.74 -33.69 -22.95
CA ALA D 80 27.76 -34.47 -22.23
C ALA D 80 28.24 -35.91 -22.04
N LYS D 81 28.83 -36.47 -23.10
CA LYS D 81 29.37 -37.81 -23.07
C LYS D 81 30.33 -37.95 -21.87
N LEU D 82 31.11 -36.90 -21.58
CA LEU D 82 32.18 -36.99 -20.60
C LEU D 82 31.68 -37.30 -19.19
N SER D 83 30.43 -36.91 -18.87
CA SER D 83 29.83 -37.22 -17.57
C SER D 83 28.35 -36.88 -17.57
N SER D 84 27.57 -37.72 -16.87
CA SER D 84 26.12 -37.58 -16.79
C SER D 84 25.74 -36.55 -15.72
N ASN D 85 26.73 -35.99 -15.03
CA ASN D 85 26.48 -34.90 -14.10
C ASN D 85 26.43 -33.57 -14.85
N PHE D 86 27.07 -33.53 -16.02
CA PHE D 86 27.25 -32.27 -16.72
C PHE D 86 25.92 -31.76 -17.27
N VAL D 87 25.72 -30.44 -17.15
CA VAL D 87 24.66 -29.74 -17.85
C VAL D 87 25.31 -28.71 -18.77
N ILE D 88 24.69 -28.49 -19.94
CA ILE D 88 25.28 -27.67 -20.97
C ILE D 88 24.82 -26.22 -20.83
N LYS D 89 25.72 -25.34 -20.36
CA LYS D 89 25.43 -23.92 -20.24
C LYS D 89 25.49 -23.30 -21.64
N ILE D 90 24.48 -22.49 -21.98
CA ILE D 90 24.25 -22.03 -23.34
C ILE D 90 23.71 -20.60 -23.30
N PRO D 91 24.29 -19.64 -24.06
CA PRO D 91 23.81 -18.26 -24.03
C PRO D 91 22.41 -18.10 -24.59
N CYS D 92 21.69 -17.10 -24.08
CA CYS D 92 20.32 -16.81 -24.51
C CYS D 92 20.36 -15.98 -25.80
N THR D 93 20.73 -16.65 -26.90
CA THR D 93 20.76 -16.05 -28.23
C THR D 93 19.81 -16.82 -29.13
N GLU D 94 19.58 -16.31 -30.35
CA GLU D 94 18.67 -16.96 -31.30
C GLU D 94 19.16 -18.39 -31.56
N PRO D 95 20.43 -18.61 -31.98
CA PRO D 95 20.99 -19.97 -32.09
C PRO D 95 21.05 -20.72 -30.76
N GLY D 96 21.46 -20.02 -29.70
CA GLY D 96 21.52 -20.61 -28.37
C GLY D 96 20.23 -21.34 -28.01
N LEU D 97 19.11 -20.65 -28.17
CA LEU D 97 17.81 -21.20 -27.83
C LEU D 97 17.49 -22.39 -28.73
N ILE D 98 17.67 -22.22 -30.04
CA ILE D 98 17.38 -23.29 -30.97
C ILE D 98 18.14 -24.56 -30.56
N ALA D 99 19.41 -24.37 -30.18
CA ALA D 99 20.27 -25.48 -29.77
C ALA D 99 19.72 -26.14 -28.50
N ALA D 100 19.37 -25.32 -27.51
CA ALA D 100 18.83 -25.84 -26.26
C ALA D 100 17.57 -26.66 -26.56
N LYS D 101 16.69 -26.11 -27.40
CA LYS D 101 15.44 -26.77 -27.77
C LYS D 101 15.74 -28.20 -28.22
N GLU D 102 16.76 -28.34 -29.06
CA GLU D 102 17.18 -29.62 -29.62
C GLU D 102 17.80 -30.49 -28.54
N PHE D 103 18.78 -29.94 -27.81
CA PHE D 103 19.43 -30.67 -26.74
C PHE D 103 18.38 -31.34 -25.84
N GLU D 104 17.34 -30.59 -25.46
CA GLU D 104 16.37 -31.08 -24.49
C GLU D 104 15.46 -32.11 -25.13
N LYS D 105 15.07 -31.89 -26.39
CA LYS D 105 14.34 -32.89 -27.17
C LYS D 105 15.09 -34.21 -27.14
N GLN D 106 16.42 -34.16 -27.25
CA GLN D 106 17.28 -35.33 -27.23
C GLN D 106 17.57 -35.79 -25.79
N GLY D 107 16.91 -35.19 -24.81
CA GLY D 107 17.05 -35.57 -23.41
C GLY D 107 18.37 -35.15 -22.77
N ILE D 108 19.05 -34.15 -23.34
CA ILE D 108 20.30 -33.65 -22.80
C ILE D 108 20.01 -32.32 -22.09
N SER D 109 20.31 -32.27 -20.78
CA SER D 109 19.94 -31.14 -19.95
C SER D 109 20.80 -29.92 -20.28
N THR D 110 20.14 -28.75 -20.29
CA THR D 110 20.77 -27.48 -20.62
C THR D 110 20.53 -26.47 -19.50
N ASN D 111 21.39 -25.44 -19.50
CA ASN D 111 21.29 -24.31 -18.60
C ASN D 111 21.40 -23.05 -19.45
N VAL D 112 20.28 -22.37 -19.71
CA VAL D 112 20.36 -21.16 -20.52
C VAL D 112 20.81 -20.01 -19.63
N THR D 113 21.93 -19.39 -20.01
CA THR D 113 22.58 -18.36 -19.22
C THR D 113 22.55 -17.03 -19.98
N LEU D 114 23.06 -15.97 -19.33
CA LEU D 114 23.04 -14.63 -19.89
C LEU D 114 21.61 -14.22 -20.22
N VAL D 115 20.74 -14.48 -19.24
CA VAL D 115 19.35 -14.02 -19.21
C VAL D 115 19.28 -12.77 -18.32
N PHE D 116 18.64 -11.71 -18.81
CA PHE D 116 18.65 -10.42 -18.15
C PHE D 116 17.25 -9.80 -18.03
N SER D 117 16.22 -10.47 -18.54
CA SER D 117 14.86 -9.96 -18.47
C SER D 117 13.90 -11.15 -18.40
N PRO D 118 12.64 -10.94 -17.98
CA PRO D 118 11.67 -12.04 -17.94
C PRO D 118 11.26 -12.57 -19.31
N SER D 119 11.30 -11.73 -20.35
CA SER D 119 10.96 -12.16 -21.69
C SER D 119 12.01 -13.12 -22.22
N GLN D 120 13.27 -12.85 -21.86
CA GLN D 120 14.38 -13.74 -22.16
C GLN D 120 14.24 -15.04 -21.38
N ALA D 121 13.71 -14.99 -20.17
CA ALA D 121 13.57 -16.17 -19.33
C ALA D 121 12.44 -17.06 -19.82
N LEU D 122 11.46 -16.47 -20.51
CA LEU D 122 10.26 -17.20 -20.87
C LEU D 122 10.59 -18.29 -21.88
N GLN D 123 11.39 -17.95 -22.91
CA GLN D 123 11.56 -18.85 -24.03
C GLN D 123 12.25 -20.14 -23.57
N PRO D 124 13.34 -20.09 -22.77
CA PRO D 124 13.96 -21.29 -22.21
C PRO D 124 12.93 -22.23 -21.56
N ALA D 125 12.04 -21.66 -20.75
CA ALA D 125 10.97 -22.41 -20.12
C ALA D 125 10.03 -23.01 -21.17
N ARG D 126 9.77 -22.26 -22.24
CA ARG D 126 8.84 -22.69 -23.28
C ARG D 126 9.44 -23.84 -24.10
N ILE D 127 10.77 -23.97 -24.09
CA ILE D 127 11.45 -25.04 -24.80
C ILE D 127 11.88 -26.16 -23.85
N GLY D 128 11.47 -26.07 -22.58
CA GLY D 128 11.73 -27.12 -21.60
C GLY D 128 13.20 -27.24 -21.23
N ALA D 129 13.88 -26.11 -21.02
CA ALA D 129 15.22 -26.10 -20.45
C ALA D 129 15.17 -26.59 -19.01
N LYS D 130 16.24 -27.27 -18.57
CA LYS D 130 16.26 -27.81 -17.21
C LYS D 130 16.61 -26.68 -16.25
N PHE D 131 17.43 -25.74 -16.72
CA PHE D 131 17.84 -24.58 -15.92
C PHE D 131 17.86 -23.32 -16.76
N VAL D 132 17.41 -22.21 -16.13
CA VAL D 132 17.62 -20.87 -16.63
C VAL D 132 18.39 -20.10 -15.55
N SER D 133 19.34 -19.26 -15.98
CA SER D 133 20.19 -18.51 -15.06
C SER D 133 20.05 -17.01 -15.31
N PRO D 134 19.09 -16.31 -14.64
CA PRO D 134 19.02 -14.85 -14.71
C PRO D 134 20.08 -14.18 -13.82
N PHE D 135 20.61 -13.05 -14.33
CA PHE D 135 21.76 -12.38 -13.74
C PHE D 135 21.34 -11.15 -12.94
N VAL D 136 22.01 -10.94 -11.79
CA VAL D 136 21.78 -9.79 -10.94
C VAL D 136 22.95 -8.81 -11.06
N GLY D 137 24.15 -9.27 -10.71
CA GLY D 137 25.31 -8.45 -10.43
C GLY D 137 25.69 -7.47 -11.54
N TRP D 138 25.79 -7.96 -12.78
CA TRP D 138 26.27 -7.14 -13.89
C TRP D 138 25.32 -5.99 -14.15
N LYS D 139 24.01 -6.26 -14.04
CA LYS D 139 23.01 -5.23 -14.18
C LYS D 139 23.22 -4.15 -13.11
N GLU D 140 23.36 -4.57 -11.84
CA GLU D 140 23.48 -3.64 -10.74
C GLU D 140 24.74 -2.79 -10.91
N ASN D 141 25.83 -3.38 -11.43
CA ASN D 141 27.07 -2.64 -11.63
C ASN D 141 26.85 -1.40 -12.50
N SER D 142 25.89 -1.48 -13.43
CA SER D 142 25.60 -0.40 -14.36
C SER D 142 24.42 0.46 -13.91
N GLY D 143 23.85 0.15 -12.74
CA GLY D 143 22.83 0.98 -12.10
C GLY D 143 21.40 0.48 -12.32
N ASP D 144 21.23 -0.66 -13.00
CA ASP D 144 19.91 -1.25 -13.20
C ASP D 144 19.46 -1.99 -11.93
N ASP D 145 18.16 -1.93 -11.64
CA ASP D 145 17.57 -2.60 -10.49
C ASP D 145 17.03 -3.95 -10.94
N THR D 146 17.16 -4.97 -10.09
CA THR D 146 16.95 -6.35 -10.52
C THR D 146 15.78 -7.02 -9.80
N THR D 147 15.35 -6.47 -8.66
CA THR D 147 14.52 -7.20 -7.74
C THR D 147 13.17 -7.56 -8.38
N GLN D 148 12.61 -6.62 -9.17
CA GLN D 148 11.34 -6.84 -9.82
C GLN D 148 11.45 -7.98 -10.84
N TYR D 149 12.47 -7.91 -11.72
CA TYR D 149 12.52 -8.81 -12.85
C TYR D 149 12.73 -10.25 -12.34
N ILE D 150 13.47 -10.41 -11.25
CA ILE D 150 13.68 -11.74 -10.69
C ILE D 150 12.36 -12.25 -10.12
N GLN D 151 11.69 -11.40 -9.34
CA GLN D 151 10.43 -11.79 -8.73
C GLN D 151 9.47 -12.17 -9.86
N ASP D 152 9.44 -11.34 -10.91
CA ASP D 152 8.52 -11.57 -12.02
C ASP D 152 8.75 -12.96 -12.60
N ILE D 153 10.01 -13.29 -12.90
CA ILE D 153 10.34 -14.58 -13.46
C ILE D 153 9.76 -15.71 -12.60
N VAL D 154 10.00 -15.65 -11.28
CA VAL D 154 9.57 -16.72 -10.39
C VAL D 154 8.06 -16.86 -10.44
N ASN D 155 7.35 -15.73 -10.30
CA ASN D 155 5.91 -15.72 -10.31
C ASN D 155 5.37 -16.30 -11.61
N ILE D 156 6.03 -15.94 -12.72
CA ILE D 156 5.60 -16.37 -14.03
C ILE D 156 5.74 -17.89 -14.15
N TYR D 157 6.91 -18.39 -13.77
CA TYR D 157 7.21 -19.82 -13.81
C TYR D 157 6.20 -20.59 -12.96
N LYS D 158 6.00 -20.16 -11.70
CA LYS D 158 5.04 -20.81 -10.82
C LYS D 158 3.65 -20.75 -11.45
N ASN D 159 3.28 -19.58 -11.99
CA ASN D 159 1.91 -19.36 -12.43
C ASN D 159 1.55 -20.27 -13.61
N TYR D 160 2.52 -20.55 -14.51
CA TYR D 160 2.24 -21.33 -15.70
C TYR D 160 2.81 -22.74 -15.58
N ASN D 161 3.20 -23.14 -14.36
CA ASN D 161 3.65 -24.47 -14.01
C ASN D 161 4.71 -24.98 -14.97
N TYR D 162 5.79 -24.20 -15.17
CA TYR D 162 6.96 -24.67 -15.90
C TYR D 162 7.86 -25.45 -14.96
N ASN D 163 8.56 -26.45 -15.50
CA ASN D 163 9.49 -27.27 -14.75
C ASN D 163 10.84 -26.62 -14.58
N THR D 164 11.16 -25.72 -15.51
CA THR D 164 12.48 -25.10 -15.55
C THR D 164 12.78 -24.50 -14.18
N GLU D 165 14.00 -24.74 -13.69
CA GLU D 165 14.43 -24.26 -12.39
C GLU D 165 15.30 -23.02 -12.61
N ILE D 166 15.05 -21.99 -11.78
CA ILE D 166 15.69 -20.70 -11.85
C ILE D 166 16.97 -20.76 -11.01
N ILE D 167 18.10 -20.36 -11.61
CA ILE D 167 19.34 -20.21 -10.87
C ILE D 167 19.67 -18.71 -10.85
N VAL D 168 19.43 -18.05 -9.72
CA VAL D 168 19.77 -16.64 -9.66
C VAL D 168 21.30 -16.57 -9.63
N ALA D 169 21.87 -15.70 -10.48
CA ALA D 169 23.30 -15.76 -10.76
C ALA D 169 23.93 -14.38 -10.67
N ALA D 170 25.28 -14.39 -10.57
CA ALA D 170 26.09 -13.19 -10.40
C ALA D 170 25.74 -12.52 -9.07
N LEU D 171 25.72 -13.34 -8.01
CA LEU D 171 25.42 -12.86 -6.67
C LEU D 171 26.72 -12.59 -5.94
N ARG D 172 26.67 -11.66 -4.98
CA ARG D 172 27.87 -11.09 -4.42
C ARG D 172 27.78 -10.91 -2.91
N ASN D 173 26.62 -11.21 -2.30
CA ASN D 173 26.47 -11.09 -0.85
C ASN D 173 25.26 -11.88 -0.35
N GLY D 174 25.16 -11.99 0.98
CA GLY D 174 24.07 -12.71 1.63
C GLY D 174 22.69 -12.08 1.43
N LYS D 175 22.59 -10.74 1.56
CA LYS D 175 21.32 -10.05 1.37
C LYS D 175 20.67 -10.54 0.07
N GLN D 176 21.47 -10.69 -0.99
CA GLN D 176 20.98 -11.03 -2.32
C GLN D 176 20.44 -12.46 -2.38
N ILE D 177 21.13 -13.38 -1.68
CA ILE D 177 20.63 -14.73 -1.48
C ILE D 177 19.24 -14.67 -0.86
N VAL D 178 19.11 -13.87 0.20
CA VAL D 178 17.85 -13.75 0.90
C VAL D 178 16.78 -13.20 -0.04
N ASP D 179 17.10 -12.16 -0.82
CA ASP D 179 16.16 -11.61 -1.80
C ASP D 179 15.57 -12.73 -2.66
N ALA D 180 16.43 -13.66 -3.09
CA ALA D 180 16.03 -14.75 -3.96
C ALA D 180 15.17 -15.76 -3.20
N ALA D 181 15.54 -16.03 -1.94
CA ALA D 181 14.76 -16.91 -1.11
C ALA D 181 13.36 -16.33 -0.91
N LYS D 182 13.30 -15.01 -0.69
CA LYS D 182 12.03 -14.34 -0.49
C LYS D 182 11.20 -14.43 -1.77
N ALA D 183 11.86 -14.33 -2.92
CA ALA D 183 11.22 -14.39 -4.22
C ALA D 183 10.70 -15.79 -4.49
N GLY D 184 11.40 -16.79 -3.96
CA GLY D 184 11.03 -18.18 -4.13
C GLY D 184 11.79 -18.85 -5.28
N ALA D 185 12.91 -18.24 -5.70
CA ALA D 185 13.77 -18.85 -6.70
C ALA D 185 14.12 -20.27 -6.27
N HIS D 186 14.22 -21.18 -7.25
CA HIS D 186 14.52 -22.57 -6.99
C HIS D 186 15.94 -22.71 -6.46
N ILE D 187 16.87 -22.01 -7.12
CA ILE D 187 18.30 -22.22 -6.90
C ILE D 187 19.01 -20.87 -6.86
N VAL D 188 20.16 -20.85 -6.19
CA VAL D 188 21.01 -19.69 -6.16
C VAL D 188 22.44 -20.17 -6.40
N THR D 189 23.28 -19.36 -7.05
CA THR D 189 24.66 -19.76 -7.29
C THR D 189 25.61 -18.61 -6.93
N CYS D 190 26.59 -18.92 -6.08
CA CYS D 190 27.43 -17.91 -5.47
C CYS D 190 28.87 -18.40 -5.36
N GLY D 191 29.81 -17.46 -5.31
CA GLY D 191 31.20 -17.77 -5.02
C GLY D 191 31.39 -18.33 -3.62
N PHE D 192 32.52 -19.00 -3.42
CA PHE D 192 32.84 -19.63 -2.14
C PHE D 192 32.67 -18.62 -1.00
N ASP D 193 33.31 -17.45 -1.17
CA ASP D 193 33.46 -16.48 -0.10
C ASP D 193 32.10 -15.92 0.30
N VAL D 194 31.22 -15.73 -0.69
CA VAL D 194 29.88 -15.21 -0.48
C VAL D 194 29.15 -16.09 0.53
N TYR D 195 29.06 -17.40 0.23
CA TYR D 195 28.40 -18.34 1.10
C TYR D 195 29.07 -18.31 2.48
N LYS D 196 30.41 -18.40 2.52
CA LYS D 196 31.13 -18.48 3.78
C LYS D 196 30.69 -17.35 4.70
N GLU D 197 30.63 -16.13 4.16
CA GLU D 197 30.38 -14.93 4.93
C GLU D 197 28.89 -14.79 5.24
N SER D 198 28.04 -15.42 4.40
CA SER D 198 26.60 -15.38 4.59
C SER D 198 26.22 -16.16 5.86
N PHE D 199 27.17 -16.95 6.38
CA PHE D 199 26.95 -17.73 7.58
C PHE D 199 27.49 -17.01 8.82
N GLN D 200 28.25 -15.91 8.64
CA GLN D 200 28.83 -15.23 9.79
C GLN D 200 28.12 -13.88 9.98
N HIS D 201 27.99 -13.49 11.25
CA HIS D 201 27.37 -12.22 11.62
C HIS D 201 28.03 -11.66 12.87
N ALA D 202 28.31 -10.36 12.86
CA ALA D 202 29.04 -9.69 13.93
C ALA D 202 28.38 -9.88 15.29
N PHE D 203 27.05 -9.99 15.31
CA PHE D 203 26.33 -10.16 16.57
C PHE D 203 26.62 -11.54 17.14
N THR D 204 26.91 -12.54 16.29
CA THR D 204 27.29 -13.86 16.78
C THR D 204 28.59 -13.74 17.55
N ASP D 205 29.60 -13.09 16.94
CA ASP D 205 30.88 -12.89 17.60
C ASP D 205 30.63 -12.22 18.95
N TYR D 206 29.84 -11.16 18.94
CA TYR D 206 29.55 -10.38 20.13
C TYR D 206 28.91 -11.29 21.18
N GLY D 207 27.97 -12.12 20.73
CA GLY D 207 27.29 -13.07 21.59
C GLY D 207 28.24 -14.08 22.22
N LEU D 208 29.15 -14.64 21.42
CA LEU D 208 30.09 -15.63 21.91
C LEU D 208 30.88 -15.03 23.07
N ASN D 209 31.37 -13.80 22.89
CA ASN D 209 32.20 -13.17 23.89
C ASN D 209 31.40 -12.98 25.19
N LYS D 210 30.14 -12.53 25.09
CA LYS D 210 29.28 -12.43 26.26
C LYS D 210 29.26 -13.77 26.99
N PHE D 211 29.08 -14.84 26.22
CA PHE D 211 28.85 -16.18 26.75
C PHE D 211 30.14 -16.79 27.29
N ARG D 212 31.28 -16.46 26.67
CA ARG D 212 32.57 -16.94 27.16
C ARG D 212 32.81 -16.39 28.56
N ASN D 213 32.50 -15.10 28.77
CA ASN D 213 32.65 -14.48 30.07
C ASN D 213 31.76 -15.20 31.09
N ALA D 214 30.53 -15.53 30.69
CA ALA D 214 29.56 -16.13 31.59
C ALA D 214 29.99 -17.54 32.00
N TRP D 215 30.54 -18.29 31.04
CA TRP D 215 31.04 -19.63 31.23
C TRP D 215 32.22 -19.63 32.21
N ASP D 216 33.08 -18.63 32.04
CA ASP D 216 34.27 -18.47 32.87
C ASP D 216 33.88 -18.10 34.29
N ASN D 217 32.61 -17.79 34.54
CA ASN D 217 32.13 -17.52 35.89
C ASN D 217 31.14 -18.58 36.33
N THR D 218 31.23 -19.78 35.73
CA THR D 218 30.34 -20.88 36.07
C THR D 218 31.20 -22.09 36.43
N VAL D 219 30.75 -22.97 37.35
CA VAL D 219 31.60 -24.04 37.85
C VAL D 219 31.61 -25.18 36.81
N MET E 1 -20.66 -16.86 -13.43
CA MET E 1 -21.20 -15.51 -13.13
C MET E 1 -22.48 -15.23 -13.93
N LYS E 2 -23.46 -14.64 -13.25
CA LYS E 2 -24.83 -14.57 -13.71
C LYS E 2 -25.25 -13.13 -14.01
N TYR E 3 -25.90 -12.94 -15.17
CA TYR E 3 -26.54 -11.68 -15.53
C TYR E 3 -28.05 -11.81 -15.44
N PHE E 4 -28.69 -11.01 -14.57
CA PHE E 4 -30.14 -10.94 -14.49
C PHE E 4 -30.63 -9.63 -15.09
N LEU E 5 -31.83 -9.64 -15.68
CA LEU E 5 -32.40 -8.43 -16.25
C LEU E 5 -33.35 -7.78 -15.24
N ASP E 6 -33.07 -6.51 -14.91
CA ASP E 6 -33.92 -5.74 -14.01
C ASP E 6 -34.92 -4.99 -14.89
N SER E 7 -35.96 -5.71 -15.32
CA SER E 7 -37.02 -5.14 -16.15
C SER E 7 -38.29 -5.97 -16.00
N ALA E 8 -39.45 -5.37 -16.32
CA ALA E 8 -40.72 -6.09 -16.35
C ALA E 8 -41.32 -6.04 -17.76
N ILE E 9 -40.55 -5.58 -18.74
CA ILE E 9 -40.98 -5.53 -20.13
C ILE E 9 -40.63 -6.86 -20.80
N LEU E 10 -41.68 -7.63 -21.11
CA LEU E 10 -41.53 -9.01 -21.58
C LEU E 10 -40.68 -9.07 -22.86
N GLU E 11 -40.82 -8.08 -23.74
CA GLU E 11 -40.08 -8.07 -25.00
C GLU E 11 -38.58 -7.94 -24.73
N GLU E 12 -38.22 -7.13 -23.73
CA GLU E 12 -36.83 -6.98 -23.28
C GLU E 12 -36.32 -8.32 -22.76
N ILE E 13 -37.17 -9.01 -21.97
CA ILE E 13 -36.82 -10.28 -21.36
C ILE E 13 -36.65 -11.35 -22.44
N ARG E 14 -37.53 -11.34 -23.46
CA ARG E 14 -37.44 -12.31 -24.53
C ARG E 14 -36.11 -12.18 -25.26
N TYR E 15 -35.80 -10.96 -25.72
CA TYR E 15 -34.58 -10.71 -26.49
C TYR E 15 -33.36 -11.13 -25.67
N ALA E 16 -33.33 -10.72 -24.39
CA ALA E 16 -32.20 -10.99 -23.52
C ALA E 16 -31.94 -12.47 -23.42
N TYR E 17 -33.00 -13.25 -23.18
CA TYR E 17 -32.87 -14.69 -23.00
C TYR E 17 -32.32 -15.33 -24.27
N GLU E 18 -32.86 -14.93 -25.42
CA GLU E 18 -32.57 -15.57 -26.69
C GLU E 18 -31.16 -15.22 -27.16
N ASN E 19 -30.70 -13.98 -26.89
CA ASN E 19 -29.46 -13.50 -27.49
C ASN E 19 -28.33 -13.29 -26.47
N TRP E 20 -28.68 -12.98 -25.22
CA TRP E 20 -27.68 -12.63 -24.23
C TRP E 20 -27.48 -13.75 -23.21
N ALA E 21 -28.36 -14.76 -23.25
CA ALA E 21 -28.28 -15.87 -22.31
C ALA E 21 -28.38 -15.36 -20.87
N ILE E 22 -29.24 -14.37 -20.65
CA ILE E 22 -29.59 -13.92 -19.31
C ILE E 22 -29.92 -15.14 -18.47
N ASP E 23 -29.56 -15.10 -17.18
CA ASP E 23 -29.65 -16.26 -16.30
C ASP E 23 -30.84 -16.13 -15.35
N GLY E 24 -31.69 -15.12 -15.58
CA GLY E 24 -32.82 -14.84 -14.70
C GLY E 24 -33.29 -13.39 -14.79
N VAL E 25 -34.27 -13.03 -13.94
CA VAL E 25 -34.99 -11.77 -14.02
C VAL E 25 -35.30 -11.23 -12.62
N THR E 26 -35.18 -9.90 -12.46
CA THR E 26 -35.59 -9.15 -11.27
C THR E 26 -36.66 -8.12 -11.64
N THR E 27 -37.63 -7.95 -10.74
CA THR E 27 -38.70 -6.96 -10.87
C THR E 27 -38.90 -6.28 -9.53
N ASN E 28 -39.65 -5.18 -9.53
CA ASN E 28 -40.09 -4.50 -8.31
C ASN E 28 -41.30 -3.64 -8.65
N PRO E 29 -42.05 -3.13 -7.63
CA PRO E 29 -43.29 -2.42 -7.93
C PRO E 29 -43.17 -1.29 -8.95
N ARG E 30 -41.99 -0.64 -9.00
CA ARG E 30 -41.76 0.45 -9.93
C ARG E 30 -41.68 -0.10 -11.34
N HIS E 31 -40.95 -1.20 -11.55
CA HIS E 31 -40.86 -1.79 -12.88
C HIS E 31 -42.21 -2.36 -13.33
N ILE E 32 -42.95 -2.94 -12.37
CA ILE E 32 -44.28 -3.47 -12.67
C ILE E 32 -45.15 -2.31 -13.17
N MET E 33 -45.13 -1.19 -12.44
CA MET E 33 -45.92 -0.02 -12.81
C MET E 33 -45.58 0.39 -14.24
N ASN E 34 -44.28 0.53 -14.54
CA ASN E 34 -43.84 1.08 -15.82
C ASN E 34 -44.00 0.06 -16.94
N SER E 35 -44.53 -1.12 -16.64
CA SER E 35 -44.85 -2.08 -17.67
C SER E 35 -46.11 -1.63 -18.42
N GLY E 36 -46.98 -0.88 -17.73
CA GLY E 36 -48.27 -0.48 -18.26
C GLY E 36 -49.38 -1.48 -17.92
N LYS E 37 -49.00 -2.75 -17.73
CA LYS E 37 -49.95 -3.83 -17.49
C LYS E 37 -50.21 -3.92 -15.98
N PRO E 38 -51.29 -4.63 -15.53
CA PRO E 38 -51.49 -4.93 -14.12
C PRO E 38 -50.62 -6.11 -13.65
N PHE E 39 -50.39 -6.14 -12.33
CA PHE E 39 -49.41 -7.01 -11.70
C PHE E 39 -49.67 -8.46 -12.09
N LEU E 40 -50.89 -8.96 -11.82
CA LEU E 40 -51.18 -10.38 -11.98
C LEU E 40 -51.19 -10.76 -13.46
N THR E 41 -51.32 -9.78 -14.36
CA THR E 41 -51.22 -10.02 -15.79
C THR E 41 -49.75 -10.22 -16.18
N VAL E 42 -48.88 -9.32 -15.70
CA VAL E 42 -47.45 -9.45 -15.89
C VAL E 42 -47.01 -10.83 -15.43
N LEU E 43 -47.40 -11.19 -14.20
CA LEU E 43 -47.03 -12.47 -13.60
C LEU E 43 -47.51 -13.62 -14.46
N ASP E 44 -48.74 -13.50 -14.96
CA ASP E 44 -49.33 -14.59 -15.75
C ASP E 44 -48.50 -14.76 -17.02
N GLU E 45 -48.24 -13.66 -17.73
CA GLU E 45 -47.44 -13.70 -18.96
C GLU E 45 -46.10 -14.38 -18.69
N PHE E 46 -45.48 -14.09 -17.53
CA PHE E 46 -44.19 -14.68 -17.17
C PHE E 46 -44.34 -16.18 -16.95
N ALA E 47 -45.32 -16.56 -16.13
CA ALA E 47 -45.60 -17.95 -15.83
C ALA E 47 -45.61 -18.78 -17.11
N SER E 48 -46.43 -18.34 -18.09
CA SER E 48 -46.57 -19.02 -19.36
C SER E 48 -45.26 -18.97 -20.15
N GLU E 49 -44.63 -17.80 -20.21
CA GLU E 49 -43.41 -17.62 -21.00
C GLU E 49 -42.35 -18.64 -20.59
N PHE E 50 -42.26 -18.98 -19.30
CA PHE E 50 -41.18 -19.83 -18.82
C PHE E 50 -41.70 -21.12 -18.17
N LYS E 51 -42.94 -21.53 -18.51
CA LYS E 51 -43.51 -22.76 -17.97
C LYS E 51 -42.46 -23.86 -17.96
N GLY E 52 -41.82 -24.10 -19.12
CA GLY E 52 -40.83 -25.16 -19.26
C GLY E 52 -39.64 -25.05 -18.31
N VAL E 53 -38.96 -23.88 -18.34
CA VAL E 53 -37.61 -23.74 -17.76
C VAL E 53 -37.69 -23.85 -16.25
N GLU E 54 -36.77 -24.62 -15.62
CA GLU E 54 -36.86 -24.87 -14.18
C GLU E 54 -35.74 -24.10 -13.50
N ASN E 55 -34.68 -23.69 -14.22
CA ASN E 55 -33.50 -23.11 -13.59
C ASN E 55 -33.32 -21.63 -13.96
N PHE E 56 -34.34 -20.82 -13.80
CA PHE E 56 -34.42 -19.46 -14.30
C PHE E 56 -35.24 -18.62 -13.33
N PRO E 57 -34.62 -18.03 -12.28
CA PRO E 57 -35.38 -17.28 -11.27
C PRO E 57 -35.95 -15.96 -11.75
N ILE E 58 -37.18 -15.66 -11.31
CA ILE E 58 -37.88 -14.43 -11.62
C ILE E 58 -38.31 -13.80 -10.30
N SER E 59 -37.67 -12.68 -9.90
CA SER E 59 -37.92 -12.09 -8.60
C SER E 59 -39.07 -11.10 -8.69
N VAL E 60 -40.07 -11.30 -7.83
CA VAL E 60 -41.35 -10.63 -7.90
C VAL E 60 -41.67 -10.09 -6.50
N GLU E 61 -41.89 -8.77 -6.38
CA GLU E 61 -41.94 -8.18 -5.04
C GLU E 61 -43.38 -8.03 -4.56
N ILE E 62 -43.60 -8.54 -3.34
CA ILE E 62 -44.89 -8.46 -2.67
C ILE E 62 -45.20 -7.00 -2.32
N ASN E 63 -46.48 -6.77 -2.02
CA ASN E 63 -46.99 -5.46 -1.66
C ASN E 63 -46.11 -4.84 -0.57
N PRO E 64 -45.53 -3.64 -0.84
CA PRO E 64 -44.66 -2.96 0.13
C PRO E 64 -45.34 -2.33 1.34
N HIS E 65 -46.67 -2.23 1.31
CA HIS E 65 -47.41 -1.69 2.43
C HIS E 65 -47.40 -2.66 3.62
N LEU E 66 -47.36 -3.97 3.35
CA LEU E 66 -47.43 -4.99 4.39
C LEU E 66 -46.45 -4.66 5.50
N ASP E 67 -46.86 -4.85 6.77
CA ASP E 67 -46.07 -4.43 7.92
C ASP E 67 -45.95 -5.56 8.96
N ASN E 68 -46.14 -6.80 8.53
CA ASN E 68 -46.26 -7.93 9.44
C ASN E 68 -45.90 -9.18 8.65
N ALA E 69 -45.15 -10.08 9.29
CA ALA E 69 -44.66 -11.28 8.64
C ALA E 69 -45.82 -12.18 8.19
N LYS E 70 -46.85 -12.32 9.03
CA LYS E 70 -47.95 -13.25 8.78
C LYS E 70 -48.55 -12.97 7.41
N ASP E 71 -48.86 -11.69 7.15
CA ASP E 71 -49.52 -11.28 5.92
C ASP E 71 -48.56 -11.43 4.75
N MET E 72 -47.30 -11.01 4.96
CA MET E 72 -46.26 -11.13 3.96
C MET E 72 -46.22 -12.57 3.43
N VAL E 73 -46.19 -13.55 4.35
CA VAL E 73 -46.03 -14.95 3.99
C VAL E 73 -47.27 -15.42 3.21
N GLU E 74 -48.44 -14.94 3.62
CA GLU E 74 -49.68 -15.32 2.97
C GLU E 74 -49.64 -14.87 1.51
N GLU E 75 -49.39 -13.57 1.28
CA GLU E 75 -49.48 -12.97 -0.05
C GLU E 75 -48.42 -13.57 -0.97
N GLY E 76 -47.24 -13.86 -0.42
CA GLY E 76 -46.12 -14.38 -1.20
C GLY E 76 -46.35 -15.82 -1.63
N THR E 77 -46.95 -16.62 -0.74
CA THR E 77 -47.28 -18.00 -1.02
C THR E 77 -48.23 -18.07 -2.22
N LYS E 78 -49.18 -17.14 -2.26
CA LYS E 78 -50.12 -17.04 -3.36
C LYS E 78 -49.36 -16.88 -4.68
N ILE E 79 -48.38 -15.97 -4.67
CA ILE E 79 -47.56 -15.65 -5.83
C ILE E 79 -46.70 -16.86 -6.22
N ALA E 80 -46.17 -17.57 -5.22
CA ALA E 80 -45.32 -18.73 -5.45
C ALA E 80 -46.08 -19.82 -6.21
N LYS E 81 -47.34 -20.02 -5.83
CA LYS E 81 -48.20 -21.00 -6.48
C LYS E 81 -48.22 -20.73 -7.99
N LEU E 82 -48.23 -19.44 -8.39
CA LEU E 82 -48.44 -19.05 -9.78
C LEU E 82 -47.34 -19.59 -10.71
N SER E 83 -46.12 -19.79 -10.19
CA SER E 83 -45.03 -20.37 -10.97
C SER E 83 -43.85 -20.72 -10.06
N SER E 84 -43.19 -21.84 -10.37
CA SER E 84 -42.06 -22.33 -9.59
C SER E 84 -40.77 -21.61 -9.99
N ASN E 85 -40.84 -20.72 -10.97
CA ASN E 85 -39.71 -19.89 -11.32
C ASN E 85 -39.65 -18.67 -10.40
N PHE E 86 -40.79 -18.30 -9.82
CA PHE E 86 -40.89 -17.07 -9.06
C PHE E 86 -40.08 -17.17 -7.77
N VAL E 87 -39.40 -16.07 -7.45
CA VAL E 87 -38.77 -15.86 -6.16
C VAL E 87 -39.43 -14.62 -5.54
N ILE E 88 -39.59 -14.66 -4.21
CA ILE E 88 -40.34 -13.64 -3.50
C ILE E 88 -39.40 -12.54 -3.03
N LYS E 89 -39.46 -11.37 -3.69
CA LYS E 89 -38.67 -10.21 -3.29
C LYS E 89 -39.32 -9.60 -2.05
N ILE E 90 -38.49 -9.28 -1.04
CA ILE E 90 -38.96 -8.90 0.28
C ILE E 90 -38.02 -7.83 0.85
N PRO E 91 -38.52 -6.68 1.37
CA PRO E 91 -37.65 -5.65 1.92
C PRO E 91 -36.91 -6.09 3.18
N CYS E 92 -35.74 -5.51 3.40
CA CYS E 92 -34.90 -5.80 4.55
C CYS E 92 -35.38 -5.00 5.75
N THR E 93 -36.52 -5.43 6.29
CA THR E 93 -37.10 -4.87 7.50
C THR E 93 -37.22 -5.98 8.53
N GLU E 94 -37.57 -5.61 9.77
CA GLU E 94 -37.71 -6.56 10.86
C GLU E 94 -38.73 -7.63 10.47
N PRO E 95 -39.98 -7.28 10.07
CA PRO E 95 -40.93 -8.26 9.54
C PRO E 95 -40.47 -8.94 8.26
N GLY E 96 -39.88 -8.16 7.34
CA GLY E 96 -39.36 -8.71 6.10
C GLY E 96 -38.47 -9.94 6.33
N LEU E 97 -37.51 -9.79 7.25
CA LEU E 97 -36.57 -10.86 7.54
C LEU E 97 -37.31 -12.05 8.15
N ILE E 98 -38.16 -11.79 9.15
CA ILE E 98 -38.90 -12.85 9.82
C ILE E 98 -39.67 -13.66 8.78
N ALA E 99 -40.28 -12.97 7.82
CA ALA E 99 -41.05 -13.60 6.76
C ALA E 99 -40.16 -14.47 5.88
N ALA E 100 -39.01 -13.91 5.48
CA ALA E 100 -38.07 -14.67 4.66
C ALA E 100 -37.66 -15.94 5.38
N LYS E 101 -37.33 -15.81 6.68
CA LYS E 101 -36.92 -16.94 7.51
C LYS E 101 -37.93 -18.08 7.34
N GLU E 102 -39.22 -17.73 7.43
CA GLU E 102 -40.30 -18.69 7.34
C GLU E 102 -40.44 -19.22 5.91
N PHE E 103 -40.48 -18.32 4.94
CA PHE E 103 -40.58 -18.72 3.54
C PHE E 103 -39.54 -19.79 3.22
N GLU E 104 -38.30 -19.60 3.68
CA GLU E 104 -37.21 -20.49 3.30
C GLU E 104 -37.33 -21.81 4.06
N LYS E 105 -37.74 -21.75 5.34
CA LYS E 105 -38.04 -22.94 6.10
C LYS E 105 -39.06 -23.80 5.35
N GLN E 106 -40.04 -23.15 4.72
CA GLN E 106 -41.09 -23.83 3.97
C GLN E 106 -40.63 -24.13 2.54
N GLY E 107 -39.34 -23.92 2.23
CA GLY E 107 -38.77 -24.24 0.94
C GLY E 107 -39.21 -23.30 -0.19
N ILE E 108 -39.64 -22.08 0.15
CA ILE E 108 -39.98 -21.07 -0.84
C ILE E 108 -38.82 -20.07 -0.91
N SER E 109 -38.22 -19.94 -2.10
CA SER E 109 -37.06 -19.08 -2.30
C SER E 109 -37.46 -17.60 -2.20
N THR E 110 -36.58 -16.83 -1.54
CA THR E 110 -36.78 -15.40 -1.31
C THR E 110 -35.59 -14.61 -1.83
N ASN E 111 -35.84 -13.31 -2.06
CA ASN E 111 -34.83 -12.36 -2.47
C ASN E 111 -34.97 -11.14 -1.56
N VAL E 112 -34.06 -10.99 -0.59
CA VAL E 112 -34.17 -9.85 0.30
C VAL E 112 -33.56 -8.65 -0.39
N THR E 113 -34.35 -7.59 -0.55
CA THR E 113 -33.98 -6.40 -1.30
C THR E 113 -33.92 -5.20 -0.37
N LEU E 114 -33.53 -4.04 -0.91
CA LEU E 114 -33.37 -2.82 -0.14
C LEU E 114 -32.37 -3.05 1.00
N VAL E 115 -31.25 -3.66 0.62
CA VAL E 115 -30.08 -3.84 1.45
C VAL E 115 -29.06 -2.77 1.06
N PHE E 116 -28.51 -2.07 2.07
CA PHE E 116 -27.66 -0.91 1.80
C PHE E 116 -26.34 -0.95 2.60
N SER E 117 -26.14 -1.98 3.42
CA SER E 117 -24.94 -2.13 4.22
C SER E 117 -24.62 -3.60 4.39
N PRO E 118 -23.39 -3.97 4.78
CA PRO E 118 -23.06 -5.38 5.02
C PRO E 118 -23.77 -6.01 6.22
N SER E 119 -24.08 -5.20 7.24
CA SER E 119 -24.78 -5.70 8.41
C SER E 119 -26.20 -6.10 8.05
N GLN E 120 -26.80 -5.32 7.14
CA GLN E 120 -28.11 -5.63 6.57
C GLN E 120 -28.04 -6.89 5.73
N ALA E 121 -26.92 -7.10 5.03
CA ALA E 121 -26.76 -8.25 4.16
C ALA E 121 -26.57 -9.53 4.97
N LEU E 122 -26.04 -9.40 6.18
CA LEU E 122 -25.64 -10.57 6.95
C LEU E 122 -26.87 -11.38 7.34
N GLN E 123 -27.92 -10.70 7.83
CA GLN E 123 -29.03 -11.41 8.44
C GLN E 123 -29.74 -12.28 7.40
N PRO E 124 -30.05 -11.79 6.18
CA PRO E 124 -30.60 -12.64 5.12
C PRO E 124 -29.83 -13.95 4.94
N ALA E 125 -28.49 -13.85 4.88
CA ALA E 125 -27.63 -15.01 4.79
C ALA E 125 -27.79 -15.91 6.01
N ARG E 126 -27.95 -15.31 7.19
CA ARG E 126 -28.07 -16.06 8.45
C ARG E 126 -29.40 -16.81 8.52
N ILE E 127 -30.39 -16.36 7.76
CA ILE E 127 -31.74 -16.91 7.67
C ILE E 127 -31.87 -17.83 6.44
N GLY E 128 -30.78 -18.01 5.68
CA GLY E 128 -30.77 -18.89 4.53
C GLY E 128 -31.63 -18.38 3.38
N ALA E 129 -31.56 -17.07 3.08
CA ALA E 129 -32.19 -16.54 1.89
C ALA E 129 -31.48 -17.05 0.65
N LYS E 130 -32.23 -17.22 -0.45
CA LYS E 130 -31.65 -17.72 -1.69
C LYS E 130 -30.91 -16.57 -2.38
N PHE E 131 -31.45 -15.34 -2.22
CA PHE E 131 -30.85 -14.16 -2.81
C PHE E 131 -30.91 -12.97 -1.86
N VAL E 132 -29.81 -12.20 -1.86
CA VAL E 132 -29.79 -10.87 -1.27
C VAL E 132 -29.41 -9.86 -2.36
N SER E 133 -30.05 -8.69 -2.34
CA SER E 133 -29.86 -7.68 -3.37
C SER E 133 -29.36 -6.37 -2.76
N PRO E 134 -28.04 -6.15 -2.63
CA PRO E 134 -27.50 -4.86 -2.20
C PRO E 134 -27.49 -3.81 -3.32
N PHE E 135 -27.78 -2.56 -2.96
CA PHE E 135 -28.02 -1.48 -3.90
C PHE E 135 -26.80 -0.56 -4.02
N VAL E 136 -26.52 -0.13 -5.26
CA VAL E 136 -25.43 0.80 -5.56
C VAL E 136 -25.99 2.19 -5.86
N GLY E 137 -26.81 2.28 -6.91
CA GLY E 137 -27.19 3.53 -7.57
C GLY E 137 -27.75 4.60 -6.63
N TRP E 138 -28.71 4.23 -5.79
CA TRP E 138 -29.42 5.21 -4.96
C TRP E 138 -28.46 5.85 -3.97
N LYS E 139 -27.54 5.04 -3.44
CA LYS E 139 -26.51 5.55 -2.55
C LYS E 139 -25.64 6.57 -3.29
N GLU E 140 -25.17 6.21 -4.49
CA GLU E 140 -24.27 7.08 -5.25
C GLU E 140 -24.98 8.39 -5.58
N ASN E 141 -26.30 8.35 -5.86
CA ASN E 141 -27.04 9.56 -6.18
C ASN E 141 -26.93 10.60 -5.06
N SER E 142 -26.79 10.14 -3.81
CA SER E 142 -26.72 11.00 -2.64
C SER E 142 -25.28 11.26 -2.20
N GLY E 143 -24.31 10.71 -2.94
CA GLY E 143 -22.90 11.01 -2.73
C GLY E 143 -22.14 9.96 -1.94
N ASP E 144 -22.80 8.85 -1.57
CA ASP E 144 -22.16 7.76 -0.86
C ASP E 144 -21.36 6.89 -1.82
N ASP E 145 -20.21 6.38 -1.36
CA ASP E 145 -19.40 5.45 -2.12
C ASP E 145 -19.79 4.02 -1.73
N THR E 146 -19.79 3.12 -2.71
CA THR E 146 -20.40 1.80 -2.52
C THR E 146 -19.39 0.66 -2.62
N THR E 147 -18.22 0.93 -3.20
CA THR E 147 -17.31 -0.13 -3.63
C THR E 147 -16.87 -0.99 -2.44
N GLN E 148 -16.59 -0.33 -1.31
CA GLN E 148 -16.15 -1.05 -0.13
C GLN E 148 -17.25 -2.00 0.37
N TYR E 149 -18.47 -1.47 0.54
CA TYR E 149 -19.50 -2.24 1.21
C TYR E 149 -19.88 -3.46 0.37
N ILE E 150 -19.82 -3.33 -0.96
CA ILE E 150 -20.11 -4.46 -1.82
C ILE E 150 -19.01 -5.50 -1.67
N GLN E 151 -17.74 -5.04 -1.74
CA GLN E 151 -16.63 -5.96 -1.60
C GLN E 151 -16.75 -6.67 -0.26
N ASP E 152 -17.06 -5.90 0.79
CA ASP E 152 -17.15 -6.44 2.13
C ASP E 152 -18.16 -7.58 2.16
N ILE E 153 -19.36 -7.34 1.63
CA ILE E 153 -20.40 -8.36 1.61
C ILE E 153 -19.87 -9.65 0.98
N VAL E 154 -19.23 -9.55 -0.19
CA VAL E 154 -18.77 -10.72 -0.91
C VAL E 154 -17.78 -11.49 -0.06
N ASN E 155 -16.78 -10.77 0.49
CA ASN E 155 -15.75 -11.38 1.29
C ASN E 155 -16.35 -12.10 2.50
N ILE E 156 -17.37 -11.44 3.12
CA ILE E 156 -18.01 -11.98 4.29
C ILE E 156 -18.71 -13.30 3.94
N TYR E 157 -19.50 -13.26 2.86
CA TYR E 157 -20.24 -14.42 2.41
C TYR E 157 -19.30 -15.58 2.10
N LYS E 158 -18.24 -15.30 1.32
CA LYS E 158 -17.27 -16.34 0.97
C LYS E 158 -16.63 -16.86 2.26
N ASN E 159 -16.28 -15.95 3.18
CA ASN E 159 -15.49 -16.33 4.34
C ASN E 159 -16.26 -17.28 5.24
N TYR E 160 -17.59 -17.08 5.38
CA TYR E 160 -18.39 -17.88 6.30
C TYR E 160 -19.23 -18.91 5.55
N ASN E 161 -18.90 -19.15 4.26
CA ASN E 161 -19.50 -20.18 3.43
C ASN E 161 -21.02 -20.14 3.49
N TYR E 162 -21.62 -18.97 3.23
CA TYR E 162 -23.06 -18.88 3.06
C TYR E 162 -23.39 -19.19 1.60
N ASN E 163 -24.53 -19.84 1.35
CA ASN E 163 -24.92 -20.18 -0.01
C ASN E 163 -25.74 -19.04 -0.62
N THR E 164 -26.22 -18.09 0.19
CA THR E 164 -26.97 -16.96 -0.35
C THR E 164 -26.15 -16.30 -1.45
N GLU E 165 -26.83 -16.00 -2.57
CA GLU E 165 -26.20 -15.41 -3.73
C GLU E 165 -26.50 -13.92 -3.72
N ILE E 166 -25.46 -13.12 -4.02
CA ILE E 166 -25.50 -11.66 -4.02
C ILE E 166 -25.95 -11.20 -5.40
N ILE E 167 -26.96 -10.33 -5.44
CA ILE E 167 -27.38 -9.68 -6.68
C ILE E 167 -27.08 -8.20 -6.54
N VAL E 168 -25.99 -7.73 -7.16
CA VAL E 168 -25.71 -6.32 -7.07
C VAL E 168 -26.74 -5.59 -7.90
N ALA E 169 -27.37 -4.54 -7.34
CA ALA E 169 -28.57 -3.96 -7.91
C ALA E 169 -28.48 -2.44 -8.00
N ALA E 170 -29.39 -1.87 -8.82
CA ALA E 170 -29.43 -0.44 -9.13
C ALA E 170 -28.15 -0.02 -9.84
N LEU E 171 -27.79 -0.78 -10.87
CA LEU E 171 -26.62 -0.50 -11.69
C LEU E 171 -27.04 0.31 -12.91
N ARG E 172 -26.07 1.03 -13.46
CA ARG E 172 -26.37 2.04 -14.46
C ARG E 172 -25.34 2.04 -15.59
N ASN E 173 -24.27 1.24 -15.50
CA ASN E 173 -23.26 1.22 -16.56
C ASN E 173 -22.38 -0.03 -16.46
N GLY E 174 -21.55 -0.23 -17.48
CA GLY E 174 -20.63 -1.36 -17.58
C GLY E 174 -19.53 -1.36 -16.51
N LYS E 175 -18.90 -0.20 -16.26
CA LYS E 175 -17.86 -0.10 -15.25
C LYS E 175 -18.34 -0.76 -13.96
N GLN E 176 -19.61 -0.51 -13.59
CA GLN E 176 -20.16 -0.98 -12.33
C GLN E 176 -20.31 -2.50 -12.30
N ILE E 177 -20.72 -3.07 -13.44
CA ILE E 177 -20.73 -4.51 -13.63
C ILE E 177 -19.34 -5.06 -13.36
N VAL E 178 -18.33 -4.43 -13.95
CA VAL E 178 -16.95 -4.88 -13.80
C VAL E 178 -16.55 -4.80 -12.33
N ASP E 179 -16.87 -3.70 -11.64
CA ASP E 179 -16.59 -3.56 -10.22
C ASP E 179 -17.06 -4.80 -9.46
N ALA E 180 -18.28 -5.26 -9.80
CA ALA E 180 -18.89 -6.39 -9.12
C ALA E 180 -18.17 -7.69 -9.49
N ALA E 181 -17.80 -7.82 -10.76
CA ALA E 181 -17.06 -8.98 -11.21
C ALA E 181 -15.73 -9.05 -10.48
N LYS E 182 -15.08 -7.89 -10.32
CA LYS E 182 -13.80 -7.83 -9.64
C LYS E 182 -13.98 -8.24 -8.18
N ALA E 183 -15.12 -7.82 -7.60
CA ALA E 183 -15.43 -8.11 -6.20
C ALA E 183 -15.74 -9.59 -6.03
N GLY E 184 -16.30 -10.20 -7.07
CA GLY E 184 -16.64 -11.62 -7.05
C GLY E 184 -18.11 -11.86 -6.72
N ALA E 185 -18.94 -10.82 -6.84
CA ALA E 185 -20.38 -10.96 -6.64
C ALA E 185 -20.89 -12.10 -7.52
N HIS E 186 -21.87 -12.84 -6.98
CA HIS E 186 -22.42 -13.98 -7.69
C HIS E 186 -23.18 -13.52 -8.93
N ILE E 187 -23.99 -12.47 -8.76
CA ILE E 187 -24.97 -12.07 -9.75
C ILE E 187 -24.96 -10.54 -9.85
N VAL E 188 -25.39 -10.07 -11.02
CA VAL E 188 -25.59 -8.65 -11.25
C VAL E 188 -26.93 -8.49 -11.94
N THR E 189 -27.64 -7.38 -11.68
CA THR E 189 -28.92 -7.16 -12.34
C THR E 189 -28.98 -5.73 -12.88
N CYS E 190 -29.29 -5.62 -14.18
CA CYS E 190 -29.16 -4.36 -14.90
C CYS E 190 -30.33 -4.21 -15.88
N GLY E 191 -30.63 -2.95 -16.22
CA GLY E 191 -31.57 -2.66 -17.29
C GLY E 191 -31.07 -3.13 -18.65
N PHE E 192 -32.00 -3.26 -19.59
CA PHE E 192 -31.71 -3.73 -20.93
C PHE E 192 -30.54 -2.94 -21.53
N ASP E 193 -30.66 -1.61 -21.50
CA ASP E 193 -29.76 -0.73 -22.22
C ASP E 193 -28.36 -0.79 -21.63
N VAL E 194 -28.28 -0.94 -20.31
CA VAL E 194 -27.00 -1.07 -19.61
C VAL E 194 -26.19 -2.21 -20.21
N TYR E 195 -26.78 -3.41 -20.22
CA TYR E 195 -26.12 -4.59 -20.78
C TYR E 195 -25.76 -4.33 -22.23
N LYS E 196 -26.72 -3.83 -23.03
CA LYS E 196 -26.51 -3.65 -24.46
C LYS E 196 -25.23 -2.84 -24.68
N GLU E 197 -25.08 -1.74 -23.93
CA GLU E 197 -24.00 -0.80 -24.13
C GLU E 197 -22.71 -1.31 -23.49
N SER E 198 -22.83 -2.22 -22.51
CA SER E 198 -21.67 -2.82 -21.86
C SER E 198 -20.92 -3.71 -22.84
N PHE E 199 -21.56 -4.03 -23.97
CA PHE E 199 -20.95 -4.85 -25.00
C PHE E 199 -20.33 -3.99 -26.11
N GLN E 200 -20.62 -2.70 -26.12
CA GLN E 200 -20.29 -1.84 -27.26
C GLN E 200 -19.22 -0.84 -26.83
N HIS E 201 -18.28 -0.54 -27.74
CA HIS E 201 -17.10 0.24 -27.41
C HIS E 201 -16.62 0.96 -28.66
N ALA E 202 -16.29 2.25 -28.52
CA ALA E 202 -15.96 3.12 -29.64
C ALA E 202 -14.75 2.59 -30.42
N PHE E 203 -13.84 1.89 -29.72
CA PHE E 203 -12.67 1.36 -30.40
C PHE E 203 -13.07 0.20 -31.31
N THR E 204 -14.17 -0.50 -31.00
CA THR E 204 -14.65 -1.55 -31.88
C THR E 204 -15.08 -0.92 -33.21
N ASP E 205 -15.89 0.14 -33.14
CA ASP E 205 -16.33 0.84 -34.33
C ASP E 205 -15.09 1.24 -35.15
N TYR E 206 -14.12 1.86 -34.45
CA TYR E 206 -12.92 2.35 -35.07
C TYR E 206 -12.18 1.21 -35.75
N GLY E 207 -12.11 0.08 -35.06
CA GLY E 207 -11.46 -1.13 -35.56
C GLY E 207 -12.14 -1.66 -36.82
N LEU E 208 -13.47 -1.72 -36.82
CA LEU E 208 -14.22 -2.23 -37.96
C LEU E 208 -13.84 -1.41 -39.19
N ASN E 209 -13.83 -0.09 -39.05
CA ASN E 209 -13.55 0.79 -40.18
C ASN E 209 -12.14 0.54 -40.72
N LYS E 210 -11.14 0.38 -39.83
CA LYS E 210 -9.80 0.04 -40.26
C LYS E 210 -9.85 -1.21 -41.14
N PHE E 211 -10.59 -2.21 -40.66
CA PHE E 211 -10.63 -3.54 -41.24
C PHE E 211 -11.45 -3.56 -42.53
N ARG E 212 -12.50 -2.74 -42.62
CA ARG E 212 -13.28 -2.65 -43.83
C ARG E 212 -12.40 -2.14 -44.97
N ASN E 213 -11.57 -1.12 -44.67
CA ASN E 213 -10.66 -0.58 -45.66
C ASN E 213 -9.68 -1.65 -46.12
N ALA E 214 -9.19 -2.45 -45.18
CA ALA E 214 -8.18 -3.46 -45.47
C ALA E 214 -8.74 -4.57 -46.36
N TRP E 215 -9.99 -4.96 -46.08
CA TRP E 215 -10.69 -5.98 -46.83
C TRP E 215 -10.94 -5.52 -48.27
N ASP E 216 -11.32 -4.25 -48.38
CA ASP E 216 -11.57 -3.60 -49.67
C ASP E 216 -10.22 -3.25 -50.32
N ASN E 217 -9.24 -4.16 -50.32
CA ASN E 217 -7.91 -3.85 -50.83
C ASN E 217 -7.08 -5.15 -50.93
N MET F 1 -13.88 25.84 -5.88
CA MET F 1 -14.42 24.73 -6.74
C MET F 1 -15.73 25.15 -7.39
N LYS F 2 -15.85 24.82 -8.67
CA LYS F 2 -16.85 25.41 -9.55
C LYS F 2 -17.84 24.34 -10.01
N TYR F 3 -19.14 24.64 -9.90
CA TYR F 3 -20.21 23.83 -10.44
C TYR F 3 -20.80 24.50 -11.68
N PHE F 4 -20.72 23.84 -12.83
CA PHE F 4 -21.36 24.30 -14.05
C PHE F 4 -22.56 23.43 -14.36
N LEU F 5 -23.59 24.00 -14.99
CA LEU F 5 -24.79 23.26 -15.35
C LEU F 5 -24.67 22.79 -16.81
N ASP F 6 -24.76 21.48 -17.03
CA ASP F 6 -24.74 20.91 -18.37
C ASP F 6 -26.19 20.80 -18.84
N SER F 7 -26.75 21.93 -19.28
CA SER F 7 -28.15 22.02 -19.68
C SER F 7 -28.34 23.17 -20.66
N ALA F 8 -29.46 23.12 -21.39
CA ALA F 8 -29.84 24.20 -22.30
C ALA F 8 -31.20 24.78 -21.91
N ILE F 9 -31.81 24.27 -20.84
CA ILE F 9 -33.14 24.69 -20.44
C ILE F 9 -33.01 25.92 -19.53
N LEU F 10 -33.45 27.08 -20.03
CA LEU F 10 -33.20 28.37 -19.38
C LEU F 10 -33.77 28.39 -17.96
N GLU F 11 -34.92 27.75 -17.76
CA GLU F 11 -35.57 27.72 -16.45
C GLU F 11 -34.69 26.98 -15.42
N GLU F 12 -34.04 25.90 -15.87
CA GLU F 12 -33.09 25.15 -15.06
C GLU F 12 -31.90 26.05 -14.71
N ILE F 13 -31.42 26.82 -15.70
CA ILE F 13 -30.28 27.69 -15.53
C ILE F 13 -30.64 28.83 -14.55
N ARG F 14 -31.85 29.37 -14.67
CA ARG F 14 -32.28 30.44 -13.79
C ARG F 14 -32.30 29.98 -12.33
N TYR F 15 -32.97 28.85 -12.07
CA TYR F 15 -33.10 28.31 -10.71
C TYR F 15 -31.70 28.06 -10.12
N ALA F 16 -30.85 27.41 -10.92
CA ALA F 16 -29.51 27.04 -10.49
C ALA F 16 -28.73 28.26 -10.03
N TYR F 17 -28.74 29.32 -10.85
CA TYR F 17 -28.00 30.53 -10.56
C TYR F 17 -28.49 31.15 -9.25
N GLU F 18 -29.82 31.23 -9.11
CA GLU F 18 -30.42 31.97 -8.01
C GLU F 18 -30.27 31.20 -6.70
N ASN F 19 -30.30 29.85 -6.74
CA ASN F 19 -30.37 29.07 -5.52
C ASN F 19 -29.10 28.25 -5.25
N TRP F 20 -28.39 27.85 -6.32
CA TRP F 20 -27.26 26.95 -6.17
C TRP F 20 -25.94 27.67 -6.36
N ALA F 21 -25.99 28.91 -6.83
CA ALA F 21 -24.79 29.69 -7.12
C ALA F 21 -23.88 28.95 -8.12
N ILE F 22 -24.50 28.32 -9.12
CA ILE F 22 -23.72 27.75 -10.21
C ILE F 22 -22.79 28.84 -10.75
N ASP F 23 -21.60 28.42 -11.21
CA ASP F 23 -20.53 29.32 -11.58
C ASP F 23 -20.40 29.44 -13.10
N GLY F 24 -21.37 28.89 -13.84
CA GLY F 24 -21.32 28.86 -15.30
C GLY F 24 -22.17 27.75 -15.90
N VAL F 25 -22.11 27.62 -17.24
CA VAL F 25 -22.99 26.76 -18.01
C VAL F 25 -22.23 26.12 -19.18
N THR F 26 -22.54 24.83 -19.43
CA THR F 26 -22.06 24.10 -20.59
C THR F 26 -23.24 23.62 -21.43
N THR F 27 -23.06 23.67 -22.76
CA THR F 27 -24.01 23.15 -23.72
C THR F 27 -23.25 22.30 -24.74
N ASN F 28 -24.03 21.52 -25.49
CA ASN F 28 -23.53 20.72 -26.60
C ASN F 28 -24.69 20.46 -27.55
N PRO F 29 -24.42 20.07 -28.81
CA PRO F 29 -25.46 19.96 -29.83
C PRO F 29 -26.66 19.12 -29.40
N ARG F 30 -26.44 18.10 -28.55
CA ARG F 30 -27.51 17.25 -28.07
C ARG F 30 -28.43 18.06 -27.14
N HIS F 31 -27.86 18.82 -26.22
CA HIS F 31 -28.68 19.62 -25.31
C HIS F 31 -29.40 20.73 -26.06
N ILE F 32 -28.72 21.32 -27.06
CA ILE F 32 -29.32 22.35 -27.89
C ILE F 32 -30.56 21.75 -28.57
N MET F 33 -30.39 20.58 -29.18
CA MET F 33 -31.47 19.90 -29.88
C MET F 33 -32.66 19.73 -28.92
N ASN F 34 -32.40 19.18 -27.73
CA ASN F 34 -33.48 18.80 -26.83
C ASN F 34 -34.07 20.02 -26.14
N SER F 35 -33.58 21.22 -26.47
CA SER F 35 -34.21 22.44 -25.98
C SER F 35 -35.52 22.68 -26.71
N GLY F 36 -35.60 22.20 -27.95
CA GLY F 36 -36.73 22.46 -28.84
C GLY F 36 -36.50 23.70 -29.71
N LYS F 37 -35.72 24.65 -29.20
CA LYS F 37 -35.54 25.94 -29.81
C LYS F 37 -34.38 25.87 -30.80
N PRO F 38 -34.28 26.82 -31.76
CA PRO F 38 -33.14 26.89 -32.67
C PRO F 38 -31.92 27.54 -32.03
N PHE F 39 -30.74 27.24 -32.58
CA PHE F 39 -29.46 27.53 -31.96
C PHE F 39 -29.36 29.02 -31.64
N LEU F 40 -29.52 29.88 -32.66
CA LEU F 40 -29.26 31.30 -32.50
C LEU F 40 -30.31 31.95 -31.58
N THR F 41 -31.47 31.29 -31.39
CA THR F 41 -32.47 31.81 -30.46
C THR F 41 -32.06 31.46 -29.03
N VAL F 42 -31.60 30.22 -28.80
CA VAL F 42 -31.06 29.82 -27.50
C VAL F 42 -29.97 30.80 -27.11
N LEU F 43 -29.02 31.03 -28.04
CA LEU F 43 -27.89 31.91 -27.79
C LEU F 43 -28.37 33.30 -27.45
N ASP F 44 -29.38 33.79 -28.18
CA ASP F 44 -29.89 35.14 -27.98
C ASP F 44 -30.45 35.25 -26.56
N GLU F 45 -31.32 34.29 -26.19
CA GLU F 45 -31.92 34.27 -24.87
C GLU F 45 -30.82 34.33 -23.80
N PHE F 46 -29.72 33.60 -24.01
CA PHE F 46 -28.61 33.54 -23.06
C PHE F 46 -27.94 34.91 -22.98
N ALA F 47 -27.58 35.46 -24.14
CA ALA F 47 -26.92 36.76 -24.25
C ALA F 47 -27.64 37.77 -23.36
N SER F 48 -28.97 37.88 -23.55
CA SER F 48 -29.80 38.81 -22.81
C SER F 48 -29.84 38.43 -21.33
N GLU F 49 -30.04 37.15 -21.04
CA GLU F 49 -30.19 36.69 -19.67
C GLU F 49 -28.98 37.12 -18.83
N PHE F 50 -27.77 37.10 -19.42
CA PHE F 50 -26.57 37.33 -18.63
C PHE F 50 -25.78 38.54 -19.15
N LYS F 51 -26.45 39.48 -19.85
CA LYS F 51 -25.81 40.70 -20.29
C LYS F 51 -24.96 41.26 -19.14
N GLY F 52 -25.57 41.40 -17.95
CA GLY F 52 -24.89 41.95 -16.79
C GLY F 52 -23.63 41.20 -16.37
N VAL F 53 -23.74 39.88 -16.14
CA VAL F 53 -22.79 39.11 -15.34
C VAL F 53 -21.43 39.05 -16.03
N GLU F 54 -20.35 39.26 -15.28
CA GLU F 54 -19.03 39.47 -15.87
C GLU F 54 -18.19 38.18 -15.94
N ASN F 55 -18.19 37.37 -14.88
CA ASN F 55 -17.36 36.18 -14.84
C ASN F 55 -18.26 34.94 -14.74
N PHE F 56 -18.98 34.66 -15.83
CA PHE F 56 -19.93 33.56 -15.89
C PHE F 56 -19.89 32.93 -17.28
N PRO F 57 -19.03 31.91 -17.50
CA PRO F 57 -18.89 31.32 -18.83
C PRO F 57 -20.09 30.47 -19.26
N ILE F 58 -20.42 30.58 -20.56
CA ILE F 58 -21.43 29.77 -21.22
C ILE F 58 -20.76 29.07 -22.40
N SER F 59 -20.59 27.75 -22.31
CA SER F 59 -19.86 27.02 -23.35
C SER F 59 -20.84 26.57 -24.43
N VAL F 60 -20.51 26.94 -25.68
CA VAL F 60 -21.43 26.83 -26.80
C VAL F 60 -20.68 26.14 -27.94
N GLU F 61 -21.19 24.99 -28.41
CA GLU F 61 -20.40 24.16 -29.30
C GLU F 61 -20.76 24.44 -30.76
N ILE F 62 -19.71 24.70 -31.56
CA ILE F 62 -19.83 24.94 -32.98
C ILE F 62 -20.31 23.66 -33.67
N ASN F 63 -20.81 23.86 -34.90
CA ASN F 63 -21.38 22.79 -35.69
C ASN F 63 -20.40 21.62 -35.75
N PRO F 64 -20.82 20.39 -35.32
CA PRO F 64 -20.00 19.20 -35.41
C PRO F 64 -19.56 18.71 -36.79
N HIS F 65 -20.24 19.17 -37.88
CA HIS F 65 -19.85 18.74 -39.20
C HIS F 65 -18.52 19.36 -39.64
N LEU F 66 -18.26 20.59 -39.22
CA LEU F 66 -17.10 21.36 -39.69
C LEU F 66 -15.83 20.51 -39.56
N ASP F 67 -14.95 20.53 -40.59
CA ASP F 67 -13.91 19.52 -40.74
C ASP F 67 -12.55 20.13 -41.07
N ASN F 68 -12.35 21.41 -40.71
CA ASN F 68 -11.20 22.18 -41.17
C ASN F 68 -11.08 23.39 -40.25
N ALA F 69 -9.86 23.78 -39.89
CA ALA F 69 -9.66 24.85 -38.90
C ALA F 69 -10.21 26.18 -39.42
N LYS F 70 -9.99 26.49 -40.71
CA LYS F 70 -10.36 27.77 -41.28
C LYS F 70 -11.84 28.06 -41.01
N ASP F 71 -12.70 27.07 -41.32
CA ASP F 71 -14.14 27.22 -41.19
C ASP F 71 -14.52 27.27 -39.72
N MET F 72 -13.91 26.39 -38.92
CA MET F 72 -14.12 26.35 -37.48
C MET F 72 -13.97 27.74 -36.89
N VAL F 73 -12.86 28.42 -37.23
CA VAL F 73 -12.52 29.71 -36.65
C VAL F 73 -13.56 30.75 -37.09
N GLU F 74 -13.99 30.65 -38.36
CA GLU F 74 -14.96 31.58 -38.90
C GLU F 74 -16.25 31.48 -38.09
N GLU F 75 -16.82 30.27 -38.00
CA GLU F 75 -18.13 30.05 -37.40
C GLU F 75 -18.12 30.38 -35.92
N GLY F 76 -17.00 30.09 -35.25
CA GLY F 76 -16.87 30.31 -33.82
C GLY F 76 -16.79 31.80 -33.48
N THR F 77 -16.05 32.54 -34.31
CA THR F 77 -15.91 33.98 -34.13
C THR F 77 -17.29 34.64 -34.18
N LYS F 78 -18.13 34.17 -35.11
CA LYS F 78 -19.50 34.67 -35.26
C LYS F 78 -20.23 34.52 -33.93
N ILE F 79 -20.13 33.33 -33.33
CA ILE F 79 -20.81 33.01 -32.08
C ILE F 79 -20.24 33.87 -30.94
N ALA F 80 -18.93 34.07 -30.94
CA ALA F 80 -18.26 34.84 -29.89
C ALA F 80 -18.78 36.27 -29.86
N LYS F 81 -18.96 36.85 -31.06
CA LYS F 81 -19.47 38.21 -31.18
C LYS F 81 -20.77 38.34 -30.41
N LEU F 82 -21.61 37.29 -30.42
CA LEU F 82 -22.96 37.37 -29.85
C LEU F 82 -22.98 37.67 -28.36
N SER F 83 -21.91 37.29 -27.63
CA SER F 83 -21.79 37.63 -26.20
C SER F 83 -20.40 37.31 -25.67
N SER F 84 -19.92 38.14 -24.74
CA SER F 84 -18.59 38.00 -24.16
C SER F 84 -18.60 36.96 -23.04
N ASN F 85 -19.77 36.40 -22.71
CA ASN F 85 -19.85 35.31 -21.76
C ASN F 85 -19.56 33.98 -22.46
N PHE F 86 -19.76 33.95 -23.78
CA PHE F 86 -19.67 32.71 -24.53
C PHE F 86 -18.23 32.22 -24.59
N VAL F 87 -18.07 30.89 -24.43
CA VAL F 87 -16.82 30.22 -24.73
C VAL F 87 -17.10 29.21 -25.84
N ILE F 88 -16.13 29.00 -26.72
CA ILE F 88 -16.32 28.20 -27.91
C ILE F 88 -15.91 26.74 -27.64
N LYS F 89 -16.91 25.85 -27.52
CA LYS F 89 -16.67 24.42 -27.34
C LYS F 89 -16.23 23.85 -28.70
N ILE F 90 -15.17 23.05 -28.67
CA ILE F 90 -14.46 22.60 -29.87
C ILE F 90 -13.97 21.16 -29.65
N PRO F 91 -14.24 20.22 -30.58
CA PRO F 91 -13.79 18.84 -30.41
C PRO F 91 -12.28 18.68 -30.42
N CYS F 92 -11.78 17.65 -29.72
CA CYS F 92 -10.36 17.36 -29.65
C CYS F 92 -9.96 16.53 -30.87
N THR F 93 -9.92 17.21 -32.02
CA THR F 93 -9.47 16.64 -33.28
C THR F 93 -8.26 17.44 -33.77
N GLU F 94 -7.61 16.94 -34.82
CA GLU F 94 -6.43 17.60 -35.39
C GLU F 94 -6.80 19.04 -35.78
N PRO F 95 -7.84 19.27 -36.62
CA PRO F 95 -8.34 20.62 -36.90
C PRO F 95 -8.84 21.36 -35.67
N GLY F 96 -9.59 20.65 -34.81
CA GLY F 96 -10.11 21.24 -33.59
C GLY F 96 -9.02 21.96 -32.79
N LEU F 97 -7.92 21.26 -32.56
CA LEU F 97 -6.81 21.80 -31.77
C LEU F 97 -6.22 23.01 -32.51
N ILE F 98 -5.92 22.86 -33.80
CA ILE F 98 -5.32 23.94 -34.57
C ILE F 98 -6.18 25.19 -34.45
N ALA F 99 -7.51 25.01 -34.54
CA ALA F 99 -8.46 26.11 -34.43
C ALA F 99 -8.39 26.76 -33.06
N ALA F 100 -8.39 25.94 -32.01
CA ALA F 100 -8.32 26.46 -30.65
C ALA F 100 -7.04 27.27 -30.49
N LYS F 101 -5.91 26.74 -30.98
CA LYS F 101 -4.62 27.42 -30.91
C LYS F 101 -4.78 28.85 -31.40
N GLU F 102 -5.44 29.00 -32.56
CA GLU F 102 -5.66 30.28 -33.19
C GLU F 102 -6.64 31.12 -32.39
N PHE F 103 -7.80 30.55 -32.05
CA PHE F 103 -8.81 31.25 -31.26
C PHE F 103 -8.16 31.91 -30.05
N GLU F 104 -7.29 31.17 -29.33
CA GLU F 104 -6.76 31.65 -28.07
C GLU F 104 -5.70 32.73 -28.33
N LYS F 105 -4.88 32.53 -29.38
CA LYS F 105 -3.93 33.54 -29.83
C LYS F 105 -4.67 34.87 -30.06
N GLN F 106 -5.88 34.78 -30.64
CA GLN F 106 -6.69 35.95 -30.95
C GLN F 106 -7.52 36.38 -29.75
N GLY F 107 -7.27 35.78 -28.57
CA GLY F 107 -7.94 36.16 -27.33
C GLY F 107 -9.40 35.74 -27.26
N ILE F 108 -9.80 34.70 -28.03
CA ILE F 108 -11.13 34.13 -27.94
C ILE F 108 -11.04 32.83 -27.12
N SER F 109 -11.75 32.77 -25.99
CA SER F 109 -11.68 31.64 -25.08
C SER F 109 -12.35 30.41 -25.69
N THR F 110 -11.72 29.25 -25.49
CA THR F 110 -12.18 27.99 -26.03
C THR F 110 -12.35 26.96 -24.92
N ASN F 111 -13.15 25.94 -25.21
CA ASN F 111 -13.37 24.78 -24.36
C ASN F 111 -13.18 23.54 -25.20
N VAL F 112 -12.04 22.85 -25.06
CA VAL F 112 -11.81 21.66 -25.87
C VAL F 112 -12.54 20.50 -25.21
N THR F 113 -13.45 19.87 -25.97
CA THR F 113 -14.33 18.82 -25.46
C THR F 113 -14.02 17.51 -26.18
N LEU F 114 -14.71 16.44 -25.78
CA LEU F 114 -14.49 15.10 -26.31
C LEU F 114 -13.03 14.70 -26.12
N VAL F 115 -12.56 14.92 -24.90
CA VAL F 115 -11.26 14.47 -24.40
C VAL F 115 -11.48 13.21 -23.57
N PHE F 116 -10.69 12.16 -23.83
CA PHE F 116 -10.93 10.86 -23.23
C PHE F 116 -9.66 10.23 -22.64
N SER F 117 -8.52 10.92 -22.75
CA SER F 117 -7.26 10.42 -22.21
C SER F 117 -6.42 11.61 -21.77
N PRO F 118 -5.38 11.41 -20.94
CA PRO F 118 -4.50 12.52 -20.54
C PRO F 118 -3.64 13.08 -21.68
N SER F 119 -3.29 12.25 -22.67
CA SER F 119 -2.52 12.71 -23.81
C SER F 119 -3.34 13.67 -24.66
N GLN F 120 -4.64 13.38 -24.76
CA GLN F 120 -5.59 14.27 -25.41
C GLN F 120 -5.74 15.57 -24.62
N ALA F 121 -5.67 15.48 -23.29
CA ALA F 121 -5.84 16.64 -22.43
C ALA F 121 -4.61 17.55 -22.49
N LEU F 122 -3.45 16.98 -22.81
CA LEU F 122 -2.19 17.71 -22.72
C LEU F 122 -2.19 18.83 -23.76
N GLN F 123 -2.57 18.52 -25.01
CA GLN F 123 -2.36 19.45 -26.09
C GLN F 123 -3.16 20.72 -25.87
N PRO F 124 -4.46 20.66 -25.48
CA PRO F 124 -5.23 21.86 -25.16
C PRO F 124 -4.50 22.78 -24.19
N ALA F 125 -3.94 22.19 -23.13
CA ALA F 125 -3.16 22.93 -22.15
C ALA F 125 -1.92 23.55 -22.80
N ARG F 126 -1.30 22.81 -23.73
CA ARG F 126 -0.07 23.25 -24.38
C ARG F 126 -0.35 24.43 -25.33
N ILE F 127 -1.61 24.57 -25.77
CA ILE F 127 -2.09 25.63 -26.65
C ILE F 127 -2.72 26.77 -25.87
N GLY F 128 -2.77 26.66 -24.53
CA GLY F 128 -3.38 27.68 -23.69
C GLY F 128 -4.90 27.80 -23.90
N ALA F 129 -5.59 26.66 -23.95
CA ALA F 129 -7.05 26.64 -23.91
C ALA F 129 -7.53 27.11 -22.53
N LYS F 130 -8.69 27.78 -22.50
CA LYS F 130 -9.20 28.29 -21.22
C LYS F 130 -9.85 27.13 -20.46
N PHE F 131 -10.44 26.19 -21.21
CA PHE F 131 -11.09 25.02 -20.62
C PHE F 131 -10.81 23.76 -21.43
N VAL F 132 -10.61 22.65 -20.71
CA VAL F 132 -10.62 21.31 -21.28
C VAL F 132 -11.70 20.50 -20.56
N SER F 133 -12.43 19.68 -21.30
CA SER F 133 -13.54 18.90 -20.76
C SER F 133 -13.32 17.40 -20.96
N PRO F 134 -12.65 16.69 -20.01
CA PRO F 134 -12.55 15.22 -20.08
C PRO F 134 -13.83 14.52 -19.63
N PHE F 135 -14.14 13.41 -20.30
CA PHE F 135 -15.42 12.72 -20.15
C PHE F 135 -15.28 11.47 -19.28
N VAL F 136 -16.28 11.23 -18.43
CA VAL F 136 -16.35 10.04 -17.57
C VAL F 136 -17.38 9.05 -18.12
N GLY F 137 -18.63 9.49 -18.19
CA GLY F 137 -19.80 8.64 -18.35
C GLY F 137 -19.74 7.69 -19.56
N TRP F 138 -19.40 8.20 -20.74
CA TRP F 138 -19.45 7.40 -21.95
C TRP F 138 -18.45 6.25 -21.88
N LYS F 139 -17.27 6.53 -21.31
CA LYS F 139 -16.28 5.49 -21.10
C LYS F 139 -16.85 4.41 -20.18
N GLU F 140 -17.43 4.82 -19.04
CA GLU F 140 -17.94 3.87 -18.06
C GLU F 140 -19.04 3.00 -18.69
N ASN F 141 -19.87 3.59 -19.56
CA ASN F 141 -20.95 2.85 -20.21
C ASN F 141 -20.42 1.63 -20.96
N SER F 142 -19.18 1.73 -21.48
CA SER F 142 -18.58 0.66 -22.26
C SER F 142 -17.63 -0.21 -21.42
N GLY F 143 -17.53 0.09 -20.11
CA GLY F 143 -16.80 -0.75 -19.18
C GLY F 143 -15.40 -0.25 -18.84
N ASP F 144 -15.01 0.91 -19.38
CA ASP F 144 -13.72 1.51 -19.05
C ASP F 144 -13.79 2.21 -17.70
N ASP F 145 -12.68 2.15 -16.95
CA ASP F 145 -12.56 2.85 -15.67
C ASP F 145 -11.88 4.20 -15.92
N THR F 146 -12.30 5.24 -15.20
CA THR F 146 -11.94 6.60 -15.55
C THR F 146 -11.12 7.28 -14.45
N THR F 147 -11.14 6.73 -13.23
CA THR F 147 -10.69 7.47 -12.07
C THR F 147 -9.21 7.83 -12.19
N GLN F 148 -8.40 6.91 -12.73
CA GLN F 148 -6.98 7.16 -12.89
C GLN F 148 -6.75 8.31 -13.87
N TYR F 149 -7.37 8.25 -15.06
CA TYR F 149 -7.04 9.18 -16.12
C TYR F 149 -7.44 10.60 -15.71
N ILE F 150 -8.52 10.73 -14.94
CA ILE F 150 -8.94 12.05 -14.47
C ILE F 150 -7.91 12.55 -13.47
N GLN F 151 -7.54 11.70 -12.51
CA GLN F 151 -6.58 12.09 -11.51
C GLN F 151 -5.29 12.49 -12.22
N ASP F 152 -4.88 11.69 -13.21
CA ASP F 152 -3.65 11.94 -13.93
C ASP F 152 -3.68 13.34 -14.53
N ILE F 153 -4.76 13.68 -15.24
CA ILE F 153 -4.88 14.99 -15.86
C ILE F 153 -4.67 16.09 -14.83
N VAL F 154 -5.34 16.00 -13.67
CA VAL F 154 -5.25 17.05 -12.66
C VAL F 154 -3.81 17.20 -12.20
N ASN F 155 -3.18 16.07 -11.85
CA ASN F 155 -1.82 16.06 -11.36
C ASN F 155 -0.88 16.66 -12.40
N ILE F 156 -1.11 16.33 -13.66
CA ILE F 156 -0.28 16.79 -14.76
C ILE F 156 -0.38 18.31 -14.88
N TYR F 157 -1.61 18.81 -14.88
CA TYR F 157 -1.88 20.24 -14.98
C TYR F 157 -1.24 20.98 -13.82
N LYS F 158 -1.46 20.51 -12.59
CA LYS F 158 -0.85 21.14 -11.43
C LYS F 158 0.67 21.08 -11.55
N ASN F 159 1.21 19.93 -11.98
CA ASN F 159 2.64 19.70 -11.94
C ASN F 159 3.37 20.63 -12.90
N TYR F 160 2.77 20.94 -14.06
CA TYR F 160 3.42 21.76 -15.07
C TYR F 160 2.84 23.18 -15.12
N ASN F 161 2.08 23.53 -14.08
CA ASN F 161 1.53 24.86 -13.85
C ASN F 161 0.83 25.42 -15.09
N TYR F 162 -0.10 24.66 -15.66
CA TYR F 162 -0.94 25.15 -16.75
C TYR F 162 -2.12 25.90 -16.16
N ASN F 163 -2.60 26.95 -16.86
CA ASN F 163 -3.76 27.71 -16.44
C ASN F 163 -5.07 27.05 -16.85
N THR F 164 -5.01 26.17 -17.84
CA THR F 164 -6.23 25.56 -18.36
C THR F 164 -6.99 24.91 -17.21
N GLU F 165 -8.31 25.14 -17.19
CA GLU F 165 -9.17 24.62 -16.13
C GLU F 165 -9.88 23.38 -16.66
N ILE F 166 -9.94 22.34 -15.82
CA ILE F 166 -10.52 21.04 -16.17
C ILE F 166 -11.99 21.06 -15.81
N ILE F 167 -12.84 20.69 -16.78
CA ILE F 167 -14.26 20.50 -16.53
C ILE F 167 -14.57 19.02 -16.66
N VAL F 168 -14.73 18.32 -15.53
CA VAL F 168 -15.04 16.91 -15.62
C VAL F 168 -16.49 16.83 -16.11
N ALA F 169 -16.72 15.97 -17.11
CA ALA F 169 -17.95 16.01 -17.86
C ALA F 169 -18.55 14.60 -18.01
N ALA F 170 -19.84 14.57 -18.39
CA ALA F 170 -20.64 13.36 -18.52
C ALA F 170 -20.75 12.69 -17.15
N LEU F 171 -21.15 13.48 -16.17
CA LEU F 171 -21.37 12.98 -14.82
C LEU F 171 -22.85 12.67 -14.67
N ARG F 172 -23.15 11.74 -13.74
CA ARG F 172 -24.47 11.18 -13.65
C ARG F 172 -24.91 11.03 -12.19
N ASN F 173 -24.04 11.31 -11.21
CA ASN F 173 -24.42 11.17 -9.80
C ASN F 173 -23.46 11.94 -8.88
N GLY F 174 -23.84 12.03 -7.60
CA GLY F 174 -23.05 12.71 -6.59
C GLY F 174 -21.68 12.09 -6.30
N LYS F 175 -21.63 10.76 -6.18
CA LYS F 175 -20.38 10.07 -5.91
C LYS F 175 -19.31 10.57 -6.88
N GLN F 176 -19.69 10.73 -8.16
CA GLN F 176 -18.76 11.08 -9.22
C GLN F 176 -18.22 12.52 -9.06
N ILE F 177 -19.12 13.43 -8.64
CA ILE F 177 -18.73 14.77 -8.27
C ILE F 177 -17.65 14.70 -7.19
N VAL F 178 -17.90 13.89 -6.16
CA VAL F 178 -16.97 13.76 -5.06
C VAL F 178 -15.63 13.23 -5.56
N ASP F 179 -15.65 12.19 -6.42
CA ASP F 179 -14.42 11.67 -7.00
C ASP F 179 -13.57 12.80 -7.59
N ALA F 180 -14.23 13.73 -8.29
CA ALA F 180 -13.55 14.82 -8.96
C ALA F 180 -13.02 15.83 -7.95
N ALA F 181 -13.82 16.09 -6.91
CA ALA F 181 -13.39 16.99 -5.85
C ALA F 181 -12.16 16.40 -5.16
N LYS F 182 -12.16 15.09 -4.94
CA LYS F 182 -11.04 14.43 -4.30
C LYS F 182 -9.81 14.55 -5.20
N ALA F 183 -10.02 14.44 -6.52
CA ALA F 183 -8.94 14.51 -7.49
C ALA F 183 -8.38 15.93 -7.56
N GLY F 184 -9.26 16.91 -7.32
CA GLY F 184 -8.87 18.32 -7.34
C GLY F 184 -9.18 18.98 -8.67
N ALA F 185 -10.07 18.38 -9.46
CA ALA F 185 -10.53 19.00 -10.70
C ALA F 185 -11.03 20.42 -10.40
N HIS F 186 -10.77 21.34 -11.34
CA HIS F 186 -11.14 22.72 -11.13
C HIS F 186 -12.67 22.87 -11.14
N ILE F 187 -13.30 22.19 -12.10
CA ILE F 187 -14.71 22.39 -12.40
C ILE F 187 -15.38 21.05 -12.64
N VAL F 188 -16.69 21.03 -12.43
CA VAL F 188 -17.49 19.86 -12.71
C VAL F 188 -18.75 20.36 -13.42
N THR F 189 -19.30 19.56 -14.35
CA THR F 189 -20.52 19.97 -15.05
C THR F 189 -21.51 18.82 -15.06
N CYS F 190 -22.73 19.11 -14.61
CA CYS F 190 -23.73 18.09 -14.35
C CYS F 190 -25.12 18.59 -14.74
N GLY F 191 -26.02 17.65 -15.03
CA GLY F 191 -27.42 17.98 -15.24
C GLY F 191 -28.09 18.52 -13.98
N PHE F 192 -29.22 19.20 -14.15
CA PHE F 192 -29.96 19.78 -13.05
C PHE F 192 -30.20 18.74 -11.95
N ASP F 193 -30.74 17.58 -12.36
CA ASP F 193 -31.23 16.58 -11.44
C ASP F 193 -30.08 15.99 -10.61
N VAL F 194 -28.92 15.83 -11.26
CA VAL F 194 -27.74 15.30 -10.60
C VAL F 194 -27.40 16.15 -9.38
N TYR F 195 -27.23 17.45 -9.59
CA TYR F 195 -26.90 18.38 -8.52
C TYR F 195 -28.00 18.31 -7.45
N LYS F 196 -29.27 18.40 -7.87
CA LYS F 196 -30.39 18.45 -6.93
C LYS F 196 -30.28 17.30 -5.95
N GLU F 197 -30.03 16.10 -6.49
CA GLU F 197 -30.05 14.87 -5.71
C GLU F 197 -28.76 14.69 -4.93
N SER F 198 -27.69 15.34 -5.39
CA SER F 198 -26.39 15.29 -4.71
C SER F 198 -26.49 16.01 -3.37
N PHE F 199 -27.57 16.79 -3.18
CA PHE F 199 -27.78 17.51 -1.94
C PHE F 199 -28.72 16.73 -1.01
N GLN F 200 -29.36 15.66 -1.49
CA GLN F 200 -30.39 14.96 -0.73
C GLN F 200 -29.88 13.58 -0.33
N HIS F 201 -30.23 13.18 0.90
CA HIS F 201 -29.75 11.93 1.47
C HIS F 201 -30.79 11.40 2.43
N ALA F 202 -31.05 10.08 2.35
CA ALA F 202 -32.12 9.42 3.08
C ALA F 202 -31.98 9.61 4.59
N PHE F 203 -30.74 9.75 5.07
CA PHE F 203 -30.51 9.92 6.50
C PHE F 203 -30.99 11.31 6.93
N THR F 204 -30.98 12.30 6.02
CA THR F 204 -31.52 13.62 6.35
C THR F 204 -33.01 13.48 6.61
N ASP F 205 -33.73 12.82 5.70
CA ASP F 205 -35.16 12.61 5.87
C ASP F 205 -35.39 11.94 7.22
N TYR F 206 -34.62 10.87 7.50
CA TYR F 206 -34.76 10.10 8.72
C TYR F 206 -34.54 11.01 9.92
N GLY F 207 -33.51 11.87 9.82
CA GLY F 207 -33.19 12.81 10.88
C GLY F 207 -34.32 13.80 11.13
N LEU F 208 -34.89 14.35 10.06
CA LEU F 208 -35.97 15.33 10.18
C LEU F 208 -37.11 14.73 10.99
N ASN F 209 -37.48 13.50 10.64
CA ASN F 209 -38.60 12.85 11.29
C ASN F 209 -38.31 12.66 12.77
N LYS F 210 -37.10 12.22 13.13
CA LYS F 210 -36.71 12.13 14.53
C LYS F 210 -36.97 13.45 15.23
N PHE F 211 -36.54 14.54 14.59
CA PHE F 211 -36.52 15.86 15.17
C PHE F 211 -37.92 16.46 15.23
N ARG F 212 -38.77 16.15 14.23
CA ARG F 212 -40.13 16.63 14.24
C ARG F 212 -40.86 16.05 15.46
N ASN F 213 -40.65 14.77 15.72
CA ASN F 213 -41.26 14.11 16.87
C ASN F 213 -40.79 14.79 18.16
N ALA F 214 -39.50 15.12 18.23
CA ALA F 214 -38.92 15.68 19.44
C ALA F 214 -39.47 17.07 19.72
N TRP F 215 -39.64 17.85 18.64
CA TRP F 215 -40.17 19.21 18.70
C TRP F 215 -41.61 19.19 19.19
N ASP F 216 -42.37 18.20 18.69
CA ASP F 216 -43.77 18.03 19.02
C ASP F 216 -43.93 17.61 20.49
N ASN F 217 -42.83 17.26 21.15
CA ASN F 217 -42.88 16.91 22.56
C ASN F 217 -42.09 17.93 23.38
N THR F 218 -41.94 19.14 22.86
CA THR F 218 -41.22 20.20 23.57
C THR F 218 -42.15 21.41 23.63
N VAL F 219 -42.04 22.21 24.69
CA VAL F 219 -42.79 23.44 24.70
C VAL F 219 -41.95 24.50 24.00
N THR F 220 -42.40 24.92 22.82
CA THR F 220 -41.60 25.79 21.98
C THR F 220 -41.86 27.29 22.22
N GLU F 221 -42.84 27.69 23.08
CA GLU F 221 -43.09 29.08 23.49
C GLU F 221 -43.98 29.17 24.75
N MET G 1 1.89 -21.48 -20.77
CA MET G 1 1.71 -20.16 -21.43
C MET G 1 2.04 -20.27 -22.92
N LYS G 2 1.18 -19.65 -23.73
CA LYS G 2 1.10 -19.88 -25.16
C LYS G 2 1.48 -18.62 -25.93
N TYR G 3 2.36 -18.78 -26.93
CA TYR G 3 2.73 -17.72 -27.86
C TYR G 3 2.08 -17.97 -29.22
N PHE G 4 1.25 -17.03 -29.68
CA PHE G 4 0.67 -17.09 -31.02
C PHE G 4 1.32 -16.01 -31.89
N LEU G 5 1.42 -16.29 -33.20
CA LEU G 5 2.00 -15.32 -34.12
C LEU G 5 0.88 -14.51 -34.78
N ASP G 6 0.93 -13.17 -34.64
CA ASP G 6 -0.03 -12.29 -35.27
C ASP G 6 0.56 -11.86 -36.62
N SER G 7 0.44 -12.76 -37.60
CA SER G 7 0.95 -12.53 -38.94
C SER G 7 0.18 -13.37 -39.96
N ALA G 8 0.24 -12.97 -41.23
CA ALA G 8 -0.32 -13.75 -42.33
C ALA G 8 0.78 -14.13 -43.33
N ILE G 9 2.03 -13.96 -42.94
CA ILE G 9 3.18 -14.24 -43.79
C ILE G 9 3.66 -15.64 -43.48
N LEU G 10 3.45 -16.55 -44.42
CA LEU G 10 3.70 -17.98 -44.26
C LEU G 10 5.13 -18.26 -43.82
N GLU G 11 6.10 -17.51 -44.38
CA GLU G 11 7.50 -17.74 -44.07
C GLU G 11 7.79 -17.42 -42.60
N GLU G 12 7.15 -16.37 -42.08
CA GLU G 12 7.24 -16.01 -40.67
C GLU G 12 6.67 -17.15 -39.82
N ILE G 13 5.52 -17.69 -40.26
CA ILE G 13 4.83 -18.74 -39.54
C ILE G 13 5.66 -20.02 -39.55
N ARG G 14 6.30 -20.33 -40.68
CA ARG G 14 7.12 -21.53 -40.77
C ARG G 14 8.27 -21.47 -39.77
N TYR G 15 9.05 -20.36 -39.82
CA TYR G 15 10.21 -20.21 -38.96
C TYR G 15 9.80 -20.32 -37.49
N ALA G 16 8.72 -19.60 -37.14
CA ALA G 16 8.25 -19.54 -35.77
C ALA G 16 7.94 -20.93 -35.23
N TYR G 17 7.20 -21.72 -36.03
CA TYR G 17 6.77 -23.05 -35.62
C TYR G 17 7.99 -23.93 -35.38
N GLU G 18 8.95 -23.88 -36.32
CA GLU G 18 10.08 -24.79 -36.29
C GLU G 18 11.06 -24.44 -35.18
N ASN G 19 11.21 -23.16 -34.87
CA ASN G 19 12.29 -22.72 -34.00
C ASN G 19 11.80 -22.15 -32.65
N TRP G 20 10.59 -21.57 -32.65
CA TRP G 20 10.08 -20.90 -31.45
C TRP G 20 9.00 -21.74 -30.78
N ALA G 21 8.53 -22.79 -31.44
CA ALA G 21 7.45 -23.63 -30.93
C ALA G 21 6.21 -22.79 -30.64
N ILE G 22 5.91 -21.85 -31.53
CA ILE G 22 4.66 -21.11 -31.44
C ILE G 22 3.51 -22.12 -31.34
N ASP G 23 2.46 -21.74 -30.60
CA ASP G 23 1.38 -22.64 -30.24
C ASP G 23 0.14 -22.38 -31.08
N GLY G 24 0.26 -21.53 -32.12
CA GLY G 24 -0.88 -21.14 -32.94
C GLY G 24 -0.65 -19.82 -33.65
N VAL G 25 -1.70 -19.35 -34.36
CA VAL G 25 -1.62 -18.21 -35.27
C VAL G 25 -2.90 -17.37 -35.22
N THR G 26 -2.73 -16.03 -35.27
CA THR G 26 -3.83 -15.09 -35.43
C THR G 26 -3.64 -14.25 -36.69
N THR G 27 -4.75 -13.96 -37.37
CA THR G 27 -4.78 -13.12 -38.58
C THR G 27 -5.94 -12.16 -38.47
N ASN G 28 -5.96 -11.16 -39.36
CA ASN G 28 -6.88 -10.03 -39.31
C ASN G 28 -6.86 -9.36 -40.67
N PRO G 29 -7.95 -8.70 -41.11
CA PRO G 29 -8.03 -8.19 -42.48
C PRO G 29 -6.84 -7.35 -42.92
N ARG G 30 -6.21 -6.62 -41.97
CA ARG G 30 -5.05 -5.81 -42.30
C ARG G 30 -3.85 -6.71 -42.63
N HIS G 31 -3.62 -7.74 -41.83
CA HIS G 31 -2.51 -8.65 -42.07
C HIS G 31 -2.75 -9.45 -43.37
N ILE G 32 -4.01 -9.82 -43.62
CA ILE G 32 -4.37 -10.53 -44.84
C ILE G 32 -4.03 -9.65 -46.03
N MET G 33 -4.43 -8.37 -45.98
CA MET G 33 -4.17 -7.43 -47.04
C MET G 33 -2.66 -7.38 -47.31
N ASN G 34 -1.86 -7.19 -46.25
CA ASN G 34 -0.43 -6.96 -46.41
C ASN G 34 0.31 -8.25 -46.75
N SER G 35 -0.42 -9.36 -46.89
CA SER G 35 0.18 -10.59 -47.38
C SER G 35 0.46 -10.47 -48.88
N GLY G 36 -0.34 -9.65 -49.56
CA GLY G 36 -0.28 -9.53 -51.01
C GLY G 36 -1.25 -10.48 -51.71
N LYS G 37 -1.54 -11.62 -51.06
CA LYS G 37 -2.34 -12.67 -51.65
C LYS G 37 -3.82 -12.42 -51.34
N PRO G 38 -4.77 -13.08 -52.03
CA PRO G 38 -6.19 -13.03 -51.65
C PRO G 38 -6.50 -13.96 -50.49
N PHE G 39 -7.61 -13.67 -49.80
CA PHE G 39 -7.98 -14.31 -48.55
C PHE G 39 -8.00 -15.83 -48.72
N LEU G 40 -8.78 -16.36 -49.67
CA LEU G 40 -9.01 -17.79 -49.78
C LEU G 40 -7.72 -18.50 -50.23
N THR G 41 -6.76 -17.75 -50.81
CA THR G 41 -5.47 -18.34 -51.15
C THR G 41 -4.60 -18.46 -49.91
N VAL G 42 -4.57 -17.41 -49.07
CA VAL G 42 -3.89 -17.45 -47.79
C VAL G 42 -4.41 -18.65 -47.01
N LEU G 43 -5.74 -18.77 -46.90
CA LEU G 43 -6.38 -19.84 -46.16
C LEU G 43 -5.97 -21.20 -46.72
N ASP G 44 -5.94 -21.31 -48.05
CA ASP G 44 -5.60 -22.57 -48.68
C ASP G 44 -4.16 -22.95 -48.31
N GLU G 45 -3.23 -22.01 -48.48
CA GLU G 45 -1.83 -22.24 -48.11
C GLU G 45 -1.72 -22.74 -46.67
N PHE G 46 -2.54 -22.16 -45.76
CA PHE G 46 -2.52 -22.54 -44.35
C PHE G 46 -3.03 -23.97 -44.19
N ALA G 47 -4.20 -24.23 -44.77
CA ALA G 47 -4.83 -25.54 -44.72
C ALA G 47 -3.79 -26.63 -45.04
N SER G 48 -3.10 -26.47 -46.18
CA SER G 48 -2.10 -27.43 -46.62
C SER G 48 -0.91 -27.46 -45.66
N GLU G 49 -0.42 -26.27 -45.26
CA GLU G 49 0.75 -26.19 -44.42
C GLU G 49 0.56 -27.02 -43.15
N PHE G 50 -0.65 -27.02 -42.58
CA PHE G 50 -0.88 -27.64 -41.29
C PHE G 50 -1.91 -28.77 -41.35
N LYS G 51 -2.09 -29.38 -42.54
CA LYS G 51 -3.03 -30.48 -42.71
C LYS G 51 -2.93 -31.43 -41.52
N GLY G 52 -1.72 -31.89 -41.23
CA GLY G 52 -1.52 -32.87 -40.16
C GLY G 52 -1.92 -32.36 -38.77
N VAL G 53 -1.38 -31.20 -38.39
CA VAL G 53 -1.16 -30.81 -37.00
C VAL G 53 -2.48 -30.62 -36.28
N GLU G 54 -2.57 -31.17 -35.05
CA GLU G 54 -3.87 -31.46 -34.44
C GLU G 54 -4.31 -30.34 -33.49
N ASN G 55 -3.42 -29.81 -32.63
CA ASN G 55 -3.82 -28.82 -31.65
C ASN G 55 -3.11 -27.50 -31.92
N PHE G 56 -3.46 -26.84 -33.03
CA PHE G 56 -2.77 -25.65 -33.50
C PHE G 56 -3.78 -24.69 -34.13
N PRO G 57 -4.38 -23.78 -33.33
CA PRO G 57 -5.40 -22.87 -33.86
C PRO G 57 -4.88 -21.77 -34.79
N ILE G 58 -5.66 -21.50 -35.85
CA ILE G 58 -5.37 -20.45 -36.80
C ILE G 58 -6.60 -19.54 -36.88
N SER G 59 -6.49 -18.31 -36.37
CA SER G 59 -7.64 -17.42 -36.28
C SER G 59 -7.77 -16.60 -37.57
N VAL G 60 -8.95 -16.66 -38.16
CA VAL G 60 -9.21 -16.15 -39.49
C VAL G 60 -10.48 -15.30 -39.43
N GLU G 61 -10.38 -14.02 -39.82
CA GLU G 61 -11.48 -13.09 -39.55
C GLU G 61 -12.43 -12.97 -40.75
N ILE G 62 -13.72 -13.16 -40.46
CA ILE G 62 -14.80 -13.00 -41.42
C ILE G 62 -14.88 -11.54 -41.87
N ASN G 63 -15.54 -11.36 -43.02
CA ASN G 63 -15.72 -10.07 -43.65
C ASN G 63 -16.27 -9.08 -42.62
N PRO G 64 -15.56 -7.95 -42.37
CA PRO G 64 -15.99 -6.94 -41.41
C PRO G 64 -17.18 -6.07 -41.82
N HIS G 65 -17.55 -6.10 -43.10
CA HIS G 65 -18.71 -5.35 -43.57
C HIS G 65 -20.01 -5.96 -43.03
N LEU G 66 -20.04 -7.29 -42.90
CA LEU G 66 -21.25 -8.01 -42.51
C LEU G 66 -21.84 -7.38 -41.25
N ASP G 67 -23.17 -7.23 -41.19
CA ASP G 67 -23.83 -6.46 -40.14
C ASP G 67 -25.00 -7.21 -39.49
N ASN G 68 -24.98 -8.55 -39.58
CA ASN G 68 -26.12 -9.36 -39.19
C ASN G 68 -25.61 -10.75 -38.86
N ALA G 69 -26.15 -11.36 -37.80
CA ALA G 69 -25.66 -12.64 -37.32
C ALA G 69 -25.84 -13.74 -38.37
N LYS G 70 -27.00 -13.74 -39.05
CA LYS G 70 -27.35 -14.81 -39.98
C LYS G 70 -26.24 -14.97 -41.01
N ASP G 71 -25.83 -13.84 -41.62
CA ASP G 71 -24.84 -13.85 -42.68
C ASP G 71 -23.48 -14.21 -42.11
N MET G 72 -23.15 -13.62 -40.96
CA MET G 72 -21.90 -13.91 -40.27
C MET G 72 -21.71 -15.41 -40.14
N VAL G 73 -22.74 -16.10 -39.65
CA VAL G 73 -22.65 -17.53 -39.37
C VAL G 73 -22.47 -18.30 -40.68
N GLU G 74 -23.15 -17.86 -41.74
CA GLU G 74 -23.07 -18.49 -43.04
C GLU G 74 -21.63 -18.44 -43.53
N GLU G 75 -21.05 -17.22 -43.61
CA GLU G 75 -19.75 -17.01 -44.21
C GLU G 75 -18.65 -17.70 -43.41
N GLY G 76 -18.82 -17.73 -42.08
CA GLY G 76 -17.83 -18.32 -41.20
C GLY G 76 -17.80 -19.84 -41.29
N THR G 77 -19.00 -20.44 -41.42
CA THR G 77 -19.13 -21.87 -41.58
C THR G 77 -18.38 -22.34 -42.82
N LYS G 78 -18.47 -21.54 -43.89
CA LYS G 78 -17.77 -21.81 -45.14
C LYS G 78 -16.28 -21.93 -44.86
N ILE G 79 -15.74 -20.95 -44.10
CA ILE G 79 -14.33 -20.89 -43.77
C ILE G 79 -13.94 -22.07 -42.88
N ALA G 80 -14.82 -22.43 -41.94
CA ALA G 80 -14.56 -23.51 -41.01
C ALA G 80 -14.37 -24.83 -41.76
N LYS G 81 -15.22 -25.06 -42.78
CA LYS G 81 -15.14 -26.26 -43.59
C LYS G 81 -13.72 -26.42 -44.14
N LEU G 82 -13.06 -25.30 -44.50
CA LEU G 82 -11.77 -25.37 -45.18
C LEU G 82 -10.67 -26.05 -44.36
N SER G 83 -10.77 -25.99 -43.02
CA SER G 83 -9.81 -26.66 -42.15
C SER G 83 -10.29 -26.65 -40.70
N SER G 84 -10.02 -27.75 -39.99
CA SER G 84 -10.44 -27.89 -38.59
C SER G 84 -9.45 -27.20 -37.65
N ASN G 85 -8.37 -26.64 -38.20
CA ASN G 85 -7.44 -25.84 -37.42
C ASN G 85 -7.99 -24.40 -37.28
N PHE G 86 -8.84 -24.00 -38.22
CA PHE G 86 -9.30 -22.62 -38.29
C PHE G 86 -10.23 -22.31 -37.12
N VAL G 87 -10.06 -21.10 -36.58
CA VAL G 87 -10.99 -20.50 -35.63
C VAL G 87 -11.53 -19.22 -36.26
N ILE G 88 -12.79 -18.91 -35.99
CA ILE G 88 -13.48 -17.82 -36.63
C ILE G 88 -13.35 -16.55 -35.78
N LYS G 89 -12.52 -15.60 -36.24
CA LYS G 89 -12.37 -14.31 -35.59
C LYS G 89 -13.60 -13.46 -35.90
N ILE G 90 -14.17 -12.81 -34.88
CA ILE G 90 -15.45 -12.14 -34.96
C ILE G 90 -15.44 -10.89 -34.09
N PRO G 91 -15.85 -9.71 -34.61
CA PRO G 91 -15.85 -8.48 -33.81
C PRO G 91 -16.84 -8.53 -32.65
N CYS G 92 -16.51 -7.79 -31.58
CA CYS G 92 -17.35 -7.71 -30.39
C CYS G 92 -18.43 -6.65 -30.64
N THR G 93 -19.41 -7.02 -31.48
CA THR G 93 -20.59 -6.22 -31.73
C THR G 93 -21.83 -7.02 -31.33
N GLU G 94 -22.99 -6.38 -31.35
CA GLU G 94 -24.23 -7.02 -30.97
C GLU G 94 -24.48 -8.24 -31.86
N PRO G 95 -24.46 -8.11 -33.21
CA PRO G 95 -24.50 -9.27 -34.11
C PRO G 95 -23.32 -10.23 -33.94
N GLY G 96 -22.11 -9.66 -33.81
CA GLY G 96 -20.91 -10.47 -33.61
C GLY G 96 -21.09 -11.50 -32.50
N LEU G 97 -21.56 -11.04 -31.34
CA LEU G 97 -21.74 -11.90 -30.18
C LEU G 97 -22.80 -12.95 -30.49
N ILE G 98 -23.95 -12.51 -31.01
CA ILE G 98 -25.04 -13.44 -31.30
C ILE G 98 -24.53 -14.56 -32.21
N ALA G 99 -23.71 -14.19 -33.21
CA ALA G 99 -23.13 -15.14 -34.14
C ALA G 99 -22.21 -16.12 -33.41
N ALA G 100 -21.32 -15.59 -32.56
CA ALA G 100 -20.41 -16.45 -31.82
C ALA G 100 -21.21 -17.45 -30.98
N LYS G 101 -22.26 -16.95 -30.29
CA LYS G 101 -23.12 -17.79 -29.47
C LYS G 101 -23.55 -19.02 -30.27
N GLU G 102 -24.00 -18.78 -31.50
CA GLU G 102 -24.49 -19.81 -32.40
C GLU G 102 -23.34 -20.70 -32.86
N PHE G 103 -22.26 -20.09 -33.36
CA PHE G 103 -21.10 -20.83 -33.82
C PHE G 103 -20.69 -21.87 -32.78
N GLU G 104 -20.64 -21.46 -31.50
CA GLU G 104 -20.10 -22.32 -30.46
C GLU G 104 -21.11 -23.42 -30.13
N LYS G 105 -22.41 -23.06 -30.12
CA LYS G 105 -23.48 -24.03 -29.96
C LYS G 105 -23.32 -25.14 -31.01
N GLN G 106 -22.96 -24.75 -32.24
CA GLN G 106 -22.78 -25.68 -33.34
C GLN G 106 -21.39 -26.31 -33.33
N GLY G 107 -20.62 -26.07 -32.26
CA GLY G 107 -19.30 -26.67 -32.10
C GLY G 107 -18.24 -26.11 -33.04
N ILE G 108 -18.43 -24.87 -33.53
CA ILE G 108 -17.42 -24.17 -34.31
C ILE G 108 -16.73 -23.15 -33.38
N SER G 109 -15.41 -23.29 -33.22
CA SER G 109 -14.65 -22.43 -32.32
C SER G 109 -14.55 -21.01 -32.87
N THR G 110 -14.67 -20.03 -31.97
CA THR G 110 -14.65 -18.62 -32.32
C THR G 110 -13.58 -17.88 -31.51
N ASN G 111 -13.18 -16.72 -32.03
CA ASN G 111 -12.26 -15.82 -31.38
C ASN G 111 -12.88 -14.43 -31.43
N VAL G 112 -13.43 -13.96 -30.30
CA VAL G 112 -14.04 -12.64 -30.32
C VAL G 112 -12.94 -11.60 -30.16
N THR G 113 -12.85 -10.70 -31.14
CA THR G 113 -11.78 -9.72 -31.22
C THR G 113 -12.37 -8.32 -31.09
N LEU G 114 -11.50 -7.31 -31.09
CA LEU G 114 -11.92 -5.91 -30.92
C LEU G 114 -12.67 -5.76 -29.60
N VAL G 115 -12.05 -6.35 -28.56
CA VAL G 115 -12.46 -6.21 -27.17
C VAL G 115 -11.53 -5.18 -26.51
N PHE G 116 -12.11 -4.20 -25.81
CA PHE G 116 -11.36 -3.07 -25.30
C PHE G 116 -11.65 -2.77 -23.82
N SER G 117 -12.55 -3.53 -23.20
CA SER G 117 -12.90 -3.35 -21.80
C SER G 117 -13.26 -4.71 -21.22
N PRO G 118 -13.28 -4.86 -19.88
CA PRO G 118 -13.68 -6.13 -19.26
C PRO G 118 -15.16 -6.48 -19.45
N SER G 119 -16.03 -5.48 -19.57
CA SER G 119 -17.45 -5.73 -19.78
C SER G 119 -17.67 -6.33 -21.15
N GLN G 120 -16.88 -5.87 -22.13
CA GLN G 120 -16.88 -6.42 -23.47
C GLN G 120 -16.33 -7.85 -23.45
N ALA G 121 -15.36 -8.13 -22.58
CA ALA G 121 -14.73 -9.44 -22.50
C ALA G 121 -15.67 -10.45 -21.85
N LEU G 122 -16.58 -9.97 -21.00
CA LEU G 122 -17.38 -10.87 -20.19
C LEU G 122 -18.32 -11.66 -21.08
N GLN G 123 -18.99 -11.00 -22.02
CA GLN G 123 -20.07 -11.64 -22.76
C GLN G 123 -19.53 -12.82 -23.57
N PRO G 124 -18.41 -12.67 -24.32
CA PRO G 124 -17.80 -13.81 -25.01
C PRO G 124 -17.62 -15.04 -24.12
N ALA G 125 -17.11 -14.81 -22.90
CA ALA G 125 -16.94 -15.87 -21.92
C ALA G 125 -18.30 -16.46 -21.53
N ARG G 126 -19.32 -15.60 -21.42
CA ARG G 126 -20.65 -16.03 -21.00
C ARG G 126 -21.33 -16.88 -22.07
N ILE G 127 -20.88 -16.73 -23.32
CA ILE G 127 -21.39 -17.43 -24.50
C ILE G 127 -20.50 -18.62 -24.84
N GLY G 128 -19.44 -18.87 -24.04
CA GLY G 128 -18.56 -19.99 -24.25
C GLY G 128 -17.73 -19.88 -25.53
N ALA G 129 -17.17 -18.69 -25.78
CA ALA G 129 -16.19 -18.52 -26.83
C ALA G 129 -14.91 -19.28 -26.48
N LYS G 130 -14.20 -19.78 -27.51
CA LYS G 130 -12.97 -20.51 -27.26
C LYS G 130 -11.86 -19.51 -26.99
N PHE G 131 -11.92 -18.34 -27.64
CA PHE G 131 -10.94 -17.29 -27.47
C PHE G 131 -11.58 -15.91 -27.43
N VAL G 132 -11.03 -15.07 -26.54
CA VAL G 132 -11.28 -13.63 -26.54
C VAL G 132 -9.95 -12.91 -26.72
N SER G 133 -9.94 -11.84 -27.50
CA SER G 133 -8.73 -11.09 -27.81
C SER G 133 -8.86 -9.63 -27.36
N PRO G 134 -8.48 -9.28 -26.10
CA PRO G 134 -8.43 -7.87 -25.70
C PRO G 134 -7.19 -7.15 -26.22
N PHE G 135 -7.37 -5.87 -26.59
CA PHE G 135 -6.36 -5.08 -27.30
C PHE G 135 -5.64 -4.12 -26.35
N VAL G 136 -4.33 -3.97 -26.56
CA VAL G 136 -3.50 -3.04 -25.82
C VAL G 136 -3.14 -1.82 -26.69
N GLY G 137 -2.46 -2.08 -27.81
CA GLY G 137 -1.72 -1.09 -28.58
C GLY G 137 -2.53 0.14 -28.99
N TRP G 138 -3.71 -0.08 -29.58
CA TRP G 138 -4.51 1.00 -30.15
C TRP G 138 -4.96 1.95 -29.05
N LYS G 139 -5.32 1.39 -27.89
CA LYS G 139 -5.68 2.20 -26.74
C LYS G 139 -4.50 3.08 -26.32
N GLU G 140 -3.30 2.47 -26.19
CA GLU G 140 -2.14 3.21 -25.73
C GLU G 140 -1.81 4.34 -26.71
N ASN G 141 -2.00 4.10 -28.02
CA ASN G 141 -1.71 5.12 -29.02
C ASN G 141 -2.49 6.41 -28.75
N SER G 142 -3.69 6.28 -28.16
CA SER G 142 -4.57 7.42 -27.89
C SER G 142 -4.44 7.90 -26.44
N GLY G 143 -3.55 7.28 -25.66
CA GLY G 143 -3.21 7.76 -24.33
C GLY G 143 -3.90 7.00 -23.20
N ASP G 144 -4.70 5.98 -23.53
CA ASP G 144 -5.37 5.15 -22.53
C ASP G 144 -4.39 4.14 -21.94
N ASP G 145 -4.55 3.87 -20.64
CA ASP G 145 -3.76 2.88 -19.92
C ASP G 145 -4.52 1.55 -19.94
N THR G 146 -3.78 0.44 -20.08
CA THR G 146 -4.41 -0.83 -20.38
C THR G 146 -4.19 -1.87 -19.29
N THR G 147 -3.21 -1.64 -18.41
CA THR G 147 -2.70 -2.69 -17.55
C THR G 147 -3.78 -3.17 -16.60
N GLN G 148 -4.61 -2.24 -16.09
CA GLN G 148 -5.68 -2.60 -15.17
C GLN G 148 -6.70 -3.49 -15.87
N TYR G 149 -7.18 -3.06 -17.04
CA TYR G 149 -8.30 -3.73 -17.67
C TYR G 149 -7.92 -5.15 -18.07
N ILE G 150 -6.65 -5.35 -18.46
CA ILE G 150 -6.19 -6.68 -18.81
C ILE G 150 -6.15 -7.54 -17.55
N GLN G 151 -5.56 -6.99 -16.48
CA GLN G 151 -5.46 -7.73 -15.23
C GLN G 151 -6.88 -8.10 -14.78
N ASP G 152 -7.80 -7.12 -14.88
CA ASP G 152 -9.17 -7.33 -14.44
C ASP G 152 -9.76 -8.53 -15.18
N ILE G 153 -9.65 -8.54 -16.51
CA ILE G 153 -10.20 -9.62 -17.31
C ILE G 153 -9.68 -10.97 -16.81
N VAL G 154 -8.37 -11.10 -16.60
CA VAL G 154 -7.78 -12.37 -16.20
C VAL G 154 -8.38 -12.81 -14.87
N ASN G 155 -8.37 -11.89 -13.90
CA ASN G 155 -8.87 -12.18 -12.56
C ASN G 155 -10.34 -12.61 -12.62
N ILE G 156 -11.11 -11.94 -13.49
CA ILE G 156 -12.54 -12.20 -13.62
C ILE G 156 -12.73 -13.61 -14.17
N TYR G 157 -12.01 -13.94 -15.24
CA TYR G 157 -12.10 -15.23 -15.87
C TYR G 157 -11.72 -16.33 -14.87
N LYS G 158 -10.59 -16.17 -14.17
CA LYS G 158 -10.19 -17.15 -13.17
C LYS G 158 -11.25 -17.25 -12.09
N ASN G 159 -11.77 -16.11 -11.65
CA ASN G 159 -12.65 -16.07 -10.48
C ASN G 159 -13.96 -16.80 -10.76
N TYR G 160 -14.48 -16.73 -11.99
CA TYR G 160 -15.76 -17.34 -12.31
C TYR G 160 -15.59 -18.61 -13.15
N ASN G 161 -14.35 -19.14 -13.18
CA ASN G 161 -14.01 -20.41 -13.81
C ASN G 161 -14.57 -20.53 -15.22
N TYR G 162 -14.28 -19.54 -16.08
CA TYR G 162 -14.61 -19.61 -17.49
C TYR G 162 -13.50 -20.37 -18.22
N ASN G 163 -13.85 -21.10 -19.27
CA ASN G 163 -12.90 -21.84 -20.08
C ASN G 163 -12.24 -20.94 -21.13
N THR G 164 -12.91 -19.84 -21.48
CA THR G 164 -12.43 -18.99 -22.57
C THR G 164 -11.00 -18.58 -22.28
N GLU G 165 -10.16 -18.66 -23.31
CA GLU G 165 -8.74 -18.33 -23.20
C GLU G 165 -8.53 -16.93 -23.76
N ILE G 166 -7.71 -16.15 -23.02
CA ILE G 166 -7.45 -14.74 -23.29
C ILE G 166 -6.24 -14.66 -24.22
N ILE G 167 -6.38 -13.94 -25.34
CA ILE G 167 -5.25 -13.64 -26.21
C ILE G 167 -4.98 -12.13 -26.12
N VAL G 168 -3.95 -11.74 -25.37
CA VAL G 168 -3.63 -10.32 -25.31
C VAL G 168 -3.08 -9.93 -26.67
N ALA G 169 -3.58 -8.83 -27.24
CA ALA G 169 -3.37 -8.53 -28.65
C ALA G 169 -2.96 -7.07 -28.85
N ALA G 170 -2.42 -6.81 -30.06
CA ALA G 170 -1.88 -5.52 -30.46
C ALA G 170 -0.68 -5.17 -29.57
N LEU G 171 0.24 -6.13 -29.46
CA LEU G 171 1.43 -5.99 -28.65
C LEU G 171 2.58 -5.55 -29.53
N ARG G 172 3.56 -4.89 -28.92
CA ARG G 172 4.57 -4.18 -29.67
C ARG G 172 5.97 -4.37 -29.07
N ASN G 173 6.10 -5.01 -27.91
CA ASN G 173 7.41 -5.16 -27.29
C ASN G 173 7.41 -6.26 -26.23
N GLY G 174 8.61 -6.59 -25.74
CA GLY G 174 8.80 -7.61 -24.71
C GLY G 174 8.18 -7.26 -23.36
N LYS G 175 8.36 -6.03 -22.88
CA LYS G 175 7.81 -5.60 -21.61
C LYS G 175 6.33 -5.99 -21.56
N GLN G 176 5.60 -5.79 -22.67
CA GLN G 176 4.16 -6.02 -22.72
C GLN G 176 3.81 -7.50 -22.61
N ILE G 177 4.62 -8.34 -23.24
CA ILE G 177 4.52 -9.78 -23.06
C ILE G 177 4.64 -10.13 -21.58
N VAL G 178 5.66 -9.54 -20.92
CA VAL G 178 5.89 -9.81 -19.52
C VAL G 178 4.69 -9.36 -18.70
N ASP G 179 4.14 -8.15 -18.98
CA ASP G 179 2.95 -7.67 -18.29
C ASP G 179 1.87 -8.74 -18.31
N ALA G 180 1.68 -9.39 -19.46
CA ALA G 180 0.63 -10.38 -19.64
C ALA G 180 0.96 -11.65 -18.86
N ALA G 181 2.24 -12.04 -18.87
CA ALA G 181 2.67 -13.19 -18.11
C ALA G 181 2.41 -12.94 -16.62
N LYS G 182 2.72 -11.73 -16.18
CA LYS G 182 2.54 -11.38 -14.77
C LYS G 182 1.04 -11.42 -14.44
N ALA G 183 0.22 -10.99 -15.40
CA ALA G 183 -1.23 -10.92 -15.21
C ALA G 183 -1.80 -12.33 -15.17
N GLY G 184 -1.16 -13.24 -15.91
CA GLY G 184 -1.61 -14.63 -15.98
C GLY G 184 -2.49 -14.89 -17.20
N ALA G 185 -2.44 -14.00 -18.20
CA ALA G 185 -3.14 -14.23 -19.45
C ALA G 185 -2.75 -15.58 -20.01
N HIS G 186 -3.72 -16.26 -20.64
CA HIS G 186 -3.49 -17.59 -21.17
C HIS G 186 -2.51 -17.53 -22.35
N ILE G 187 -2.74 -16.54 -23.23
CA ILE G 187 -2.10 -16.48 -24.52
C ILE G 187 -1.68 -15.05 -24.81
N VAL G 188 -0.67 -14.92 -25.65
CA VAL G 188 -0.23 -13.63 -26.14
C VAL G 188 -0.04 -13.77 -27.65
N THR G 189 -0.29 -12.71 -28.42
CA THR G 189 -0.09 -12.78 -29.87
C THR G 189 0.68 -11.55 -30.33
N CYS G 190 1.78 -11.79 -31.05
CA CYS G 190 2.74 -10.76 -31.38
C CYS G 190 3.27 -10.96 -32.79
N GLY G 191 3.72 -9.86 -33.39
CA GLY G 191 4.43 -9.91 -34.66
C GLY G 191 5.77 -10.65 -34.52
N PHE G 192 6.30 -11.10 -35.66
CA PHE G 192 7.53 -11.86 -35.71
C PHE G 192 8.64 -11.14 -34.94
N ASP G 193 8.82 -9.87 -35.27
CA ASP G 193 9.96 -9.07 -34.82
C ASP G 193 9.91 -8.88 -33.31
N VAL G 194 8.69 -8.70 -32.78
CA VAL G 194 8.48 -8.52 -31.36
C VAL G 194 9.08 -9.70 -30.60
N TYR G 195 8.62 -10.92 -30.94
CA TYR G 195 9.12 -12.11 -30.31
C TYR G 195 10.64 -12.19 -30.46
N LYS G 196 11.14 -12.01 -31.70
CA LYS G 196 12.56 -12.17 -31.97
C LYS G 196 13.37 -11.34 -30.99
N GLU G 197 12.96 -10.08 -30.82
CA GLU G 197 13.71 -9.11 -30.02
C GLU G 197 13.49 -9.33 -28.53
N SER G 198 12.36 -9.97 -28.18
CA SER G 198 12.03 -10.26 -26.80
C SER G 198 13.00 -11.30 -26.25
N PHE G 199 13.74 -11.97 -27.15
CA PHE G 199 14.71 -12.98 -26.75
C PHE G 199 16.12 -12.39 -26.64
N GLN G 200 16.32 -11.17 -27.16
CA GLN G 200 17.67 -10.63 -27.30
C GLN G 200 17.86 -9.46 -26.36
N HIS G 201 19.06 -9.33 -25.78
CA HIS G 201 19.34 -8.33 -24.76
C HIS G 201 20.80 -7.93 -24.80
N ALA G 202 21.06 -6.62 -24.71
CA ALA G 202 22.39 -6.04 -24.84
C ALA G 202 23.39 -6.66 -23.85
N PHE G 203 22.91 -7.08 -22.67
CA PHE G 203 23.78 -7.67 -21.68
C PHE G 203 24.26 -9.04 -22.15
N THR G 204 23.46 -9.74 -22.96
CA THR G 204 23.89 -11.01 -23.52
C THR G 204 25.10 -10.78 -24.42
N ASP G 205 24.97 -9.80 -25.33
CA ASP G 205 26.07 -9.48 -26.24
C ASP G 205 27.30 -9.17 -25.39
N TYR G 206 27.12 -8.32 -24.38
CA TYR G 206 28.22 -7.88 -23.52
C TYR G 206 28.85 -9.09 -22.86
N GLY G 207 28.00 -10.00 -22.38
CA GLY G 207 28.45 -11.22 -21.73
C GLY G 207 29.27 -12.10 -22.67
N LEU G 208 28.79 -12.29 -23.91
CA LEU G 208 29.49 -13.13 -24.87
C LEU G 208 30.91 -12.60 -25.04
N ASN G 209 31.04 -11.29 -25.22
CA ASN G 209 32.33 -10.69 -25.47
C ASN G 209 33.26 -10.90 -24.27
N LYS G 210 32.76 -10.73 -23.03
CA LYS G 210 33.54 -11.03 -21.84
C LYS G 210 34.11 -12.44 -21.96
N PHE G 211 33.22 -13.38 -22.32
CA PHE G 211 33.51 -14.80 -22.31
C PHE G 211 34.41 -15.20 -23.47
N ARG G 212 34.27 -14.54 -24.62
CA ARG G 212 35.12 -14.80 -25.76
C ARG G 212 36.56 -14.47 -25.39
N ASN G 213 36.78 -13.34 -24.71
CA ASN G 213 38.10 -12.94 -24.27
C ASN G 213 38.68 -14.01 -23.33
N ALA G 214 37.84 -14.51 -22.42
CA ALA G 214 38.29 -15.45 -21.40
C ALA G 214 38.70 -16.78 -22.03
N TRP G 215 37.92 -17.21 -23.03
CA TRP G 215 38.13 -18.44 -23.76
C TRP G 215 39.44 -18.38 -24.55
N ASP G 216 39.68 -17.21 -25.14
CA ASP G 216 40.87 -16.95 -25.93
C ASP G 216 42.11 -16.94 -25.04
N ASN G 217 41.94 -16.94 -23.71
CA ASN G 217 43.07 -17.04 -22.80
C ASN G 217 43.04 -18.37 -22.05
N THR G 218 42.69 -19.48 -22.74
CA THR G 218 42.88 -20.84 -22.22
C THR G 218 43.22 -21.78 -23.39
N MET H 1 4.57 21.02 -20.10
CA MET H 1 5.73 21.82 -20.56
C MET H 1 6.65 20.82 -21.27
N LYS H 2 6.72 20.85 -22.61
CA LYS H 2 7.93 20.43 -23.31
C LYS H 2 7.82 19.21 -24.21
N TYR H 3 7.38 19.41 -25.45
CA TYR H 3 7.35 18.39 -26.48
C TYR H 3 8.44 18.67 -27.52
N PHE H 4 9.37 17.74 -27.69
CA PHE H 4 10.38 17.83 -28.74
C PHE H 4 10.07 16.79 -29.82
N LEU H 5 10.42 17.10 -31.08
CA LEU H 5 10.19 16.16 -32.17
C LEU H 5 11.47 15.35 -32.42
N ASP H 6 11.37 14.02 -32.35
CA ASP H 6 12.48 13.13 -32.63
C ASP H 6 12.39 12.76 -34.11
N SER H 7 12.85 13.67 -34.98
CA SER H 7 12.83 13.47 -36.42
C SER H 7 13.93 14.30 -37.09
N ALA H 8 14.25 13.95 -38.34
CA ALA H 8 15.18 14.74 -39.15
C ALA H 8 14.50 15.26 -40.41
N ILE H 9 13.18 15.07 -40.52
CA ILE H 9 12.43 15.45 -41.71
C ILE H 9 11.91 16.87 -41.52
N LEU H 10 12.48 17.82 -42.27
CA LEU H 10 12.23 19.25 -42.07
C LEU H 10 10.75 19.57 -42.20
N GLU H 11 10.04 18.90 -43.11
CA GLU H 11 8.61 19.16 -43.33
C GLU H 11 7.81 18.81 -42.07
N GLU H 12 8.20 17.71 -41.40
CA GLU H 12 7.61 17.29 -40.13
C GLU H 12 7.86 18.37 -39.08
N ILE H 13 9.11 18.89 -39.05
CA ILE H 13 9.53 19.88 -38.08
C ILE H 13 8.76 21.19 -38.31
N ARG H 14 8.57 21.57 -39.58
CA ARG H 14 7.86 22.80 -39.90
C ARG H 14 6.42 22.73 -39.39
N TYR H 15 5.70 21.66 -39.76
CA TYR H 15 4.31 21.50 -39.37
C TYR H 15 4.18 21.53 -37.85
N ALA H 16 5.04 20.77 -37.17
CA ALA H 16 5.00 20.62 -35.73
C ALA H 16 5.12 21.98 -35.05
N TYR H 17 6.10 22.79 -35.50
CA TYR H 17 6.38 24.09 -34.90
C TYR H 17 5.16 24.98 -35.05
N GLU H 18 4.59 25.00 -36.27
CA GLU H 18 3.54 25.95 -36.62
C GLU H 18 2.23 25.58 -35.92
N ASN H 19 1.95 24.27 -35.77
CA ASN H 19 0.62 23.83 -35.37
C ASN H 19 0.60 23.17 -33.99
N TRP H 20 1.72 22.56 -33.56
CA TRP H 20 1.76 21.84 -32.30
C TRP H 20 2.54 22.61 -31.24
N ALA H 21 3.22 23.69 -31.64
CA ALA H 21 4.01 24.48 -30.73
C ALA H 21 5.08 23.61 -30.05
N ILE H 22 5.69 22.70 -30.84
CA ILE H 22 6.82 21.94 -30.34
C ILE H 22 7.86 22.92 -29.81
N ASP H 23 8.58 22.50 -28.78
CA ASP H 23 9.48 23.35 -28.03
C ASP H 23 10.94 23.10 -28.42
N GLY H 24 11.17 22.28 -29.47
CA GLY H 24 12.52 21.90 -29.87
C GLY H 24 12.55 20.59 -30.67
N VAL H 25 13.77 20.15 -31.00
CA VAL H 25 14.00 19.02 -31.91
C VAL H 25 15.19 18.18 -31.46
N THR H 26 15.04 16.85 -31.58
CA THR H 26 16.12 15.90 -31.37
C THR H 26 16.38 15.09 -32.65
N THR H 27 17.66 14.82 -32.92
CA THR H 27 18.10 14.07 -34.08
C THR H 27 19.16 13.07 -33.62
N ASN H 28 19.64 12.25 -34.56
CA ASN H 28 20.38 11.05 -34.23
C ASN H 28 20.87 10.42 -35.51
N PRO H 29 22.01 9.72 -35.55
CA PRO H 29 22.53 9.19 -36.82
C PRO H 29 21.52 8.37 -37.62
N ARG H 30 20.63 7.67 -36.91
CA ARG H 30 19.63 6.83 -37.57
C ARG H 30 18.61 7.72 -38.26
N HIS H 31 18.13 8.76 -37.58
CA HIS H 31 17.14 9.64 -38.19
C HIS H 31 17.76 10.42 -39.34
N ILE H 32 19.04 10.82 -39.19
CA ILE H 32 19.70 11.58 -40.23
C ILE H 32 19.81 10.67 -41.46
N MET H 33 20.21 9.41 -41.26
CA MET H 33 20.34 8.47 -42.37
C MET H 33 19.00 8.39 -43.11
N ASN H 34 17.91 8.17 -42.38
CA ASN H 34 16.62 7.90 -42.99
C ASN H 34 16.00 9.17 -43.56
N SER H 35 16.69 10.30 -43.45
CA SER H 35 16.24 11.52 -44.09
C SER H 35 16.50 11.45 -45.59
N GLY H 36 17.52 10.68 -45.97
CA GLY H 36 18.02 10.65 -47.34
C GLY H 36 19.15 11.64 -47.59
N LYS H 37 19.11 12.82 -46.94
CA LYS H 37 20.04 13.89 -47.25
C LYS H 37 21.30 13.75 -46.39
N PRO H 38 22.45 14.34 -46.77
CA PRO H 38 23.69 14.21 -45.99
C PRO H 38 23.77 15.15 -44.80
N PHE H 39 24.60 14.81 -43.81
CA PHE H 39 24.55 15.37 -42.47
C PHE H 39 24.61 16.89 -42.53
N LEU H 40 25.68 17.43 -43.13
CA LEU H 40 25.94 18.87 -43.08
C LEU H 40 24.88 19.64 -43.89
N THR H 41 24.18 18.94 -44.81
CA THR H 41 23.09 19.55 -45.56
C THR H 41 21.86 19.67 -44.67
N VAL H 42 21.52 18.58 -43.96
CA VAL H 42 20.43 18.58 -43.00
C VAL H 42 20.65 19.73 -42.03
N LEU H 43 21.87 19.79 -41.46
CA LEU H 43 22.21 20.81 -40.46
C LEU H 43 22.03 22.20 -41.08
N ASP H 44 22.48 22.38 -42.32
CA ASP H 44 22.40 23.68 -42.95
C ASP H 44 20.93 24.09 -43.10
N GLU H 45 20.10 23.19 -43.64
CA GLU H 45 18.68 23.45 -43.79
C GLU H 45 18.07 23.88 -42.45
N PHE H 46 18.49 23.23 -41.35
CA PHE H 46 17.97 23.55 -40.02
C PHE H 46 18.41 24.94 -39.60
N ALA H 47 19.73 25.20 -39.71
CA ALA H 47 20.31 26.48 -39.37
C ALA H 47 19.47 27.61 -39.96
N SER H 48 19.22 27.54 -41.28
CA SER H 48 18.45 28.55 -41.99
C SER H 48 17.00 28.56 -41.52
N GLU H 49 16.40 27.38 -41.37
CA GLU H 49 14.99 27.28 -41.02
C GLU H 49 14.72 28.03 -39.72
N PHE H 50 15.66 28.01 -38.76
CA PHE H 50 15.36 28.59 -37.46
C PHE H 50 16.20 29.82 -37.07
N LYS H 51 17.52 29.61 -37.02
CA LYS H 51 18.47 30.59 -36.51
C LYS H 51 17.83 31.99 -36.56
N GLY H 52 17.81 32.66 -35.41
CA GLY H 52 16.92 33.81 -35.20
C GLY H 52 15.79 33.53 -34.22
N VAL H 53 15.12 32.35 -34.30
CA VAL H 53 14.29 31.84 -33.21
C VAL H 53 15.15 31.61 -31.95
N GLU H 54 14.67 32.02 -30.76
CA GLU H 54 15.58 32.38 -29.66
C GLU H 54 15.95 31.13 -28.84
N ASN H 55 14.97 30.53 -28.20
CA ASN H 55 15.23 29.34 -27.38
C ASN H 55 14.38 28.20 -27.97
N PHE H 56 15.00 27.59 -28.98
CA PHE H 56 14.48 26.41 -29.66
C PHE H 56 15.64 25.46 -29.95
N PRO H 57 15.96 24.51 -29.03
CA PRO H 57 17.11 23.62 -29.22
C PRO H 57 16.90 22.57 -30.31
N ILE H 58 18.00 22.32 -31.05
CA ILE H 58 18.06 21.26 -32.05
C ILE H 58 19.25 20.36 -31.68
N SER H 59 18.97 19.13 -31.23
CA SER H 59 20.02 18.25 -30.74
C SER H 59 20.57 17.43 -31.90
N VAL H 60 21.89 17.50 -32.09
CA VAL H 60 22.56 17.01 -33.27
C VAL H 60 23.76 16.16 -32.83
N GLU H 61 23.80 14.88 -33.25
CA GLU H 61 24.73 13.95 -32.62
C GLU H 61 26.01 13.81 -33.45
N ILE H 62 27.15 13.98 -32.76
CA ILE H 62 28.47 13.81 -33.35
C ILE H 62 28.70 12.36 -33.75
N ASN H 63 29.66 12.18 -34.66
CA ASN H 63 30.01 10.89 -35.21
C ASN H 63 30.20 9.88 -34.08
N PRO H 64 29.43 8.76 -34.10
CA PRO H 64 29.52 7.72 -33.07
C PRO H 64 30.77 6.85 -33.08
N HIS H 65 31.55 6.90 -34.16
CA HIS H 65 32.78 6.11 -34.25
C HIS H 65 33.85 6.68 -33.30
N LEU H 66 33.86 8.03 -33.13
CA LEU H 66 34.90 8.70 -32.37
C LEU H 66 35.05 8.02 -31.01
N ASP H 67 36.30 7.85 -30.53
CA ASP H 67 36.54 7.10 -29.29
C ASP H 67 37.45 7.84 -28.31
N ASN H 68 37.57 9.18 -28.46
CA ASN H 68 38.50 9.95 -27.65
C ASN H 68 37.87 11.32 -27.37
N ALA H 69 38.06 11.87 -26.18
CA ALA H 69 37.40 13.12 -25.81
C ALA H 69 37.92 14.28 -26.68
N LYS H 70 39.24 14.30 -26.93
CA LYS H 70 39.90 15.40 -27.63
C LYS H 70 39.20 15.62 -28.97
N ASP H 71 39.01 14.52 -29.72
CA ASP H 71 38.44 14.58 -31.06
C ASP H 71 36.97 14.95 -30.97
N MET H 72 36.25 14.34 -30.02
CA MET H 72 34.86 14.63 -29.77
C MET H 72 34.64 16.14 -29.65
N VAL H 73 35.45 16.79 -28.81
CA VAL H 73 35.30 18.21 -28.53
C VAL H 73 35.58 19.03 -29.80
N GLU H 74 36.57 18.59 -30.58
CA GLU H 74 36.93 19.27 -31.81
C GLU H 74 35.73 19.26 -32.76
N GLU H 75 35.21 18.07 -33.06
CA GLU H 75 34.19 17.88 -34.07
C GLU H 75 32.88 18.57 -33.66
N GLY H 76 32.60 18.56 -32.36
CA GLY H 76 31.37 19.15 -31.83
C GLY H 76 31.39 20.68 -31.90
N THR H 77 32.57 21.25 -31.61
CA THR H 77 32.76 22.69 -31.69
C THR H 77 32.46 23.18 -33.10
N LYS H 78 32.92 22.41 -34.08
CA LYS H 78 32.69 22.71 -35.49
C LYS H 78 31.19 22.84 -35.74
N ILE H 79 30.42 21.86 -35.23
CA ILE H 79 28.98 21.81 -35.41
C ILE H 79 28.31 22.98 -34.69
N ALA H 80 28.82 23.31 -33.49
CA ALA H 80 28.26 24.38 -32.68
C ALA H 80 28.36 25.72 -33.41
N LYS H 81 29.51 25.95 -34.08
CA LYS H 81 29.72 27.16 -34.86
C LYS H 81 28.57 27.35 -35.85
N LEU H 82 28.07 26.25 -36.44
CA LEU H 82 27.10 26.32 -37.53
C LEU H 82 25.78 26.96 -37.12
N SER H 83 25.42 26.89 -35.82
CA SER H 83 24.22 27.58 -35.31
C SER H 83 24.17 27.49 -33.79
N SER H 84 23.72 28.56 -33.13
CA SER H 84 23.65 28.61 -31.67
C SER H 84 22.37 27.93 -31.17
N ASN H 85 21.53 27.46 -32.09
CA ASN H 85 20.36 26.69 -31.72
C ASN H 85 20.73 25.22 -31.53
N PHE H 86 21.85 24.81 -32.13
CA PHE H 86 22.30 23.42 -32.05
C PHE H 86 22.75 23.11 -30.63
N VAL H 87 22.40 21.90 -30.18
CA VAL H 87 22.95 21.29 -28.98
C VAL H 87 23.69 20.02 -29.41
N ILE H 88 24.78 19.71 -28.71
CA ILE H 88 25.66 18.62 -29.12
C ILE H 88 25.24 17.34 -28.39
N LYS H 89 24.63 16.40 -29.14
CA LYS H 89 24.24 15.10 -28.60
C LYS H 89 25.50 14.25 -28.50
N ILE H 90 25.68 13.58 -27.35
CA ILE H 90 26.92 12.90 -27.00
C ILE H 90 26.60 11.62 -26.24
N PRO H 91 27.16 10.45 -26.62
CA PRO H 91 26.88 9.20 -25.91
C PRO H 91 27.40 9.21 -24.47
N CYS H 92 26.72 8.45 -23.61
CA CYS H 92 27.09 8.33 -22.20
C CYS H 92 28.19 7.28 -22.06
N THR H 93 29.40 7.65 -22.50
CA THR H 93 30.59 6.84 -22.38
C THR H 93 31.62 7.61 -21.56
N GLU H 94 32.72 6.95 -21.20
CA GLU H 94 33.76 7.55 -20.40
C GLU H 94 34.30 8.79 -21.13
N PRO H 95 34.74 8.71 -22.41
CA PRO H 95 35.10 9.88 -23.19
C PRO H 95 33.94 10.85 -23.43
N GLY H 96 32.75 10.31 -23.72
CA GLY H 96 31.57 11.13 -23.91
C GLY H 96 31.36 12.13 -22.79
N LEU H 97 31.40 11.63 -21.55
CA LEU H 97 31.20 12.46 -20.37
C LEU H 97 32.31 13.49 -20.26
N ILE H 98 33.57 13.05 -20.38
CA ILE H 98 34.70 13.96 -20.26
C ILE H 98 34.52 15.12 -21.24
N ALA H 99 34.09 14.80 -22.46
CA ALA H 99 33.88 15.78 -23.51
C ALA H 99 32.77 16.76 -23.10
N ALA H 100 31.64 16.22 -22.64
CA ALA H 100 30.54 17.05 -22.23
C ALA H 100 30.98 18.01 -21.13
N LYS H 101 31.73 17.49 -20.13
CA LYS H 101 32.24 18.29 -19.03
C LYS H 101 32.93 19.55 -19.58
N GLU H 102 33.78 19.33 -20.59
CA GLU H 102 34.55 20.40 -21.22
C GLU H 102 33.62 21.31 -22.03
N PHE H 103 32.79 20.72 -22.90
CA PHE H 103 31.86 21.49 -23.71
C PHE H 103 31.10 22.49 -22.83
N GLU H 104 30.61 22.04 -21.68
CA GLU H 104 29.74 22.88 -20.85
C GLU H 104 30.57 23.93 -20.14
N LYS H 105 31.78 23.57 -19.68
CA LYS H 105 32.73 24.52 -19.12
C LYS H 105 32.94 25.68 -20.12
N GLN H 106 33.03 25.33 -21.41
CA GLN H 106 33.24 26.31 -22.47
C GLN H 106 31.92 26.95 -22.91
N GLY H 107 30.84 26.68 -22.18
CA GLY H 107 29.53 27.28 -22.45
C GLY H 107 28.84 26.75 -23.72
N ILE H 108 29.22 25.54 -24.16
CA ILE H 108 28.55 24.89 -25.29
C ILE H 108 27.59 23.85 -24.73
N SER H 109 26.30 24.00 -25.04
CA SER H 109 25.26 23.12 -24.51
C SER H 109 25.36 21.73 -25.12
N THR H 110 25.16 20.72 -24.26
CA THR H 110 25.25 19.33 -24.63
C THR H 110 23.97 18.58 -24.26
N ASN H 111 23.79 17.43 -24.91
CA ASN H 111 22.69 16.53 -24.64
C ASN H 111 23.28 15.12 -24.52
N VAL H 112 23.41 14.62 -23.28
CA VAL H 112 24.00 13.29 -23.13
C VAL H 112 22.91 12.26 -23.39
N THR H 113 23.15 11.38 -24.37
CA THR H 113 22.18 10.41 -24.84
C THR H 113 22.68 9.00 -24.56
N LEU H 114 21.87 7.99 -24.89
CA LEU H 114 22.17 6.60 -24.62
C LEU H 114 22.41 6.41 -23.12
N VAL H 115 21.49 6.99 -22.34
CA VAL H 115 21.39 6.80 -20.91
C VAL H 115 20.29 5.78 -20.63
N PHE H 116 20.59 4.78 -19.78
CA PHE H 116 19.68 3.66 -19.59
C PHE H 116 19.44 3.33 -18.10
N SER H 117 20.08 4.08 -17.19
CA SER H 117 19.92 3.87 -15.77
C SER H 117 20.06 5.21 -15.07
N PRO H 118 19.61 5.33 -13.79
CA PRO H 118 19.78 6.56 -13.04
C PRO H 118 21.23 6.91 -12.70
N SER H 119 22.09 5.89 -12.54
CA SER H 119 23.49 6.14 -12.25
C SER H 119 24.18 6.77 -13.45
N GLN H 120 23.77 6.35 -14.65
CA GLN H 120 24.22 6.94 -15.89
C GLN H 120 23.71 8.37 -16.02
N ALA H 121 22.50 8.64 -15.52
CA ALA H 121 21.89 9.95 -15.61
C ALA H 121 22.55 10.93 -14.66
N LEU H 122 23.12 10.42 -13.57
CA LEU H 122 23.59 11.28 -12.50
C LEU H 122 24.80 12.09 -13.01
N GLN H 123 25.74 11.44 -13.68
CA GLN H 123 27.01 12.07 -13.98
C GLN H 123 26.79 13.27 -14.90
N PRO H 124 26.00 13.17 -15.98
CA PRO H 124 25.68 14.32 -16.81
C PRO H 124 25.22 15.53 -16.00
N ALA H 125 24.30 15.29 -15.06
CA ALA H 125 23.84 16.33 -14.16
C ALA H 125 24.97 16.88 -13.30
N ARG H 126 25.89 16.01 -12.87
CA ARG H 126 26.99 16.40 -12.00
C ARG H 126 28.02 17.25 -12.76
N ILE H 127 28.04 17.14 -14.09
CA ILE H 127 28.93 17.93 -14.93
C ILE H 127 28.19 19.11 -15.58
N GLY H 128 26.94 19.32 -15.20
CA GLY H 128 26.17 20.47 -15.66
C GLY H 128 25.82 20.39 -17.14
N ALA H 129 25.37 19.22 -17.60
CA ALA H 129 24.81 19.07 -18.93
C ALA H 129 23.49 19.83 -19.03
N LYS H 130 23.18 20.36 -20.22
CA LYS H 130 21.94 21.09 -20.40
C LYS H 130 20.79 20.08 -20.56
N PHE H 131 21.09 18.94 -21.17
CA PHE H 131 20.11 17.89 -21.39
C PHE H 131 20.69 16.51 -21.15
N VAL H 132 19.86 15.64 -20.54
CA VAL H 132 20.11 14.21 -20.50
C VAL H 132 18.91 13.51 -21.15
N SER H 133 19.17 12.45 -21.92
CA SER H 133 18.14 11.74 -22.66
C SER H 133 18.10 10.26 -22.25
N PRO H 134 17.31 9.88 -21.22
CA PRO H 134 17.11 8.47 -20.89
C PRO H 134 16.12 7.78 -21.83
N PHE H 135 16.40 6.50 -22.14
CA PHE H 135 15.71 5.74 -23.16
C PHE H 135 14.69 4.77 -22.54
N VAL H 136 13.53 4.65 -23.19
CA VAL H 136 12.49 3.73 -22.79
C VAL H 136 12.44 2.54 -23.74
N GLY H 137 12.17 2.82 -25.03
CA GLY H 137 11.76 1.84 -26.03
C GLY H 137 12.68 0.64 -26.16
N TRP H 138 13.99 0.87 -26.28
CA TRP H 138 14.94 -0.20 -26.57
C TRP H 138 14.97 -1.20 -25.40
N LYS H 139 14.90 -0.66 -24.18
CA LYS H 139 14.83 -1.51 -22.99
C LYS H 139 13.57 -2.38 -23.06
N GLU H 140 12.40 -1.77 -23.33
CA GLU H 140 11.16 -2.50 -23.34
C GLU H 140 11.18 -3.59 -24.42
N ASN H 141 11.83 -3.32 -25.57
CA ASN H 141 11.90 -4.30 -26.64
C ASN H 141 12.54 -5.61 -26.15
N SER H 142 13.45 -5.53 -25.17
CA SER H 142 14.17 -6.68 -24.64
C SER H 142 13.52 -7.21 -23.35
N GLY H 143 12.42 -6.59 -22.91
CA GLY H 143 11.63 -7.09 -21.80
C GLY H 143 11.89 -6.38 -20.47
N ASP H 144 12.76 -5.36 -20.46
CA ASP H 144 13.01 -4.57 -19.27
C ASP H 144 11.89 -3.57 -19.02
N ASP H 145 11.59 -3.33 -17.74
CA ASP H 145 10.62 -2.32 -17.32
C ASP H 145 11.35 -1.00 -17.04
N THR H 146 10.73 0.12 -17.39
CA THR H 146 11.42 1.40 -17.41
C THR H 146 10.84 2.40 -16.42
N THR H 147 9.61 2.16 -15.95
CA THR H 147 8.85 3.23 -15.32
C THR H 147 9.53 3.68 -14.02
N GLN H 148 10.10 2.75 -13.28
CA GLN H 148 10.80 3.06 -12.04
C GLN H 148 12.03 3.94 -12.33
N TYR H 149 12.87 3.52 -13.28
CA TYR H 149 14.15 4.18 -13.46
C TYR H 149 13.94 5.62 -13.95
N ILE H 150 12.89 5.85 -14.73
CA ILE H 150 12.59 7.19 -15.18
C ILE H 150 12.12 8.02 -13.99
N GLN H 151 11.20 7.47 -13.20
CA GLN H 151 10.70 8.17 -12.04
C GLN H 151 11.88 8.51 -11.14
N ASP H 152 12.77 7.53 -10.94
CA ASP H 152 13.90 7.70 -10.04
C ASP H 152 14.72 8.90 -10.50
N ILE H 153 15.07 8.94 -11.79
CA ILE H 153 15.85 10.04 -12.32
C ILE H 153 15.21 11.38 -11.99
N VAL H 154 13.90 11.52 -12.23
CA VAL H 154 13.21 12.79 -12.02
C VAL H 154 13.30 13.19 -10.56
N ASN H 155 12.97 12.25 -9.68
CA ASN H 155 12.98 12.51 -8.25
C ASN H 155 14.37 12.93 -7.79
N ILE H 156 15.39 12.28 -8.35
CA ILE H 156 16.77 12.53 -7.98
C ILE H 156 17.15 13.95 -8.39
N TYR H 157 16.85 14.30 -9.64
CA TYR H 157 17.13 15.62 -10.18
C TYR H 157 16.44 16.70 -9.35
N LYS H 158 15.13 16.54 -9.09
CA LYS H 158 14.40 17.49 -8.28
C LYS H 158 15.03 17.57 -6.89
N ASN H 159 15.38 16.42 -6.31
CA ASN H 159 15.78 16.36 -4.92
C ASN H 159 17.11 17.09 -4.71
N TYR H 160 18.02 17.03 -5.69
CA TYR H 160 19.34 17.62 -5.53
C TYR H 160 19.48 18.92 -6.34
N ASN H 161 18.34 19.44 -6.81
CA ASN H 161 18.22 20.74 -7.48
C ASN H 161 19.25 20.85 -8.61
N TYR H 162 19.30 19.86 -9.52
CA TYR H 162 20.08 19.97 -10.74
C TYR H 162 19.25 20.70 -11.79
N ASN H 163 19.92 21.52 -12.63
CA ASN H 163 19.25 22.27 -13.68
C ASN H 163 19.06 21.42 -14.93
N THR H 164 19.85 20.34 -15.07
CA THR H 164 19.79 19.49 -16.24
C THR H 164 18.34 19.07 -16.48
N GLU H 165 17.90 19.16 -17.73
CA GLU H 165 16.54 18.81 -18.12
C GLU H 165 16.53 17.42 -18.73
N ILE H 166 15.54 16.63 -18.34
CA ILE H 166 15.37 15.24 -18.75
C ILE H 166 14.56 15.20 -20.04
N ILE H 167 15.08 14.51 -21.06
CA ILE H 167 14.32 14.24 -22.28
C ILE H 167 14.03 12.75 -22.34
N VAL H 168 12.81 12.35 -22.01
CA VAL H 168 12.48 10.94 -22.10
C VAL H 168 12.43 10.59 -23.60
N ALA H 169 13.10 9.50 -23.97
CA ALA H 169 13.38 9.23 -25.37
C ALA H 169 13.04 7.80 -25.75
N ALA H 170 12.94 7.56 -27.07
CA ALA H 170 12.55 6.29 -27.66
C ALA H 170 11.13 5.93 -27.24
N LEU H 171 10.23 6.90 -27.42
CA LEU H 171 8.83 6.73 -27.07
C LEU H 171 8.07 6.35 -28.33
N ARG H 172 6.92 5.68 -28.15
CA ARG H 172 6.25 5.01 -29.25
C ARG H 172 4.73 5.19 -29.17
N ASN H 173 4.19 5.80 -28.09
CA ASN H 173 2.76 5.97 -27.98
C ASN H 173 2.40 7.04 -26.92
N GLY H 174 1.11 7.40 -26.87
CA GLY H 174 0.60 8.38 -25.94
C GLY H 174 0.69 7.96 -24.47
N LYS H 175 0.33 6.72 -24.15
CA LYS H 175 0.39 6.23 -22.77
C LYS H 175 1.76 6.57 -22.19
N GLN H 176 2.83 6.37 -22.98
CA GLN H 176 4.19 6.54 -22.50
C GLN H 176 4.51 8.01 -22.22
N ILE H 177 4.00 8.91 -23.07
CA ILE H 177 4.06 10.33 -22.81
C ILE H 177 3.44 10.63 -21.45
N VAL H 178 2.25 10.06 -21.21
CA VAL H 178 1.55 10.29 -19.96
C VAL H 178 2.38 9.79 -18.79
N ASP H 179 2.97 8.58 -18.91
CA ASP H 179 3.83 8.04 -17.87
C ASP H 179 4.87 9.08 -17.46
N ALA H 180 5.46 9.74 -18.46
CA ALA H 180 6.52 10.71 -18.22
C ALA H 180 5.96 11.97 -17.58
N ALA H 181 4.78 12.39 -18.04
CA ALA H 181 4.13 13.55 -17.47
C ALA H 181 3.83 13.29 -15.99
N LYS H 182 3.37 12.06 -15.70
CA LYS H 182 3.05 11.70 -14.33
C LYS H 182 4.32 11.71 -13.49
N ALA H 183 5.43 11.29 -14.09
CA ALA H 183 6.72 11.23 -13.42
C ALA H 183 7.25 12.64 -13.17
N GLY H 184 6.91 13.55 -14.08
CA GLY H 184 7.33 14.94 -13.97
C GLY H 184 8.57 15.25 -14.80
N ALA H 185 8.87 14.38 -15.77
CA ALA H 185 9.96 14.63 -16.69
C ALA H 185 9.82 16.02 -17.30
N HIS H 186 10.95 16.70 -17.52
CA HIS H 186 10.93 18.05 -18.05
C HIS H 186 10.43 18.04 -19.50
N ILE H 187 10.95 17.09 -20.28
CA ILE H 187 10.76 17.06 -21.72
C ILE H 187 10.48 15.64 -22.16
N VAL H 188 9.80 15.53 -23.30
CA VAL H 188 9.55 14.25 -23.95
C VAL H 188 9.87 14.43 -25.44
N THR H 189 10.35 13.38 -26.10
CA THR H 189 10.67 13.48 -27.52
C THR H 189 10.11 12.27 -28.26
N CYS H 190 9.32 12.55 -29.32
CA CYS H 190 8.54 11.53 -29.99
C CYS H 190 8.53 11.79 -31.49
N GLY H 191 8.29 10.72 -32.26
CA GLY H 191 8.09 10.82 -33.70
C GLY H 191 6.82 11.60 -34.04
N PHE H 192 6.74 12.09 -35.27
CA PHE H 192 5.61 12.90 -35.72
C PHE H 192 4.29 12.16 -35.44
N ASP H 193 4.23 10.91 -35.87
CA ASP H 193 3.00 10.12 -35.87
C ASP H 193 2.53 9.86 -34.44
N VAL H 194 3.48 9.63 -33.54
CA VAL H 194 3.19 9.40 -32.14
C VAL H 194 2.36 10.56 -31.58
N TYR H 195 2.90 11.78 -31.70
CA TYR H 195 2.22 12.98 -31.24
C TYR H 195 0.85 13.09 -31.91
N LYS H 196 0.81 12.95 -33.24
CA LYS H 196 -0.42 13.14 -34.01
C LYS H 196 -1.53 12.28 -33.39
N GLU H 197 -1.20 11.01 -33.12
CA GLU H 197 -2.18 10.03 -32.67
C GLU H 197 -2.47 10.19 -31.17
N SER H 198 -1.54 10.80 -30.44
CA SER H 198 -1.70 11.05 -29.02
C SER H 198 -2.82 12.08 -28.80
N PHE H 199 -3.20 12.78 -29.89
CA PHE H 199 -4.26 13.77 -29.83
C PHE H 199 -5.60 13.16 -30.26
N GLN H 200 -5.60 11.95 -30.82
CA GLN H 200 -6.81 11.38 -31.41
C GLN H 200 -7.27 10.19 -30.57
N HIS H 201 -8.60 10.04 -30.45
CA HIS H 201 -9.19 9.00 -29.63
C HIS H 201 -10.52 8.57 -30.22
N ALA H 202 -10.75 7.25 -30.27
CA ALA H 202 -11.93 6.67 -30.88
C ALA H 202 -13.23 7.22 -30.28
N PHE H 203 -13.21 7.59 -29.00
CA PHE H 203 -14.40 8.13 -28.37
C PHE H 203 -14.72 9.51 -28.93
N THR H 204 -13.70 10.25 -29.40
CA THR H 204 -13.97 11.54 -30.01
C THR H 204 -14.75 11.32 -31.30
N ASP H 205 -14.28 10.38 -32.14
CA ASP H 205 -14.98 10.07 -33.38
C ASP H 205 -16.43 9.72 -33.03
N TYR H 206 -16.60 8.83 -32.05
CA TYR H 206 -17.91 8.35 -31.64
C TYR H 206 -18.78 9.54 -31.22
N GLY H 207 -18.16 10.44 -30.44
CA GLY H 207 -18.83 11.64 -29.96
C GLY H 207 -19.27 12.54 -31.10
N LEU H 208 -18.39 12.77 -32.09
CA LEU H 208 -18.70 13.63 -33.23
C LEU H 208 -19.95 13.11 -33.90
N ASN H 209 -20.03 11.80 -34.13
CA ASN H 209 -21.16 11.22 -34.85
C ASN H 209 -22.46 11.48 -34.07
N LYS H 210 -22.44 11.28 -32.73
CA LYS H 210 -23.60 11.60 -31.92
C LYS H 210 -24.04 13.04 -32.17
N PHE H 211 -23.05 13.93 -32.17
CA PHE H 211 -23.27 15.38 -32.20
C PHE H 211 -23.67 15.85 -33.59
N ARG H 212 -23.15 15.19 -34.63
CA ARG H 212 -23.53 15.53 -35.99
C ARG H 212 -25.02 15.27 -36.18
N ASN H 213 -25.49 14.14 -35.66
CA ASN H 213 -26.91 13.79 -35.74
C ASN H 213 -27.73 14.84 -35.01
N ALA H 214 -27.26 15.29 -33.86
CA ALA H 214 -28.00 16.23 -33.02
C ALA H 214 -28.10 17.60 -33.71
N TRP H 215 -27.01 18.01 -34.37
CA TRP H 215 -26.93 19.27 -35.11
C TRP H 215 -27.89 19.25 -36.29
N ASP H 216 -27.95 18.09 -36.95
CA ASP H 216 -28.81 17.88 -38.11
C ASP H 216 -30.29 17.89 -37.71
N ASN H 217 -30.57 17.88 -36.40
CA ASN H 217 -31.94 17.92 -35.93
C ASN H 217 -32.19 19.24 -35.18
N THR H 218 -31.59 20.35 -35.64
CA THR H 218 -31.88 21.68 -35.09
C THR H 218 -31.74 22.73 -36.20
N MET I 1 24.19 14.43 -4.73
CA MET I 1 24.89 15.71 -5.05
C MET I 1 26.39 15.57 -4.88
N LYS I 2 26.88 14.80 -3.88
CA LYS I 2 28.32 14.68 -3.68
C LYS I 2 28.78 13.24 -3.91
N TYR I 3 29.82 13.07 -4.75
CA TYR I 3 30.54 11.82 -4.90
C TYR I 3 31.91 11.95 -4.26
N PHE I 4 32.20 11.10 -3.26
CA PHE I 4 33.52 11.03 -2.65
C PHE I 4 34.20 9.73 -3.08
N LEU I 5 35.54 9.74 -3.19
CA LEU I 5 36.27 8.54 -3.55
C LEU I 5 36.78 7.84 -2.29
N ASP I 6 36.41 6.57 -2.13
CA ASP I 6 36.87 5.78 -1.00
C ASP I 6 38.12 5.03 -1.45
N SER I 7 39.26 5.74 -1.48
CA SER I 7 40.53 5.19 -1.88
C SER I 7 41.67 5.99 -1.25
N ALA I 8 42.87 5.37 -1.20
CA ALA I 8 44.08 6.06 -0.75
C ALA I 8 45.14 6.07 -1.84
N ILE I 9 44.74 5.72 -3.07
CA ILE I 9 45.65 5.69 -4.21
C ILE I 9 45.58 7.05 -4.90
N LEU I 10 46.66 7.82 -4.78
CA LEU I 10 46.71 9.21 -5.22
C LEU I 10 46.36 9.34 -6.70
N GLU I 11 46.80 8.39 -7.52
CA GLU I 11 46.57 8.43 -8.96
C GLU I 11 45.08 8.31 -9.26
N GLU I 12 44.38 7.47 -8.49
CA GLU I 12 42.93 7.32 -8.58
C GLU I 12 42.27 8.65 -8.23
N ILE I 13 42.77 9.30 -7.16
CA ILE I 13 42.21 10.54 -6.66
C ILE I 13 42.44 11.66 -7.69
N ARG I 14 43.63 11.69 -8.32
CA ARG I 14 43.93 12.69 -9.32
C ARG I 14 42.96 12.60 -10.49
N TYR I 15 42.83 11.40 -11.08
CA TYR I 15 41.97 11.18 -12.24
C TYR I 15 40.53 11.56 -11.91
N ALA I 16 40.05 11.13 -10.74
CA ALA I 16 38.68 11.35 -10.32
C ALA I 16 38.38 12.85 -10.27
N TYR I 17 39.29 13.62 -9.65
CA TYR I 17 39.10 15.05 -9.49
C TYR I 17 39.03 15.71 -10.86
N GLU I 18 39.96 15.34 -11.74
CA GLU I 18 40.12 16.03 -13.02
C GLU I 18 38.96 15.69 -13.96
N ASN I 19 38.45 14.46 -13.91
CA ASN I 19 37.52 13.99 -14.92
C ASN I 19 36.10 13.74 -14.40
N TRP I 20 35.98 13.41 -13.10
CA TRP I 20 34.68 13.04 -12.54
C TRP I 20 34.13 14.15 -11.65
N ALA I 21 34.96 15.15 -11.34
CA ALA I 21 34.57 16.23 -10.45
C ALA I 21 34.15 15.67 -9.09
N ILE I 22 34.86 14.65 -8.61
CA ILE I 22 34.71 14.16 -7.26
C ILE I 22 34.76 15.35 -6.31
N ASP I 23 33.97 15.28 -5.23
CA ASP I 23 33.76 16.42 -4.34
C ASP I 23 34.56 16.25 -3.04
N GLY I 24 35.42 15.22 -2.99
CA GLY I 24 36.15 14.89 -1.76
C GLY I 24 36.60 13.43 -1.74
N VAL I 25 37.21 13.04 -0.60
CA VAL I 25 37.90 11.76 -0.45
C VAL I 25 37.67 11.19 0.95
N THR I 26 37.49 9.86 1.02
CA THR I 26 37.47 9.09 2.26
C THR I 26 38.59 8.05 2.26
N THR I 27 39.19 7.82 3.43
CA THR I 27 40.19 6.79 3.66
C THR I 27 39.90 6.09 4.97
N ASN I 28 40.60 4.97 5.21
CA ASN I 28 40.60 4.27 6.49
C ASN I 28 41.86 3.41 6.57
N PRO I 29 42.22 2.87 7.75
CA PRO I 29 43.48 2.15 7.90
C PRO I 29 43.71 1.04 6.85
N ARG I 30 42.62 0.41 6.39
CA ARG I 30 42.72 -0.66 5.40
C ARG I 30 43.13 -0.07 4.05
N HIS I 31 42.52 1.05 3.64
CA HIS I 31 42.90 1.66 2.38
C HIS I 31 44.32 2.22 2.45
N ILE I 32 44.69 2.76 3.61
CA ILE I 32 46.05 3.28 3.81
C ILE I 32 47.03 2.13 3.62
N MET I 33 46.76 1.00 4.26
CA MET I 33 47.61 -0.18 4.16
C MET I 33 47.80 -0.55 2.69
N ASN I 34 46.69 -0.68 1.96
CA ASN I 34 46.73 -1.19 0.59
C ASN I 34 47.27 -0.13 -0.38
N SER I 35 47.65 1.04 0.12
CA SER I 35 48.32 2.03 -0.70
C SER I 35 49.76 1.58 -0.97
N GLY I 36 50.32 0.80 -0.03
CA GLY I 36 51.72 0.39 -0.10
C GLY I 36 52.65 1.36 0.62
N LYS I 37 52.23 2.63 0.72
CA LYS I 37 53.04 3.67 1.35
C LYS I 37 52.76 3.69 2.85
N PRO I 38 53.64 4.31 3.68
CA PRO I 38 53.34 4.53 5.09
C PRO I 38 52.41 5.72 5.31
N PHE I 39 51.72 5.71 6.46
CA PHE I 39 50.60 6.58 6.74
C PHE I 39 50.99 8.04 6.54
N LEU I 40 52.02 8.49 7.26
CA LEU I 40 52.36 9.91 7.29
C LEU I 40 52.90 10.37 5.93
N THR I 41 53.35 9.41 5.09
CA THR I 41 53.79 9.73 3.74
C THR I 41 52.57 9.98 2.85
N VAL I 42 51.59 9.07 2.93
CA VAL I 42 50.33 9.23 2.22
C VAL I 42 49.75 10.61 2.55
N LEU I 43 49.66 10.91 3.86
CA LEU I 43 49.08 12.15 4.35
C LEU I 43 49.86 13.34 3.76
N ASP I 44 51.19 13.23 3.76
CA ASP I 44 52.02 14.33 3.28
C ASP I 44 51.73 14.57 1.81
N GLU I 45 51.75 13.51 1.00
CA GLU I 45 51.46 13.60 -0.42
C GLU I 45 50.11 14.30 -0.64
N PHE I 46 49.11 13.99 0.20
CA PHE I 46 47.78 14.58 0.09
C PHE I 46 47.84 16.07 0.42
N ALA I 47 48.45 16.39 1.57
CA ALA I 47 48.60 17.76 2.01
C ALA I 47 49.09 18.64 0.86
N SER I 48 50.19 18.22 0.23
CA SER I 48 50.78 18.95 -0.88
C SER I 48 49.86 18.97 -2.09
N GLU I 49 49.28 17.81 -2.42
CA GLU I 49 48.43 17.69 -3.61
C GLU I 49 47.31 18.72 -3.55
N PHE I 50 46.75 19.00 -2.37
CA PHE I 50 45.57 19.85 -2.28
C PHE I 50 45.84 21.11 -1.45
N LYS I 51 47.10 21.51 -1.26
CA LYS I 51 47.42 22.72 -0.52
C LYS I 51 46.48 23.84 -0.96
N GLY I 52 46.40 24.08 -2.28
CA GLY I 52 45.57 25.14 -2.83
C GLY I 52 44.07 25.00 -2.51
N VAL I 53 43.50 23.84 -2.86
CA VAL I 53 42.08 23.67 -3.13
C VAL I 53 41.26 23.88 -1.85
N GLU I 54 40.16 24.63 -1.98
CA GLU I 54 39.52 25.23 -0.81
C GLU I 54 38.48 24.30 -0.17
N ASN I 55 37.53 23.76 -0.94
CA ASN I 55 36.40 23.07 -0.33
C ASN I 55 36.39 21.61 -0.79
N PHE I 56 37.35 20.83 -0.29
CA PHE I 56 37.56 19.46 -0.72
C PHE I 56 37.99 18.60 0.47
N PRO I 57 37.05 17.99 1.21
CA PRO I 57 37.39 17.21 2.39
C PRO I 57 38.08 15.87 2.10
N ILE I 58 39.06 15.55 2.94
CA ILE I 58 39.80 14.29 2.86
C ILE I 58 39.72 13.63 4.25
N SER I 59 38.98 12.53 4.35
CA SER I 59 38.73 11.90 5.64
C SER I 59 39.84 10.89 5.95
N VAL I 60 40.44 11.06 7.12
CA VAL I 60 41.64 10.35 7.51
C VAL I 60 41.42 9.78 8.89
N GLU I 61 41.56 8.45 9.05
CA GLU I 61 41.13 7.82 10.30
C GLU I 61 42.30 7.65 11.26
N ILE I 62 42.08 8.13 12.50
CA ILE I 62 43.04 8.02 13.59
C ILE I 62 43.24 6.55 13.96
N ASN I 63 44.35 6.31 14.67
CA ASN I 63 44.73 4.99 15.12
C ASN I 63 43.55 4.29 15.80
N PRO I 64 43.14 3.11 15.29
CA PRO I 64 42.01 2.37 15.86
C PRO I 64 42.24 1.68 17.21
N HIS I 65 43.51 1.58 17.63
CA HIS I 65 43.80 1.02 18.95
C HIS I 65 43.32 1.94 20.07
N LEU I 66 43.36 3.26 19.85
CA LEU I 66 43.05 4.24 20.89
C LEU I 66 41.72 3.86 21.56
N ASP I 67 41.67 3.99 22.90
CA ASP I 67 40.55 3.53 23.69
C ASP I 67 40.05 4.62 24.66
N ASN I 68 40.33 5.89 24.37
CA ASN I 68 40.11 6.97 25.32
C ASN I 68 40.07 8.27 24.52
N ALA I 69 39.16 9.16 24.94
CA ALA I 69 38.92 10.39 24.19
C ALA I 69 40.16 11.28 24.21
N LYS I 70 40.84 11.38 25.37
CA LYS I 70 41.97 12.27 25.56
C LYS I 70 43.00 12.05 24.44
N ASP I 71 43.37 10.78 24.24
CA ASP I 71 44.40 10.42 23.27
C ASP I 71 43.89 10.65 21.86
N MET I 72 42.64 10.24 21.62
CA MET I 72 41.99 10.43 20.33
C MET I 72 42.14 11.88 19.89
N VAL I 73 41.79 12.82 20.79
CA VAL I 73 41.79 14.24 20.45
C VAL I 73 43.21 14.71 20.17
N GLU I 74 44.17 14.20 20.94
CA GLU I 74 45.57 14.57 20.79
C GLU I 74 46.03 14.20 19.38
N GLU I 75 45.88 12.91 19.02
CA GLU I 75 46.42 12.36 17.79
C GLU I 75 45.75 13.00 16.58
N GLY I 76 44.45 13.29 16.70
CA GLY I 76 43.67 13.85 15.60
C GLY I 76 44.06 15.30 15.32
N THR I 77 44.29 16.06 16.39
CA THR I 77 44.70 17.45 16.30
C THR I 77 46.00 17.54 15.51
N LYS I 78 46.92 16.60 15.77
CA LYS I 78 48.20 16.52 15.09
C LYS I 78 47.95 16.42 13.59
N ILE I 79 47.03 15.52 13.20
CA ILE I 79 46.70 15.25 11.80
C ILE I 79 46.05 16.49 11.18
N ALA I 80 45.18 17.16 11.95
CA ALA I 80 44.47 18.34 11.47
C ALA I 80 45.45 19.45 11.10
N LYS I 81 46.47 19.63 11.93
CA LYS I 81 47.49 20.64 11.70
C LYS I 81 48.07 20.45 10.30
N LEU I 82 48.25 19.19 9.86
CA LEU I 82 48.98 18.89 8.63
C LEU I 82 48.30 19.46 7.39
N SER I 83 46.97 19.63 7.43
CA SER I 83 46.24 20.21 6.31
C SER I 83 44.80 20.52 6.72
N SER I 84 44.29 21.65 6.21
CA SER I 84 42.95 22.12 6.54
C SER I 84 41.91 21.40 5.68
N ASN I 85 42.35 20.54 4.75
CA ASN I 85 41.43 19.74 3.99
C ASN I 85 41.06 18.49 4.76
N PHE I 86 41.90 18.09 5.72
CA PHE I 86 41.71 16.83 6.42
C PHE I 86 40.48 16.92 7.34
N VAL I 87 39.71 15.82 7.36
CA VAL I 87 38.66 15.60 8.34
C VAL I 87 39.04 14.34 9.12
N ILE I 88 38.70 14.34 10.41
CA ILE I 88 39.14 13.29 11.31
C ILE I 88 38.07 12.19 11.37
N LYS I 89 38.36 11.04 10.74
CA LYS I 89 37.47 9.87 10.79
C LYS I 89 37.65 9.22 12.18
N ILE I 90 36.51 8.88 12.80
CA ILE I 90 36.48 8.44 14.19
C ILE I 90 35.40 7.37 14.35
N PRO I 91 35.69 6.22 14.98
CA PRO I 91 34.69 5.17 15.18
C PRO I 91 33.54 5.59 16.10
N CYS I 92 32.37 5.00 15.87
CA CYS I 92 31.18 5.29 16.65
C CYS I 92 31.19 4.47 17.95
N THR I 93 32.08 4.87 18.85
CA THR I 93 32.22 4.27 20.17
C THR I 93 31.98 5.34 21.22
N GLU I 94 31.89 4.92 22.49
CA GLU I 94 31.64 5.83 23.59
C GLU I 94 32.74 6.90 23.62
N PRO I 95 34.05 6.55 23.66
CA PRO I 95 35.14 7.51 23.51
C PRO I 95 35.14 8.24 22.17
N GLY I 96 34.89 7.51 21.08
CA GLY I 96 34.81 8.10 19.76
C GLY I 96 33.92 9.34 19.72
N LEU I 97 32.70 9.18 20.24
CA LEU I 97 31.73 10.25 20.23
C LEU I 97 32.20 11.40 21.11
N ILE I 98 32.65 11.09 22.33
CA ILE I 98 33.11 12.13 23.25
C ILE I 98 34.18 12.97 22.57
N ALA I 99 35.12 12.29 21.87
CA ALA I 99 36.19 12.95 21.16
C ALA I 99 35.65 13.87 20.06
N ALA I 100 34.73 13.34 19.25
CA ALA I 100 34.15 14.13 18.18
C ALA I 100 33.50 15.39 18.75
N LYS I 101 32.72 15.22 19.84
CA LYS I 101 32.04 16.33 20.50
C LYS I 101 33.05 17.46 20.75
N GLU I 102 34.22 17.10 21.27
CA GLU I 102 35.27 18.04 21.61
C GLU I 102 35.90 18.61 20.34
N PHE I 103 36.29 17.74 19.41
CA PHE I 103 36.86 18.17 18.14
C PHE I 103 36.01 19.28 17.53
N GLU I 104 34.69 19.09 17.51
CA GLU I 104 33.82 20.01 16.79
C GLU I 104 33.66 21.31 17.59
N LYS I 105 33.59 21.20 18.92
CA LYS I 105 33.61 22.36 19.79
C LYS I 105 34.84 23.23 19.48
N GLN I 106 35.97 22.57 19.22
CA GLN I 106 37.22 23.26 18.89
C GLN I 106 37.30 23.60 17.41
N GLY I 107 36.20 23.44 16.67
CA GLY I 107 36.12 23.79 15.27
C GLY I 107 36.87 22.87 14.33
N ILE I 108 37.16 21.64 14.75
CA ILE I 108 37.84 20.65 13.91
C ILE I 108 36.78 19.67 13.41
N SER I 109 36.66 19.58 12.06
CA SER I 109 35.65 18.72 11.43
C SER I 109 35.98 17.25 11.63
N THR I 110 34.93 16.47 11.89
CA THR I 110 35.03 15.04 12.15
C THR I 110 34.09 14.27 11.20
N ASN I 111 34.41 12.98 11.05
CA ASN I 111 33.60 12.05 10.30
C ASN I 111 33.40 10.80 11.15
N VAL I 112 32.21 10.64 11.73
CA VAL I 112 32.00 9.47 12.57
C VAL I 112 31.66 8.30 11.66
N THR I 113 32.46 7.22 11.75
CA THR I 113 32.36 6.07 10.88
C THR I 113 31.98 4.84 11.71
N LEU I 114 31.80 3.71 11.02
CA LEU I 114 31.37 2.45 11.63
C LEU I 114 30.04 2.67 12.35
N VAL I 115 29.13 3.32 11.63
CA VAL I 115 27.74 3.49 11.99
C VAL I 115 26.91 2.46 11.23
N PHE I 116 26.03 1.75 11.95
CA PHE I 116 25.31 0.62 11.36
C PHE I 116 23.80 0.66 11.64
N SER I 117 23.34 1.68 12.38
CA SER I 117 21.93 1.81 12.72
C SER I 117 21.60 3.30 12.81
N PRO I 118 20.31 3.68 12.76
CA PRO I 118 19.92 5.07 12.93
C PRO I 118 20.17 5.65 14.32
N SER I 119 20.11 4.80 15.35
CA SER I 119 20.36 5.26 16.72
C SER I 119 21.82 5.65 16.88
N GLN I 120 22.71 4.89 16.21
CA GLN I 120 24.12 5.20 16.15
C GLN I 120 24.35 6.49 15.37
N ALA I 121 23.54 6.74 14.34
CA ALA I 121 23.69 7.92 13.50
C ALA I 121 23.23 9.18 14.23
N LEU I 122 22.31 9.01 15.18
CA LEU I 122 21.67 10.16 15.80
C LEU I 122 22.68 10.95 16.62
N GLN I 123 23.50 10.26 17.42
CA GLN I 123 24.33 10.94 18.39
C GLN I 123 25.35 11.84 17.70
N PRO I 124 26.05 11.37 16.63
CA PRO I 124 26.95 12.24 15.87
C PRO I 124 26.29 13.56 15.46
N ALA I 125 25.06 13.47 14.94
CA ALA I 125 24.28 14.64 14.57
C ALA I 125 23.99 15.51 15.80
N ARG I 126 23.72 14.88 16.95
CA ARG I 126 23.38 15.59 18.17
C ARG I 126 24.60 16.34 18.73
N ILE I 127 25.81 15.90 18.36
CA ILE I 127 27.04 16.55 18.79
C ILE I 127 27.62 17.44 17.69
N GLY I 128 26.89 17.60 16.59
CA GLY I 128 27.28 18.50 15.51
C GLY I 128 28.50 18.02 14.74
N ALA I 129 28.55 16.73 14.42
CA ALA I 129 29.57 16.18 13.53
C ALA I 129 29.37 16.74 12.12
N LYS I 130 30.47 16.92 11.38
CA LYS I 130 30.37 17.43 10.02
C LYS I 130 29.92 16.30 9.10
N PHE I 131 30.36 15.07 9.42
CA PHE I 131 30.01 13.91 8.62
C PHE I 131 29.71 12.69 9.51
N VAL I 132 28.69 11.93 9.09
CA VAL I 132 28.45 10.59 9.58
C VAL I 132 28.49 9.63 8.39
N SER I 133 29.08 8.45 8.60
CA SER I 133 29.26 7.47 7.53
C SER I 133 28.57 6.15 7.89
N PRO I 134 27.28 5.96 7.53
CA PRO I 134 26.62 4.66 7.69
C PRO I 134 27.01 3.66 6.61
N PHE I 135 27.12 2.39 7.01
CA PHE I 135 27.67 1.33 6.18
C PHE I 135 26.56 0.46 5.59
N VAL I 136 26.75 0.06 4.32
CA VAL I 136 25.84 -0.84 3.63
C VAL I 136 26.46 -2.24 3.51
N GLY I 137 27.61 -2.33 2.84
CA GLY I 137 28.17 -3.56 2.33
C GLY I 137 28.35 -4.66 3.37
N TRP I 138 28.96 -4.33 4.51
CA TRP I 138 29.31 -5.34 5.50
C TRP I 138 28.05 -5.99 6.07
N LYS I 139 27.02 -5.17 6.28
CA LYS I 139 25.73 -5.67 6.72
C LYS I 139 25.17 -6.66 5.69
N GLU I 140 25.15 -6.26 4.41
CA GLU I 140 24.57 -7.09 3.37
C GLU I 140 25.33 -8.42 3.26
N ASN I 141 26.66 -8.40 3.47
CA ASN I 141 27.46 -9.61 3.39
C ASN I 141 26.94 -10.68 4.36
N SER I 142 26.39 -10.25 5.50
CA SER I 142 25.91 -11.15 6.54
C SER I 142 24.40 -11.38 6.45
N GLY I 143 23.75 -10.78 5.43
CA GLY I 143 22.36 -11.06 5.13
C GLY I 143 21.38 -10.02 5.67
N ASP I 144 21.89 -8.93 6.26
CA ASP I 144 21.06 -7.84 6.75
C ASP I 144 20.66 -6.93 5.59
N ASP I 145 19.44 -6.40 5.67
CA ASP I 145 18.93 -5.44 4.70
C ASP I 145 19.22 -4.03 5.21
N THR I 146 19.55 -3.11 4.29
CA THR I 146 20.06 -1.81 4.68
C THR I 146 19.15 -0.67 4.25
N THR I 147 18.27 -0.91 3.27
CA THR I 147 17.57 0.18 2.61
C THR I 147 16.72 0.98 3.59
N GLN I 148 16.07 0.31 4.53
CA GLN I 148 15.22 0.99 5.50
C GLN I 148 16.07 1.91 6.40
N TYR I 149 17.16 1.36 6.96
CA TYR I 149 17.89 2.08 7.99
C TYR I 149 18.53 3.33 7.38
N ILE I 150 18.94 3.25 6.11
CA ILE I 150 19.53 4.40 5.45
C ILE I 150 18.44 5.44 5.21
N GLN I 151 17.30 5.00 4.69
CA GLN I 151 16.20 5.92 4.43
C GLN I 151 15.83 6.60 5.75
N ASP I 152 15.75 5.79 6.81
CA ASP I 152 15.35 6.32 8.12
C ASP I 152 16.30 7.44 8.53
N ILE I 153 17.61 7.19 8.45
CA ILE I 153 18.59 8.19 8.83
C ILE I 153 18.34 9.50 8.09
N VAL I 154 18.16 9.43 6.76
CA VAL I 154 18.01 10.63 5.94
C VAL I 154 16.78 11.39 6.40
N ASN I 155 15.66 10.69 6.51
CA ASN I 155 14.40 11.30 6.90
C ASN I 155 14.53 11.96 8.26
N ILE I 156 15.24 11.30 9.18
CA ILE I 156 15.42 11.79 10.54
C ILE I 156 16.22 13.08 10.51
N TYR I 157 17.34 13.07 9.79
CA TYR I 157 18.20 14.23 9.66
C TYR I 157 17.42 15.41 9.06
N LYS I 158 16.72 15.17 7.95
CA LYS I 158 15.93 16.23 7.33
C LYS I 158 14.87 16.73 8.32
N ASN I 159 14.22 15.79 9.02
CA ASN I 159 13.06 16.13 9.82
C ASN I 159 13.47 17.01 11.01
N TYR I 160 14.65 16.80 11.57
CA TYR I 160 15.08 17.55 12.75
C TYR I 160 16.14 18.59 12.41
N ASN I 161 16.29 18.88 11.10
CA ASN I 161 17.14 19.93 10.56
C ASN I 161 18.55 19.87 11.15
N TYR I 162 19.19 18.69 11.07
CA TYR I 162 20.60 18.55 11.43
C TYR I 162 21.44 18.93 10.21
N ASN I 163 22.62 19.52 10.46
CA ASN I 163 23.53 19.95 9.40
C ASN I 163 24.41 18.79 8.93
N THR I 164 24.59 17.79 9.82
CA THR I 164 25.49 16.69 9.57
C THR I 164 25.13 16.07 8.23
N GLU I 165 26.17 15.79 7.43
CA GLU I 165 26.01 15.23 6.10
C GLU I 165 26.28 13.73 6.18
N ILE I 166 25.41 12.95 5.52
CA ILE I 166 25.43 11.50 5.50
C ILE I 166 26.33 11.06 4.36
N ILE I 167 27.31 10.19 4.65
CA ILE I 167 28.13 9.56 3.63
C ILE I 167 27.79 8.08 3.59
N VAL I 168 27.00 7.65 2.61
CA VAL I 168 26.70 6.24 2.53
C VAL I 168 27.98 5.53 2.10
N ALA I 169 28.33 4.44 2.80
CA ALA I 169 29.66 3.88 2.70
C ALA I 169 29.61 2.35 2.54
N ALA I 170 30.75 1.78 2.11
CA ALA I 170 30.90 0.36 1.81
C ALA I 170 29.98 -0.02 0.66
N LEU I 171 30.07 0.78 -0.42
CA LEU I 171 29.25 0.57 -1.60
C LEU I 171 30.06 -0.22 -2.62
N ARG I 172 29.35 -0.91 -3.52
CA ARG I 172 29.97 -1.90 -4.37
C ARG I 172 29.41 -1.85 -5.79
N ASN I 173 28.36 -1.06 -6.06
CA ASN I 173 27.77 -1.01 -7.39
C ASN I 173 26.92 0.23 -7.59
N GLY I 174 26.49 0.45 -8.85
CA GLY I 174 25.67 1.58 -9.22
C GLY I 174 24.28 1.59 -8.60
N LYS I 175 23.58 0.43 -8.60
CA LYS I 175 22.25 0.33 -8.03
C LYS I 175 22.26 0.95 -6.63
N GLN I 176 23.31 0.67 -5.84
CA GLN I 176 23.38 1.10 -4.45
C GLN I 176 23.52 2.63 -4.33
N ILE I 177 24.31 3.20 -5.24
CA ILE I 177 24.39 4.65 -5.37
C ILE I 177 23.01 5.23 -5.61
N VAL I 178 22.27 4.62 -6.54
CA VAL I 178 20.94 5.09 -6.88
C VAL I 178 20.03 4.99 -5.65
N ASP I 179 20.08 3.86 -4.92
CA ASP I 179 19.30 3.71 -3.70
C ASP I 179 19.48 4.93 -2.79
N ALA I 180 20.74 5.38 -2.66
CA ALA I 180 21.09 6.48 -1.78
C ALA I 180 20.57 7.79 -2.35
N ALA I 181 20.68 7.95 -3.66
CA ALA I 181 20.18 9.14 -4.32
C ALA I 181 18.66 9.24 -4.11
N LYS I 182 17.99 8.09 -4.24
CA LYS I 182 16.55 8.05 -4.06
C LYS I 182 16.20 8.42 -2.62
N ALA I 183 17.03 7.96 -1.69
CA ALA I 183 16.82 8.20 -0.27
C ALA I 183 17.05 9.67 0.06
N GLY I 184 17.97 10.29 -0.69
CA GLY I 184 18.29 11.69 -0.51
C GLY I 184 19.54 11.90 0.35
N ALA I 185 20.35 10.84 0.51
CA ALA I 185 21.62 10.96 1.19
C ALA I 185 22.43 12.09 0.58
N HIS I 186 23.15 12.82 1.44
CA HIS I 186 23.92 13.97 1.02
C HIS I 186 25.08 13.53 0.13
N ILE I 187 25.77 12.47 0.55
CA ILE I 187 27.05 12.08 -0.02
C ILE I 187 27.08 10.57 -0.17
N VAL I 188 27.88 10.11 -1.14
CA VAL I 188 28.12 8.69 -1.33
C VAL I 188 29.62 8.53 -1.50
N THR I 189 30.19 7.40 -1.06
CA THR I 189 31.62 7.18 -1.21
C THR I 189 31.88 5.78 -1.73
N CYS I 190 32.63 5.70 -2.84
CA CYS I 190 32.79 4.48 -3.59
C CYS I 190 34.22 4.34 -4.10
N GLY I 191 34.63 3.09 -4.33
CA GLY I 191 35.90 2.82 -4.99
C GLY I 191 35.92 3.33 -6.43
N PHE I 192 37.14 3.49 -6.97
CA PHE I 192 37.32 4.02 -8.31
C PHE I 192 36.45 3.25 -9.31
N ASP I 193 36.57 1.91 -9.26
CA ASP I 193 35.99 1.03 -10.26
C ASP I 193 34.47 1.08 -10.23
N VAL I 194 33.92 1.22 -9.01
CA VAL I 194 32.47 1.31 -8.84
C VAL I 194 31.92 2.47 -9.66
N TYR I 195 32.46 3.67 -9.43
CA TYR I 195 32.04 4.85 -10.16
C TYR I 195 32.23 4.64 -11.65
N LYS I 196 33.41 4.15 -12.06
CA LYS I 196 33.74 4.00 -13.47
C LYS I 196 32.64 3.20 -14.17
N GLU I 197 32.24 2.09 -13.55
CA GLU I 197 31.30 1.15 -14.12
C GLU I 197 29.86 1.66 -14.05
N SER I 198 29.62 2.54 -13.05
CA SER I 198 28.30 3.11 -12.85
C SER I 198 27.95 4.03 -14.00
N PHE I 199 28.96 4.40 -14.81
CA PHE I 199 28.76 5.28 -15.95
C PHE I 199 28.55 4.48 -17.23
N GLN I 200 28.85 3.17 -17.22
CA GLN I 200 28.83 2.38 -18.45
C GLN I 200 27.67 1.38 -18.41
N HIS I 201 27.08 1.13 -19.57
CA HIS I 201 25.92 0.27 -19.68
C HIS I 201 25.89 -0.41 -21.04
N ALA I 202 25.58 -1.72 -21.06
CA ALA I 202 25.59 -2.53 -22.27
C ALA I 202 24.70 -1.96 -23.36
N PHE I 203 23.62 -1.28 -22.99
CA PHE I 203 22.72 -0.70 -23.97
C PHE I 203 23.41 0.47 -24.69
N THR I 204 24.35 1.15 -24.03
CA THR I 204 25.09 2.21 -24.71
C THR I 204 25.93 1.59 -25.82
N ASP I 205 26.67 0.53 -25.49
CA ASP I 205 27.47 -0.17 -26.50
C ASP I 205 26.55 -0.55 -27.67
N TYR I 206 25.42 -1.17 -27.34
CA TYR I 206 24.47 -1.65 -28.34
C TYR I 206 24.00 -0.49 -29.20
N GLY I 207 23.71 0.63 -28.54
CA GLY I 207 23.28 1.84 -29.22
C GLY I 207 24.32 2.38 -30.18
N LEU I 208 25.60 2.44 -29.73
CA LEU I 208 26.67 2.95 -30.56
C LEU I 208 26.73 2.15 -31.85
N ASN I 209 26.67 0.82 -31.74
CA ASN I 209 26.80 -0.04 -32.89
C ASN I 209 25.65 0.23 -33.88
N LYS I 210 24.42 0.36 -33.38
CA LYS I 210 23.29 0.71 -34.24
C LYS I 210 23.64 1.97 -35.03
N PHE I 211 24.16 2.96 -34.31
CA PHE I 211 24.37 4.31 -34.82
C PHE I 211 25.57 4.36 -35.75
N ARG I 212 26.60 3.55 -35.48
CA ARG I 212 27.77 3.48 -36.35
C ARG I 212 27.33 2.98 -37.72
N ASN I 213 26.48 1.95 -37.75
CA ASN I 213 25.95 1.42 -39.00
C ASN I 213 25.20 2.52 -39.76
N ALA I 214 24.40 3.30 -39.04
CA ALA I 214 23.55 4.32 -39.65
C ALA I 214 24.40 5.44 -40.25
N TRP I 215 25.46 5.81 -39.53
CA TRP I 215 26.41 6.85 -39.94
C TRP I 215 27.15 6.42 -41.21
N ASP I 216 27.51 5.14 -41.25
CA ASP I 216 28.21 4.55 -42.38
C ASP I 216 27.31 4.51 -43.61
N ASN I 217 26.02 4.82 -43.48
CA ASN I 217 25.15 4.98 -44.65
C ASN I 217 24.76 6.43 -44.91
N THR I 218 25.75 7.34 -45.02
CA THR I 218 25.59 8.73 -45.47
C THR I 218 24.53 8.86 -46.58
N MET J 1 2.28 -20.79 18.59
CA MET J 1 1.75 -22.14 19.01
C MET J 1 2.53 -22.65 20.21
N LYS J 2 3.87 -22.56 20.22
CA LYS J 2 4.65 -23.15 21.29
C LYS J 2 5.37 -22.08 22.10
N TYR J 3 5.23 -22.15 23.43
CA TYR J 3 5.92 -21.26 24.36
C TYR J 3 7.03 -22.04 25.07
N PHE J 4 8.28 -21.61 24.91
CA PHE J 4 9.40 -22.15 25.67
C PHE J 4 9.86 -21.15 26.71
N LEU J 5 10.36 -21.65 27.85
CA LEU J 5 10.86 -20.77 28.90
C LEU J 5 12.38 -20.59 28.76
N ASP J 6 12.81 -19.32 28.62
CA ASP J 6 14.23 -19.00 28.57
C ASP J 6 14.70 -18.71 29.99
N SER J 7 14.94 -19.78 30.75
CA SER J 7 15.40 -19.68 32.14
C SER J 7 16.15 -20.95 32.54
N ALA J 8 16.95 -20.86 33.61
CA ALA J 8 17.61 -22.03 34.18
C ALA J 8 17.22 -22.21 35.64
N ILE J 9 16.20 -21.45 36.09
CA ILE J 9 15.72 -21.53 37.46
C ILE J 9 14.60 -22.58 37.53
N LEU J 10 14.89 -23.70 38.17
CA LEU J 10 14.05 -24.89 38.17
C LEU J 10 12.63 -24.58 38.67
N GLU J 11 12.53 -23.70 39.69
CA GLU J 11 11.25 -23.37 40.28
C GLU J 11 10.37 -22.64 39.26
N GLU J 12 10.98 -21.77 38.44
CA GLU J 12 10.32 -21.07 37.36
C GLU J 12 9.81 -22.09 36.33
N ILE J 13 10.67 -23.08 36.02
CA ILE J 13 10.35 -24.10 35.03
C ILE J 13 9.20 -24.98 35.54
N ARG J 14 9.22 -25.32 36.83
CA ARG J 14 8.18 -26.15 37.41
C ARG J 14 6.83 -25.46 37.30
N TYR J 15 6.74 -24.22 37.78
CA TYR J 15 5.49 -23.46 37.76
C TYR J 15 4.96 -23.35 36.34
N ALA J 16 5.85 -22.99 35.41
CA ALA J 16 5.48 -22.79 34.02
C ALA J 16 4.82 -24.03 33.43
N TYR J 17 5.46 -25.19 33.65
CA TYR J 17 4.98 -26.46 33.12
C TYR J 17 3.60 -26.76 33.68
N GLU J 18 3.44 -26.59 34.99
CA GLU J 18 2.24 -27.02 35.69
C GLU J 18 1.07 -26.10 35.36
N ASN J 19 1.31 -24.80 35.17
CA ASN J 19 0.24 -23.83 35.09
C ASN J 19 0.10 -23.19 33.70
N TRP J 20 1.21 -23.09 32.96
CA TRP J 20 1.21 -22.37 31.68
C TRP J 20 1.30 -23.34 30.52
N ALA J 21 1.55 -24.62 30.80
CA ALA J 21 1.68 -25.62 29.75
C ALA J 21 2.80 -25.23 28.78
N ILE J 22 3.91 -24.70 29.32
CA ILE J 22 5.11 -24.47 28.54
C ILE J 22 5.41 -25.76 27.78
N ASP J 23 5.94 -25.61 26.55
CA ASP J 23 6.13 -26.74 25.65
C ASP J 23 7.60 -27.16 25.62
N GLY J 24 8.43 -26.57 26.50
CA GLY J 24 9.87 -26.80 26.49
C GLY J 24 10.65 -25.67 27.14
N VAL J 25 11.99 -25.79 27.11
CA VAL J 25 12.90 -24.93 27.84
C VAL J 25 14.16 -24.62 27.02
N THR J 26 14.62 -23.37 27.11
CA THR J 26 15.89 -22.93 26.55
C THR J 26 16.80 -22.40 27.67
N THR J 27 18.10 -22.69 27.54
CA THR J 27 19.14 -22.19 28.42
C THR J 27 20.32 -21.74 27.58
N ASN J 28 21.26 -21.04 28.24
CA ASN J 28 22.51 -20.63 27.65
C ASN J 28 23.48 -20.31 28.79
N PRO J 29 24.80 -20.16 28.51
CA PRO J 29 25.78 -19.98 29.58
C PRO J 29 25.44 -18.87 30.57
N ARG J 30 24.77 -17.80 30.10
CA ARG J 30 24.39 -16.68 30.97
C ARG J 30 23.32 -17.14 31.95
N HIS J 31 22.29 -17.86 31.46
CA HIS J 31 21.24 -18.31 32.34
C HIS J 31 21.76 -19.37 33.32
N ILE J 32 22.68 -20.23 32.84
CA ILE J 32 23.29 -21.24 33.69
C ILE J 32 24.01 -20.54 34.83
N MET J 33 24.82 -19.53 34.50
CA MET J 33 25.57 -18.78 35.48
C MET J 33 24.62 -18.25 36.54
N ASN J 34 23.56 -17.56 36.10
CA ASN J 34 22.69 -16.84 37.02
C ASN J 34 21.77 -17.79 37.78
N SER J 35 21.90 -19.11 37.54
CA SER J 35 21.18 -20.09 38.33
C SER J 35 21.80 -20.18 39.72
N GLY J 36 23.11 -19.89 39.81
CA GLY J 36 23.85 -20.07 41.05
C GLY J 36 24.46 -21.47 41.19
N LYS J 37 23.86 -22.46 40.52
CA LYS J 37 24.29 -23.84 40.61
C LYS J 37 25.35 -24.09 39.54
N PRO J 38 26.15 -25.17 39.65
CA PRO J 38 27.05 -25.58 38.58
C PRO J 38 26.33 -26.31 37.45
N PHE J 39 26.94 -26.29 36.26
CA PHE J 39 26.30 -26.69 35.02
C PHE J 39 25.75 -28.11 35.15
N LEU J 40 26.62 -29.07 35.49
CA LEU J 40 26.27 -30.48 35.45
C LEU J 40 25.24 -30.79 36.54
N THR J 41 25.14 -29.93 37.57
CA THR J 41 24.12 -30.08 38.61
C THR J 41 22.77 -29.64 38.07
N VAL J 42 22.73 -28.48 37.42
CA VAL J 42 21.53 -27.99 36.76
C VAL J 42 21.01 -29.08 35.82
N LEU J 43 21.90 -29.60 34.97
CA LEU J 43 21.56 -30.62 33.99
C LEU J 43 20.98 -31.85 34.69
N ASP J 44 21.62 -32.26 35.79
CA ASP J 44 21.20 -33.45 36.50
C ASP J 44 19.79 -33.25 37.04
N GLU J 45 19.56 -32.11 37.72
CA GLU J 45 18.25 -31.80 38.26
C GLU J 45 17.20 -31.85 37.15
N PHE J 46 17.53 -31.36 35.95
CA PHE J 46 16.61 -31.36 34.81
C PHE J 46 16.31 -32.79 34.39
N ALA J 47 17.38 -33.56 34.16
CA ALA J 47 17.27 -34.95 33.75
C ALA J 47 16.22 -35.67 34.59
N SER J 48 16.39 -35.58 35.93
CA SER J 48 15.49 -36.23 36.88
C SER J 48 14.09 -35.63 36.81
N GLU J 49 14.02 -34.29 36.78
CA GLU J 49 12.74 -33.60 36.82
C GLU J 49 11.85 -34.07 35.67
N PHE J 50 12.43 -34.34 34.49
CA PHE J 50 11.63 -34.63 33.31
C PHE J 50 11.94 -36.02 32.75
N LYS J 51 12.48 -36.94 33.56
CA LYS J 51 12.75 -38.29 33.11
C LYS J 51 11.55 -38.81 32.30
N GLY J 52 10.35 -38.70 32.87
CA GLY J 52 9.13 -39.18 32.24
C GLY J 52 8.82 -38.50 30.90
N VAL J 53 8.78 -37.15 30.91
CA VAL J 53 8.05 -36.36 29.91
C VAL J 53 8.67 -36.53 28.53
N GLU J 54 7.84 -36.73 27.50
CA GLU J 54 8.30 -37.34 26.25
C GLU J 54 8.50 -36.28 25.17
N ASN J 55 7.60 -35.29 25.09
CA ASN J 55 7.71 -34.25 24.09
C ASN J 55 8.01 -32.89 24.74
N PHE J 56 9.23 -32.78 25.34
CA PHE J 56 9.59 -31.60 26.09
C PHE J 56 11.06 -31.26 25.92
N PRO J 57 11.46 -30.52 24.88
CA PRO J 57 12.87 -30.21 24.64
C PRO J 57 13.48 -29.22 25.64
N ILE J 58 14.73 -29.50 26.02
CA ILE J 58 15.50 -28.64 26.92
C ILE J 58 16.81 -28.29 26.23
N SER J 59 16.96 -27.03 25.81
CA SER J 59 18.12 -26.63 25.02
C SER J 59 19.25 -26.20 25.94
N VAL J 60 20.41 -26.83 25.71
CA VAL J 60 21.53 -26.76 26.63
C VAL J 60 22.77 -26.45 25.81
N GLU J 61 23.48 -25.36 26.13
CA GLU J 61 24.52 -24.87 25.21
C GLU J 61 25.89 -25.37 25.64
N ILE J 62 26.60 -25.96 24.66
CA ILE J 62 27.96 -26.43 24.84
C ILE J 62 28.90 -25.25 25.08
N ASN J 63 30.07 -25.58 25.62
CA ASN J 63 31.10 -24.60 25.94
C ASN J 63 31.35 -23.70 24.71
N PRO J 64 31.19 -22.37 24.87
CA PRO J 64 31.39 -21.42 23.77
C PRO J 64 32.82 -21.17 23.32
N HIS J 65 33.80 -21.63 24.10
CA HIS J 65 35.20 -21.51 23.72
C HIS J 65 35.54 -22.39 22.52
N LEU J 66 34.89 -23.58 22.44
CA LEU J 66 35.21 -24.58 21.44
C LEU J 66 35.25 -23.91 20.05
N ASP J 67 36.23 -24.30 19.23
CA ASP J 67 36.48 -23.64 17.94
C ASP J 67 36.70 -24.68 16.83
N ASN J 68 36.18 -25.88 17.01
CA ASN J 68 36.39 -26.97 16.07
C ASN J 68 35.25 -27.96 16.23
N ALA J 69 34.76 -28.48 15.09
CA ALA J 69 33.59 -29.35 15.09
C ALA J 69 33.84 -30.63 15.89
N LYS J 70 35.03 -31.23 15.75
CA LYS J 70 35.34 -32.52 16.35
C LYS J 70 35.05 -32.47 17.86
N ASP J 71 35.59 -31.43 18.51
CA ASP J 71 35.46 -31.28 19.96
C ASP J 71 34.02 -30.97 20.32
N MET J 72 33.40 -30.07 19.56
CA MET J 72 32.01 -29.71 19.75
C MET J 72 31.15 -30.96 19.83
N VAL J 73 31.31 -31.87 18.85
CA VAL J 73 30.49 -33.06 18.76
C VAL J 73 30.74 -33.97 19.96
N GLU J 74 32.00 -34.05 20.39
CA GLU J 74 32.37 -34.88 21.53
C GLU J 74 31.62 -34.40 22.77
N GLU J 75 31.78 -33.11 23.10
CA GLU J 75 31.26 -32.54 24.35
C GLU J 75 29.73 -32.60 24.36
N GLY J 76 29.11 -32.39 23.20
CA GLY J 76 27.67 -32.36 23.08
C GLY J 76 27.05 -33.74 23.25
N THR J 77 27.71 -34.76 22.68
CA THR J 77 27.29 -36.14 22.80
C THR J 77 27.23 -36.54 24.26
N LYS J 78 28.23 -36.09 25.03
CA LYS J 78 28.31 -36.36 26.46
C LYS J 78 27.03 -35.85 27.13
N ILE J 79 26.64 -34.60 26.79
CA ILE J 79 25.48 -33.95 27.34
C ILE J 79 24.20 -34.67 26.91
N ALA J 80 24.16 -35.12 25.66
CA ALA J 80 22.99 -35.80 25.11
C ALA J 80 22.72 -37.09 25.88
N LYS J 81 23.78 -37.82 26.21
CA LYS J 81 23.67 -39.05 26.98
C LYS J 81 22.88 -38.79 28.26
N LEU J 82 23.09 -37.62 28.89
CA LEU J 82 22.55 -37.34 30.21
C LEU J 82 21.02 -37.34 30.23
N SER J 83 20.37 -37.03 29.09
CA SER J 83 18.91 -37.06 28.98
C SER J 83 18.47 -36.91 27.54
N SER J 84 17.40 -37.64 27.18
CA SER J 84 16.86 -37.65 25.83
C SER J 84 15.97 -36.43 25.59
N ASN J 85 15.76 -35.60 26.61
CA ASN J 85 15.04 -34.36 26.46
C ASN J 85 15.97 -33.28 25.94
N PHE J 86 17.28 -33.45 26.19
CA PHE J 86 18.24 -32.39 25.91
C PHE J 86 18.39 -32.18 24.42
N VAL J 87 18.47 -30.91 24.02
CA VAL J 87 18.85 -30.50 22.67
C VAL J 87 20.13 -29.67 22.80
N ILE J 88 21.01 -29.82 21.82
CA ILE J 88 22.34 -29.23 21.89
C ILE J 88 22.33 -27.85 21.23
N LYS J 89 22.38 -26.78 22.05
CA LYS J 89 22.45 -25.42 21.56
C LYS J 89 23.88 -25.16 21.06
N ILE J 90 23.98 -24.57 19.86
CA ILE J 90 25.25 -24.46 19.14
C ILE J 90 25.29 -23.13 18.39
N PRO J 91 26.37 -22.32 18.51
CA PRO J 91 26.46 -21.05 17.80
C PRO J 91 26.51 -21.21 16.29
N CYS J 92 25.99 -20.18 15.60
CA CYS J 92 25.97 -20.17 14.14
C CYS J 92 27.32 -19.70 13.60
N THR J 93 28.31 -20.59 13.73
CA THR J 93 29.66 -20.36 13.22
C THR J 93 29.98 -21.45 12.22
N GLU J 94 31.11 -21.30 11.51
CA GLU J 94 31.54 -22.27 10.51
C GLU J 94 31.67 -23.65 11.15
N PRO J 95 32.45 -23.83 12.25
CA PRO J 95 32.48 -25.09 12.98
C PRO J 95 31.13 -25.48 13.59
N GLY J 96 30.44 -24.49 14.18
CA GLY J 96 29.12 -24.72 14.77
C GLY J 96 28.20 -25.49 13.82
N LEU J 97 28.09 -24.98 12.59
CA LEU J 97 27.22 -25.57 11.60
C LEU J 97 27.70 -26.98 11.25
N ILE J 98 29.00 -27.13 10.97
CA ILE J 98 29.54 -28.42 10.60
C ILE J 98 29.19 -29.45 11.67
N ALA J 99 29.33 -29.04 12.94
CA ALA J 99 29.02 -29.91 14.07
C ALA J 99 27.55 -30.29 14.09
N ALA J 100 26.68 -29.31 13.91
CA ALA J 100 25.25 -29.56 13.90
C ALA J 100 24.92 -30.57 12.79
N LYS J 101 25.49 -30.36 11.60
CA LYS J 101 25.28 -31.23 10.46
C LYS J 101 25.51 -32.69 10.88
N GLU J 102 26.62 -32.91 11.60
CA GLU J 102 27.03 -34.23 12.07
C GLU J 102 26.08 -34.71 13.17
N PHE J 103 25.85 -33.88 14.18
CA PHE J 103 24.95 -34.22 15.27
C PHE J 103 23.64 -34.75 14.72
N GLU J 104 23.07 -34.08 13.71
CA GLU J 104 21.74 -34.44 13.21
C GLU J 104 21.81 -35.73 12.41
N LYS J 105 22.88 -35.90 11.62
CA LYS J 105 23.14 -37.15 10.92
C LYS J 105 23.14 -38.30 11.92
N GLN J 106 23.72 -38.08 13.10
CA GLN J 106 23.80 -39.08 14.16
C GLN J 106 22.54 -39.12 15.00
N GLY J 107 21.49 -38.40 14.56
CA GLY J 107 20.19 -38.42 15.24
C GLY J 107 20.18 -37.68 16.58
N ILE J 108 21.11 -36.75 16.79
CA ILE J 108 21.12 -35.92 17.98
C ILE J 108 20.58 -34.55 17.61
N SER J 109 19.47 -34.13 18.26
CA SER J 109 18.81 -32.87 17.92
C SER J 109 19.65 -31.69 18.38
N THR J 110 19.68 -30.66 17.52
CA THR J 110 20.45 -29.44 17.76
C THR J 110 19.56 -28.21 17.70
N ASN J 111 20.07 -27.13 18.30
CA ASN J 111 19.42 -25.83 18.28
C ASN J 111 20.49 -24.80 17.90
N VAL J 112 20.47 -24.33 16.65
CA VAL J 112 21.48 -23.36 16.24
C VAL J 112 21.04 -21.98 16.73
N THR J 113 21.90 -21.35 17.54
CA THR J 113 21.59 -20.10 18.19
C THR J 113 22.53 -19.01 17.68
N LEU J 114 22.33 -17.77 18.16
CA LEU J 114 23.09 -16.62 17.73
C LEU J 114 22.97 -16.46 16.21
N VAL J 115 21.73 -16.55 15.74
CA VAL J 115 21.33 -16.26 14.38
C VAL J 115 20.72 -14.85 14.35
N PHE J 116 21.18 -14.03 13.39
CA PHE J 116 20.82 -12.62 13.37
C PHE J 116 20.34 -12.13 11.99
N SER J 117 20.33 -13.02 10.99
CA SER J 117 19.89 -12.68 9.66
C SER J 117 19.25 -13.91 9.03
N PRO J 118 18.47 -13.76 7.94
CA PRO J 118 17.89 -14.90 7.24
C PRO J 118 18.91 -15.81 6.54
N SER J 119 20.04 -15.25 6.10
CA SER J 119 21.07 -16.04 5.45
C SER J 119 21.73 -16.98 6.45
N GLN J 120 21.87 -16.49 7.69
CA GLN J 120 22.35 -17.29 8.80
C GLN J 120 21.34 -18.38 9.16
N ALA J 121 20.04 -18.07 9.02
CA ALA J 121 18.99 -19.02 9.37
C ALA J 121 18.88 -20.13 8.32
N LEU J 122 19.30 -19.84 7.09
CA LEU J 122 19.07 -20.76 6.00
C LEU J 122 19.90 -22.03 6.20
N GLN J 123 21.17 -21.87 6.56
CA GLN J 123 22.08 -23.00 6.56
C GLN J 123 21.65 -24.05 7.59
N PRO J 124 21.29 -23.67 8.84
CA PRO J 124 20.76 -24.63 9.81
C PRO J 124 19.63 -25.49 9.23
N ALA J 125 18.69 -24.83 8.54
CA ALA J 125 17.60 -25.53 7.87
C ALA J 125 18.13 -26.47 6.79
N ARG J 126 19.17 -26.04 6.08
CA ARG J 126 19.73 -26.82 4.98
C ARG J 126 20.46 -28.06 5.49
N ILE J 127 20.88 -28.03 6.77
CA ILE J 127 21.56 -29.16 7.39
C ILE J 127 20.60 -29.96 8.28
N GLY J 128 19.33 -29.60 8.27
CA GLY J 128 18.30 -30.34 8.99
C GLY J 128 18.44 -30.22 10.50
N ALA J 129 18.68 -28.99 10.99
CA ALA J 129 18.64 -28.71 12.41
C ALA J 129 17.20 -28.83 12.90
N LYS J 130 17.03 -29.26 14.16
CA LYS J 130 15.70 -29.40 14.71
C LYS J 130 15.16 -28.03 15.11
N PHE J 131 16.07 -27.15 15.55
CA PHE J 131 15.71 -25.80 15.95
C PHE J 131 16.73 -24.78 15.48
N VAL J 132 16.22 -23.62 15.06
CA VAL J 132 17.01 -22.41 14.86
C VAL J 132 16.44 -21.31 15.75
N SER J 133 17.33 -20.51 16.35
CA SER J 133 16.94 -19.47 17.29
C SER J 133 17.41 -18.10 16.81
N PRO J 134 16.61 -17.36 16.00
CA PRO J 134 16.93 -15.97 15.64
C PRO J 134 16.63 -14.98 16.76
N PHE J 135 17.49 -13.97 16.90
CA PHE J 135 17.48 -13.05 18.03
C PHE J 135 16.84 -11.71 17.65
N VAL J 136 16.07 -11.16 18.60
CA VAL J 136 15.44 -9.85 18.44
C VAL J 136 16.16 -8.81 19.29
N GLY J 137 16.16 -9.03 20.62
CA GLY J 137 16.49 -8.03 21.63
C GLY J 137 17.81 -7.30 21.42
N TRP J 138 18.89 -8.06 21.20
CA TRP J 138 20.23 -7.48 21.13
C TRP J 138 20.35 -6.54 19.93
N LYS J 139 19.73 -6.93 18.82
CA LYS J 139 19.69 -6.07 17.65
C LYS J 139 18.97 -4.76 17.99
N GLU J 140 17.79 -4.85 18.61
CA GLU J 140 17.00 -3.67 18.90
C GLU J 140 17.75 -2.75 19.86
N ASN J 141 18.53 -3.31 20.80
CA ASN J 141 19.30 -2.50 21.73
C ASN J 141 20.24 -1.54 21.01
N SER J 142 20.72 -1.94 19.82
CA SER J 142 21.67 -1.16 19.05
C SER J 142 20.97 -0.33 17.95
N GLY J 143 19.62 -0.44 17.88
CA GLY J 143 18.84 0.40 16.98
C GLY J 143 18.45 -0.29 15.66
N ASP J 144 18.78 -1.57 15.51
CA ASP J 144 18.37 -2.34 14.34
C ASP J 144 16.91 -2.78 14.47
N ASP J 145 16.19 -2.82 13.35
CA ASP J 145 14.82 -3.31 13.28
C ASP J 145 14.85 -4.80 12.91
N THR J 146 13.92 -5.56 13.49
CA THR J 146 13.99 -7.01 13.41
C THR J 146 12.81 -7.62 12.67
N THR J 147 11.71 -6.86 12.54
CA THR J 147 10.43 -7.43 12.16
C THR J 147 10.50 -8.08 10.78
N GLN J 148 11.20 -7.43 9.84
CA GLN J 148 11.29 -7.95 8.49
C GLN J 148 12.08 -9.26 8.48
N TYR J 149 13.25 -9.28 9.13
CA TYR J 149 14.14 -10.43 9.01
C TYR J 149 13.48 -11.67 9.62
N ILE J 150 12.69 -11.48 10.68
CA ILE J 150 12.00 -12.61 11.29
C ILE J 150 10.91 -13.09 10.34
N GLN J 151 10.13 -12.16 9.80
CA GLN J 151 9.07 -12.52 8.88
C GLN J 151 9.71 -13.26 7.69
N ASP J 152 10.83 -12.74 7.19
CA ASP J 152 11.50 -13.32 6.04
C ASP J 152 11.84 -14.78 6.34
N ILE J 153 12.48 -15.03 7.47
CA ILE J 153 12.84 -16.39 7.85
C ILE J 153 11.63 -17.31 7.79
N VAL J 154 10.51 -16.90 8.39
CA VAL J 154 9.33 -17.75 8.46
C VAL J 154 8.84 -18.07 7.06
N ASN J 155 8.69 -17.02 6.25
CA ASN J 155 8.20 -17.17 4.88
C ASN J 155 9.10 -18.12 4.10
N ILE J 156 10.41 -17.98 4.30
CA ILE J 156 11.40 -18.77 3.58
C ILE J 156 11.24 -20.24 3.96
N TYR J 157 11.19 -20.50 5.27
CA TYR J 157 11.04 -21.85 5.78
C TYR J 157 9.75 -22.49 5.25
N LYS J 158 8.62 -21.78 5.36
CA LYS J 158 7.35 -22.29 4.85
C LYS J 158 7.47 -22.54 3.35
N ASN J 159 8.09 -21.60 2.63
CA ASN J 159 8.05 -21.64 1.18
C ASN J 159 8.83 -22.84 0.66
N TYR J 160 9.93 -23.22 1.31
CA TYR J 160 10.79 -24.30 0.83
C TYR J 160 10.60 -25.57 1.66
N ASN J 161 9.52 -25.62 2.46
CA ASN J 161 9.11 -26.78 3.25
C ASN J 161 10.26 -27.38 4.04
N TYR J 162 10.95 -26.56 4.84
CA TYR J 162 11.92 -27.03 5.80
C TYR J 162 11.19 -27.45 7.08
N ASN J 163 11.72 -28.45 7.76
CA ASN J 163 11.13 -28.98 8.99
C ASN J 163 11.59 -28.14 10.20
N THR J 164 12.74 -27.48 10.05
CA THR J 164 13.37 -26.80 11.18
C THR J 164 12.35 -25.83 11.78
N GLU J 165 12.28 -25.82 13.12
CA GLU J 165 11.36 -24.97 13.84
C GLU J 165 12.10 -23.75 14.35
N ILE J 166 11.46 -22.58 14.20
CA ILE J 166 12.01 -21.28 14.52
C ILE J 166 11.67 -20.97 15.97
N ILE J 167 12.69 -20.61 16.76
CA ILE J 167 12.48 -20.15 18.13
C ILE J 167 12.87 -18.67 18.16
N VAL J 168 11.89 -17.77 18.17
CA VAL J 168 12.23 -16.37 18.25
C VAL J 168 12.75 -16.12 19.66
N ALA J 169 13.89 -15.44 19.79
CA ALA J 169 14.64 -15.40 21.04
C ALA J 169 15.05 -13.97 21.39
N ALA J 170 15.42 -13.80 22.67
CA ALA J 170 15.78 -12.50 23.26
C ALA J 170 14.57 -11.57 23.21
N LEU J 171 13.42 -12.10 23.68
CA LEU J 171 12.19 -11.34 23.71
C LEU J 171 12.02 -10.77 25.10
N ARG J 172 11.25 -9.68 25.19
CA ARG J 172 11.25 -8.87 26.41
C ARG J 172 9.83 -8.40 26.77
N ASN J 173 8.82 -8.66 25.93
CA ASN J 173 7.46 -8.22 26.22
C ASN J 173 6.43 -8.98 25.39
N GLY J 174 5.15 -8.77 25.72
CA GLY J 174 4.03 -9.39 25.04
C GLY J 174 3.88 -8.97 23.57
N LYS J 175 3.99 -7.67 23.27
CA LYS J 175 3.85 -7.18 21.91
C LYS J 175 4.73 -8.02 21.00
N GLN J 176 5.96 -8.33 21.45
CA GLN J 176 6.94 -9.02 20.62
C GLN J 176 6.54 -10.48 20.35
N ILE J 177 5.97 -11.12 21.37
CA ILE J 177 5.36 -12.43 21.21
C ILE J 177 4.32 -12.38 20.10
N VAL J 178 3.45 -11.36 20.16
CA VAL J 178 2.39 -11.23 19.17
C VAL J 178 3.00 -11.03 17.79
N ASP J 179 4.02 -10.17 17.66
CA ASP J 179 4.71 -9.98 16.39
C ASP J 179 5.08 -11.33 15.77
N ALA J 180 5.60 -12.23 16.60
CA ALA J 180 6.07 -13.54 16.15
C ALA J 180 4.89 -14.42 15.77
N ALA J 181 3.81 -14.34 16.56
CA ALA J 181 2.61 -15.09 16.26
C ALA J 181 2.05 -14.64 14.91
N LYS J 182 2.07 -13.32 14.67
CA LYS J 182 1.57 -12.77 13.43
C LYS J 182 2.44 -13.26 12.28
N ALA J 183 3.75 -13.35 12.52
CA ALA J 183 4.71 -13.78 11.51
C ALA J 183 4.52 -15.27 11.21
N GLY J 184 4.10 -16.02 12.22
CA GLY J 184 3.87 -17.45 12.07
C GLY J 184 5.06 -18.28 12.56
N ALA J 185 5.94 -17.67 13.35
CA ALA J 185 7.04 -18.41 13.96
C ALA J 185 6.47 -19.61 14.70
N HIS J 186 7.21 -20.72 14.67
CA HIS J 186 6.78 -21.97 15.27
C HIS J 186 6.76 -21.82 16.79
N ILE J 187 7.82 -21.22 17.32
CA ILE J 187 8.07 -21.21 18.76
C ILE J 187 8.56 -19.83 19.18
N VAL J 188 8.36 -19.52 20.45
CA VAL J 188 8.86 -18.30 21.05
C VAL J 188 9.47 -18.69 22.38
N THR J 189 10.52 -17.98 22.83
CA THR J 189 11.14 -18.27 24.11
C THR J 189 11.35 -16.98 24.89
N CYS J 190 10.84 -16.98 26.13
CA CYS J 190 10.75 -15.76 26.93
C CYS J 190 11.03 -16.08 28.39
N GLY J 191 11.51 -15.06 29.12
CA GLY J 191 11.66 -15.13 30.55
C GLY J 191 10.34 -15.35 31.27
N PHE J 192 10.41 -15.84 32.51
CA PHE J 192 9.23 -16.12 33.31
C PHE J 192 8.31 -14.90 33.34
N ASP J 193 8.90 -13.75 33.69
CA ASP J 193 8.15 -12.55 33.99
C ASP J 193 7.47 -12.01 32.74
N VAL J 194 8.14 -12.16 31.59
CA VAL J 194 7.58 -11.74 30.31
C VAL J 194 6.23 -12.42 30.09
N TYR J 195 6.21 -13.76 30.14
CA TYR J 195 5.00 -14.52 29.96
C TYR J 195 3.95 -14.09 30.99
N LYS J 196 4.35 -14.03 32.27
CA LYS J 196 3.42 -13.72 33.34
C LYS J 196 2.65 -12.44 33.01
N GLU J 197 3.39 -11.41 32.59
CA GLU J 197 2.84 -10.08 32.37
C GLU J 197 2.12 -10.01 31.03
N SER J 198 2.45 -10.91 30.10
CA SER J 198 1.81 -10.97 28.79
C SER J 198 0.36 -11.43 28.96
N PHE J 199 0.03 -11.97 30.15
CA PHE J 199 -1.33 -12.41 30.44
C PHE J 199 -2.11 -11.33 31.18
N GLN J 200 -1.44 -10.27 31.66
CA GLN J 200 -2.09 -9.28 32.52
C GLN J 200 -2.21 -7.96 31.77
N HIS J 201 -3.30 -7.24 32.00
CA HIS J 201 -3.62 -6.02 31.28
C HIS J 201 -4.48 -5.12 32.18
N ALA J 202 -4.16 -3.82 32.22
CA ALA J 202 -4.80 -2.87 33.12
C ALA J 202 -6.31 -2.82 32.92
N PHE J 203 -6.78 -3.07 31.69
CA PHE J 203 -8.20 -3.03 31.42
C PHE J 203 -8.89 -4.23 32.10
N THR J 204 -8.17 -5.34 32.29
CA THR J 204 -8.74 -6.48 33.00
C THR J 204 -9.00 -6.07 34.45
N ASP J 205 -8.00 -5.47 35.09
CA ASP J 205 -8.16 -5.01 36.46
C ASP J 205 -9.38 -4.10 36.52
N TYR J 206 -9.44 -3.14 35.59
CA TYR J 206 -10.51 -2.15 35.55
C TYR J 206 -11.84 -2.87 35.43
N GLY J 207 -11.89 -3.87 34.54
CA GLY J 207 -13.08 -4.67 34.32
C GLY J 207 -13.54 -5.40 35.58
N LEU J 208 -12.59 -6.04 36.28
CA LEU J 208 -12.91 -6.78 37.48
C LEU J 208 -13.60 -5.87 38.48
N ASN J 209 -13.03 -4.68 38.68
CA ASN J 209 -13.54 -3.75 39.67
C ASN J 209 -14.95 -3.31 39.29
N LYS J 210 -15.22 -3.02 38.01
CA LYS J 210 -16.56 -2.71 37.55
C LYS J 210 -17.51 -3.82 38.00
N PHE J 211 -17.08 -5.06 37.77
CA PHE J 211 -17.91 -6.24 37.95
C PHE J 211 -18.08 -6.57 39.43
N ARG J 212 -17.06 -6.32 40.24
CA ARG J 212 -17.15 -6.52 41.67
C ARG J 212 -18.24 -5.62 42.26
N ASN J 213 -18.27 -4.36 41.81
CA ASN J 213 -19.29 -3.42 42.26
C ASN J 213 -20.68 -3.94 41.87
N ALA J 214 -20.80 -4.48 40.65
CA ALA J 214 -22.08 -4.93 40.14
C ALA J 214 -22.60 -6.14 40.92
N TRP J 215 -21.67 -7.04 41.26
CA TRP J 215 -21.95 -8.26 42.01
C TRP J 215 -22.43 -7.91 43.41
N ASP J 216 -21.78 -6.89 44.00
CA ASP J 216 -22.08 -6.42 45.34
C ASP J 216 -23.46 -5.75 45.38
N ASN J 217 -24.07 -5.51 44.21
CA ASN J 217 -25.43 -4.99 44.16
C ASN J 217 -26.37 -6.03 43.54
N THR J 218 -26.04 -7.31 43.70
CA THR J 218 -26.89 -8.36 43.12
C THR J 218 -27.11 -9.49 44.11
N VAL J 219 -27.77 -10.56 43.63
CA VAL J 219 -27.94 -11.84 44.32
C VAL J 219 -28.88 -11.63 45.51
#